data_1VEG
#
_entry.id   1VEG
#
_entity_poly.entity_id   1
_entity_poly.type   'polypeptide(L)'
_entity_poly.pdbx_seq_one_letter_code
;GSSGSSGNPHMWWLQDADPENNSRQASPSQESINQLVYMGFDTVVAEAALRVFGGNVQLAAQTLAHHGGSLPPDLQFSGP
SSG
;
_entity_poly.pdbx_strand_id   A
#
# COMPACT_ATOMS: atom_id res chain seq x y z
N GLY A 1 -3.15 -5.82 -17.02
CA GLY A 1 -3.50 -6.61 -15.86
C GLY A 1 -4.29 -7.86 -16.25
N SER A 2 -5.20 -8.25 -15.38
CA SER A 2 -6.02 -9.41 -15.62
C SER A 2 -7.39 -9.24 -14.96
N SER A 3 -8.41 -9.75 -15.63
CA SER A 3 -9.77 -9.66 -15.12
C SER A 3 -9.78 -9.91 -13.61
N GLY A 4 -10.56 -9.10 -12.92
CA GLY A 4 -10.67 -9.21 -11.47
C GLY A 4 -12.12 -9.05 -11.02
N SER A 5 -12.72 -10.17 -10.63
CA SER A 5 -14.10 -10.16 -10.17
C SER A 5 -14.45 -11.52 -9.55
N SER A 6 -14.18 -11.64 -8.26
CA SER A 6 -14.46 -12.88 -7.55
C SER A 6 -13.58 -14.00 -8.09
N GLY A 7 -12.74 -14.53 -7.20
CA GLY A 7 -11.84 -15.61 -7.57
C GLY A 7 -11.18 -16.21 -6.34
N ASN A 8 -10.20 -15.48 -5.81
CA ASN A 8 -9.48 -15.92 -4.63
C ASN A 8 -10.28 -15.56 -3.38
N PRO A 9 -10.21 -16.48 -2.38
CA PRO A 9 -10.92 -16.26 -1.12
C PRO A 9 -10.23 -15.22 -0.26
N HIS A 10 -11.02 -14.33 0.30
CA HIS A 10 -10.50 -13.26 1.14
C HIS A 10 -9.58 -13.86 2.21
N MET A 11 -9.98 -15.04 2.69
CA MET A 11 -9.21 -15.73 3.71
C MET A 11 -8.90 -14.80 4.89
N TRP A 12 -8.25 -15.37 5.89
CA TRP A 12 -7.89 -14.61 7.07
C TRP A 12 -9.11 -13.77 7.48
N TRP A 13 -10.09 -14.46 8.05
CA TRP A 13 -11.32 -13.80 8.49
C TRP A 13 -10.96 -12.89 9.66
N LEU A 14 -10.61 -13.52 10.77
CA LEU A 14 -10.25 -12.78 11.97
C LEU A 14 -9.01 -13.41 12.60
N GLN A 15 -8.95 -13.33 13.92
CA GLN A 15 -7.82 -13.89 14.66
C GLN A 15 -6.51 -13.26 14.18
N ASP A 16 -5.49 -13.37 15.01
CA ASP A 16 -4.19 -12.84 14.69
C ASP A 16 -4.34 -11.36 14.32
N ALA A 17 -4.03 -10.50 15.28
CA ALA A 17 -4.12 -9.06 15.07
C ALA A 17 -2.97 -8.61 14.18
N ASP A 18 -1.77 -8.77 14.69
CA ASP A 18 -0.58 -8.38 13.95
C ASP A 18 0.39 -9.58 13.87
N PRO A 19 0.35 -10.26 12.69
CA PRO A 19 1.21 -11.41 12.48
C PRO A 19 2.66 -10.98 12.23
N GLU A 20 2.81 -10.07 11.28
CA GLU A 20 4.14 -9.56 10.94
C GLU A 20 4.03 -8.18 10.28
N ASN A 21 4.03 -7.16 11.13
CA ASN A 21 3.93 -5.79 10.64
C ASN A 21 5.14 -5.00 11.13
N ASN A 22 6.13 -4.89 10.26
CA ASN A 22 7.34 -4.15 10.60
C ASN A 22 7.63 -3.13 9.50
N SER A 23 8.38 -2.11 9.88
CA SER A 23 8.73 -1.05 8.94
C SER A 23 9.89 -1.51 8.05
N ARG A 24 9.55 -2.36 7.08
CA ARG A 24 10.55 -2.88 6.16
C ARG A 24 9.92 -3.15 4.80
N GLN A 25 10.62 -2.73 3.76
CA GLN A 25 10.15 -2.92 2.40
C GLN A 25 9.65 -4.36 2.21
N ALA A 26 8.37 -4.47 1.88
CA ALA A 26 7.76 -5.77 1.67
C ALA A 26 6.34 -5.58 1.13
N SER A 27 5.76 -6.67 0.66
CA SER A 27 4.41 -6.64 0.13
C SER A 27 3.49 -5.88 1.08
N PRO A 28 2.33 -5.44 0.52
CA PRO A 28 1.36 -4.71 1.31
C PRO A 28 0.60 -5.63 2.27
N SER A 29 -0.21 -5.01 3.11
CA SER A 29 -0.99 -5.77 4.07
C SER A 29 -2.49 -5.69 3.71
N GLN A 30 -3.16 -6.82 3.91
CA GLN A 30 -4.58 -6.89 3.61
C GLN A 30 -5.28 -5.59 4.00
N GLU A 31 -5.17 -5.26 5.28
CA GLU A 31 -5.77 -4.04 5.79
C GLU A 31 -5.42 -2.85 4.90
N SER A 32 -4.12 -2.63 4.75
CA SER A 32 -3.64 -1.53 3.93
C SER A 32 -4.39 -1.51 2.59
N ILE A 33 -4.69 -2.71 2.09
CA ILE A 33 -5.38 -2.84 0.83
C ILE A 33 -6.88 -2.59 1.06
N ASN A 34 -7.38 -3.18 2.14
CA ASN A 34 -8.79 -3.03 2.48
C ASN A 34 -9.10 -1.55 2.73
N GLN A 35 -8.19 -0.91 3.45
CA GLN A 35 -8.36 0.50 3.77
C GLN A 35 -8.39 1.33 2.49
N LEU A 36 -7.74 0.81 1.46
CA LEU A 36 -7.69 1.49 0.18
C LEU A 36 -9.04 1.34 -0.52
N VAL A 37 -9.47 0.10 -0.65
CA VAL A 37 -10.74 -0.20 -1.30
C VAL A 37 -11.81 0.74 -0.75
N TYR A 38 -11.73 0.99 0.55
CA TYR A 38 -12.69 1.87 1.20
C TYR A 38 -12.75 3.23 0.51
N MET A 39 -11.58 3.82 0.32
CA MET A 39 -11.49 5.12 -0.33
C MET A 39 -12.18 5.10 -1.69
N GLY A 40 -12.10 3.95 -2.34
CA GLY A 40 -12.72 3.79 -3.65
C GLY A 40 -11.67 3.38 -4.70
N PHE A 41 -11.02 2.27 -4.42
CA PHE A 41 -10.00 1.76 -5.34
C PHE A 41 -10.00 0.22 -5.35
N ASP A 42 -10.30 -0.32 -6.52
CA ASP A 42 -10.34 -1.76 -6.68
C ASP A 42 -9.13 -2.38 -5.98
N THR A 43 -9.41 -3.40 -5.16
CA THR A 43 -8.36 -4.09 -4.43
C THR A 43 -7.10 -4.19 -5.29
N VAL A 44 -7.27 -4.80 -6.46
CA VAL A 44 -6.16 -4.98 -7.37
C VAL A 44 -5.36 -3.68 -7.47
N VAL A 45 -6.09 -2.59 -7.68
CA VAL A 45 -5.46 -1.29 -7.79
C VAL A 45 -4.77 -0.94 -6.47
N ALA A 46 -5.43 -1.30 -5.38
CA ALA A 46 -4.90 -1.04 -4.05
C ALA A 46 -3.57 -1.80 -3.89
N GLU A 47 -3.62 -3.09 -4.20
CA GLU A 47 -2.45 -3.93 -4.09
C GLU A 47 -1.37 -3.47 -5.07
N ALA A 48 -1.81 -3.12 -6.27
CA ALA A 48 -0.90 -2.66 -7.31
C ALA A 48 -0.33 -1.30 -6.90
N ALA A 49 -1.18 -0.48 -6.30
CA ALA A 49 -0.79 0.84 -5.87
C ALA A 49 0.33 0.72 -4.83
N LEU A 50 -0.03 0.11 -3.70
CA LEU A 50 0.92 -0.08 -2.62
C LEU A 50 2.26 -0.53 -3.20
N ARG A 51 2.18 -1.42 -4.19
CA ARG A 51 3.38 -1.93 -4.83
C ARG A 51 4.11 -0.81 -5.56
N VAL A 52 3.33 0.03 -6.23
CA VAL A 52 3.89 1.15 -6.97
C VAL A 52 4.70 2.03 -6.01
N PHE A 53 4.02 2.51 -4.99
CA PHE A 53 4.66 3.37 -4.01
C PHE A 53 5.31 2.54 -2.89
N GLY A 54 5.94 1.46 -3.31
CA GLY A 54 6.61 0.57 -2.37
C GLY A 54 5.58 -0.19 -1.52
N GLY A 55 4.75 0.57 -0.82
CA GLY A 55 3.73 -0.02 0.03
C GLY A 55 3.22 1.01 1.04
N ASN A 56 3.01 2.22 0.56
CA ASN A 56 2.51 3.29 1.41
C ASN A 56 1.03 3.54 1.12
N VAL A 57 0.21 3.27 2.11
CA VAL A 57 -1.23 3.45 1.97
C VAL A 57 -1.51 4.91 1.57
N GLN A 58 -0.78 5.81 2.20
CA GLN A 58 -0.94 7.22 1.91
C GLN A 58 -0.46 7.54 0.50
N LEU A 59 0.84 7.35 0.29
CA LEU A 59 1.43 7.62 -1.01
C LEU A 59 0.46 7.16 -2.11
N ALA A 60 -0.09 5.97 -1.91
CA ALA A 60 -1.02 5.40 -2.87
C ALA A 60 -2.24 6.31 -2.98
N ALA A 61 -2.91 6.50 -1.85
CA ALA A 61 -4.10 7.33 -1.80
C ALA A 61 -3.76 8.71 -2.38
N GLN A 62 -2.73 9.32 -1.79
CA GLN A 62 -2.30 10.64 -2.24
C GLN A 62 -2.41 10.76 -3.76
N THR A 63 -2.21 9.62 -4.42
CA THR A 63 -2.28 9.59 -5.87
C THR A 63 -3.63 9.04 -6.33
N LEU A 64 -3.99 7.89 -5.77
CA LEU A 64 -5.26 7.26 -6.11
C LEU A 64 -6.38 8.28 -5.98
N ALA A 65 -6.26 9.12 -4.96
CA ALA A 65 -7.26 10.15 -4.72
C ALA A 65 -7.11 11.26 -5.75
N HIS A 66 -5.94 11.89 -5.73
CA HIS A 66 -5.65 12.96 -6.66
C HIS A 66 -6.18 12.61 -8.05
N HIS A 67 -5.74 11.46 -8.54
CA HIS A 67 -6.16 10.99 -9.84
C HIS A 67 -7.63 10.55 -9.78
N GLY A 68 -7.91 9.66 -8.84
CA GLY A 68 -9.25 9.15 -8.67
C GLY A 68 -9.42 7.79 -9.36
N GLY A 69 -8.77 6.80 -8.80
CA GLY A 69 -8.83 5.44 -9.36
C GLY A 69 -8.42 5.44 -10.83
N SER A 70 -7.22 4.93 -11.08
CA SER A 70 -6.71 4.86 -12.43
C SER A 70 -5.18 4.80 -12.40
N LEU A 71 -4.62 5.29 -11.31
CA LEU A 71 -3.18 5.30 -11.15
C LEU A 71 -2.55 6.22 -12.21
N PRO A 72 -1.28 6.63 -11.94
CA PRO A 72 -0.57 7.50 -12.87
C PRO A 72 -0.10 6.72 -14.09
N PRO A 73 -0.63 7.15 -15.28
CA PRO A 73 -0.27 6.49 -16.53
C PRO A 73 1.13 6.90 -16.98
N ASP A 74 1.64 7.94 -16.33
CA ASP A 74 2.98 8.43 -16.64
C ASP A 74 3.81 8.50 -15.37
N LEU A 75 3.69 7.45 -14.57
CA LEU A 75 4.42 7.38 -13.30
C LEU A 75 5.82 6.81 -13.57
N GLN A 76 5.86 5.86 -14.49
CA GLN A 76 7.12 5.22 -14.84
C GLN A 76 7.44 5.47 -16.32
N PHE A 77 8.56 6.15 -16.54
CA PHE A 77 9.00 6.46 -17.89
C PHE A 77 8.70 5.30 -18.84
N SER A 78 9.25 4.14 -18.50
CA SER A 78 9.05 2.95 -19.30
C SER A 78 8.45 1.83 -18.45
N GLY A 79 7.13 1.70 -18.57
CA GLY A 79 6.42 0.69 -17.81
C GLY A 79 4.97 0.58 -18.29
N PRO A 80 4.07 0.23 -17.32
CA PRO A 80 2.66 0.09 -17.62
C PRO A 80 2.00 1.47 -17.80
N SER A 81 1.15 1.55 -18.81
CA SER A 81 0.46 2.80 -19.09
C SER A 81 -0.64 2.55 -20.14
N SER A 82 -1.82 3.04 -19.84
CA SER A 82 -2.96 2.89 -20.74
C SER A 82 -2.66 3.59 -22.07
N GLY A 83 -2.40 4.89 -21.97
CA GLY A 83 -2.10 5.69 -23.14
C GLY A 83 -3.13 5.43 -24.25
N GLY A 1 -15.04 7.72 58.02
CA GLY A 1 -14.32 7.40 56.79
C GLY A 1 -13.48 8.59 56.34
N SER A 2 -12.85 8.43 55.19
CA SER A 2 -12.02 9.48 54.63
C SER A 2 -11.56 9.10 53.22
N SER A 3 -12.44 9.36 52.25
CA SER A 3 -12.14 9.06 50.86
C SER A 3 -13.30 9.50 49.97
N GLY A 4 -12.94 10.23 48.92
CA GLY A 4 -13.93 10.73 47.98
C GLY A 4 -13.49 10.49 46.54
N SER A 5 -13.60 9.25 46.11
CA SER A 5 -13.21 8.88 44.75
C SER A 5 -11.71 9.10 44.57
N SER A 6 -11.21 8.56 43.46
CA SER A 6 -9.79 8.69 43.15
C SER A 6 -8.96 7.90 44.15
N GLY A 7 -8.02 7.13 43.62
CA GLY A 7 -7.16 6.31 44.46
C GLY A 7 -5.89 5.92 43.71
N ASN A 8 -5.11 6.93 43.36
CA ASN A 8 -3.86 6.70 42.65
C ASN A 8 -4.16 5.90 41.37
N PRO A 9 -4.26 6.64 40.23
CA PRO A 9 -4.54 6.02 38.95
C PRO A 9 -3.30 5.31 38.41
N HIS A 10 -2.15 5.83 38.80
CA HIS A 10 -0.88 5.26 38.35
C HIS A 10 -0.91 5.05 36.84
N MET A 11 -1.39 6.06 36.14
CA MET A 11 -1.48 6.00 34.69
C MET A 11 -0.28 5.26 34.10
N TRP A 12 0.90 5.68 34.54
CA TRP A 12 2.14 5.07 34.07
C TRP A 12 2.18 3.63 34.59
N TRP A 13 2.22 3.51 35.90
CA TRP A 13 2.26 2.20 36.54
C TRP A 13 3.61 1.55 36.19
N LEU A 14 3.68 1.04 34.97
CA LEU A 14 4.89 0.38 34.50
C LEU A 14 6.01 1.42 34.40
N GLN A 15 6.94 1.16 33.49
CA GLN A 15 8.07 2.06 33.28
C GLN A 15 7.96 2.72 31.91
N ASP A 16 7.27 2.04 31.00
CA ASP A 16 7.09 2.55 29.66
C ASP A 16 6.26 1.57 28.84
N ALA A 17 5.60 2.09 27.83
CA ALA A 17 4.76 1.27 26.97
C ALA A 17 5.51 0.95 25.69
N ASP A 18 5.81 2.00 24.94
CA ASP A 18 6.54 1.84 23.68
C ASP A 18 5.75 0.92 22.75
N PRO A 19 4.93 1.56 21.87
CA PRO A 19 4.12 0.81 20.92
C PRO A 19 4.98 0.25 19.79
N GLU A 20 5.76 1.12 19.19
CA GLU A 20 6.63 0.73 18.09
C GLU A 20 5.80 0.30 16.88
N ASN A 21 6.03 0.99 15.77
CA ASN A 21 5.31 0.69 14.55
C ASN A 21 6.18 1.06 13.35
N ASN A 22 6.62 0.04 12.63
CA ASN A 22 7.46 0.24 11.46
C ASN A 22 7.30 -0.95 10.51
N SER A 23 7.56 -0.68 9.24
CA SER A 23 7.46 -1.72 8.22
C SER A 23 8.55 -1.54 7.18
N ARG A 24 9.07 -2.68 6.70
CA ARG A 24 10.12 -2.65 5.70
C ARG A 24 9.53 -2.94 4.31
N GLN A 25 10.16 -2.33 3.31
CA GLN A 25 9.70 -2.51 1.94
C GLN A 25 9.35 -3.98 1.69
N ALA A 26 8.06 -4.22 1.51
CA ALA A 26 7.58 -5.56 1.26
C ALA A 26 6.14 -5.50 0.75
N SER A 27 5.61 -6.67 0.41
CA SER A 27 4.24 -6.76 -0.09
C SER A 27 3.30 -6.02 0.87
N PRO A 28 2.18 -5.53 0.28
CA PRO A 28 1.19 -4.80 1.05
C PRO A 28 0.35 -5.76 1.91
N SER A 29 -0.18 -5.22 2.99
CA SER A 29 -1.00 -6.00 3.90
C SER A 29 -2.48 -5.84 3.56
N GLN A 30 -3.23 -6.91 3.76
CA GLN A 30 -4.66 -6.89 3.49
C GLN A 30 -5.25 -5.54 3.89
N GLU A 31 -5.10 -5.22 5.17
CA GLU A 31 -5.63 -3.97 5.69
C GLU A 31 -5.31 -2.82 4.74
N SER A 32 -4.02 -2.52 4.63
CA SER A 32 -3.57 -1.45 3.76
C SER A 32 -4.39 -1.44 2.47
N ILE A 33 -4.67 -2.64 1.98
CA ILE A 33 -5.45 -2.79 0.76
C ILE A 33 -6.92 -2.51 1.05
N ASN A 34 -7.39 -3.12 2.13
CA ASN A 34 -8.78 -2.96 2.54
C ASN A 34 -9.05 -1.47 2.79
N GLN A 35 -8.11 -0.83 3.47
CA GLN A 35 -8.24 0.59 3.78
C GLN A 35 -8.31 1.41 2.49
N LEU A 36 -7.68 0.88 1.46
CA LEU A 36 -7.67 1.55 0.16
C LEU A 36 -9.02 1.37 -0.52
N VAL A 37 -9.41 0.11 -0.67
CA VAL A 37 -10.68 -0.21 -1.29
C VAL A 37 -11.77 0.71 -0.74
N TYR A 38 -11.66 1.00 0.55
CA TYR A 38 -12.61 1.87 1.21
C TYR A 38 -12.70 3.22 0.52
N MET A 39 -11.53 3.82 0.32
CA MET A 39 -11.47 5.12 -0.32
C MET A 39 -12.19 5.11 -1.67
N GLY A 40 -12.12 3.96 -2.32
CA GLY A 40 -12.77 3.79 -3.61
C GLY A 40 -11.75 3.41 -4.69
N PHE A 41 -11.09 2.28 -4.45
CA PHE A 41 -10.09 1.78 -5.39
C PHE A 41 -10.08 0.26 -5.42
N ASP A 42 -10.35 -0.29 -6.60
CA ASP A 42 -10.36 -1.73 -6.76
C ASP A 42 -9.17 -2.34 -6.04
N THR A 43 -9.44 -3.38 -5.26
CA THR A 43 -8.40 -4.05 -4.52
C THR A 43 -7.11 -4.14 -5.34
N VAL A 44 -7.26 -4.71 -6.53
CA VAL A 44 -6.12 -4.86 -7.42
C VAL A 44 -5.34 -3.55 -7.48
N VAL A 45 -6.09 -2.47 -7.72
CA VAL A 45 -5.48 -1.15 -7.81
C VAL A 45 -4.80 -0.82 -6.48
N ALA A 46 -5.46 -1.18 -5.40
CA ALA A 46 -4.94 -0.93 -4.07
C ALA A 46 -3.64 -1.73 -3.88
N GLU A 47 -3.76 -3.04 -4.11
CA GLU A 47 -2.62 -3.92 -3.97
C GLU A 47 -1.48 -3.47 -4.88
N ALA A 48 -1.82 -3.26 -6.15
CA ALA A 48 -0.85 -2.83 -7.13
C ALA A 48 -0.30 -1.45 -6.73
N ALA A 49 -1.23 -0.56 -6.43
CA ALA A 49 -0.85 0.79 -6.02
C ALA A 49 0.22 0.72 -4.94
N LEU A 50 -0.15 0.15 -3.81
CA LEU A 50 0.77 0.01 -2.69
C LEU A 50 2.13 -0.45 -3.22
N ARG A 51 2.14 -1.64 -3.78
CA ARG A 51 3.37 -2.20 -4.31
C ARG A 51 4.18 -1.12 -5.05
N VAL A 52 3.47 -0.35 -5.85
CA VAL A 52 4.11 0.72 -6.61
C VAL A 52 4.80 1.68 -5.63
N PHE A 53 3.98 2.44 -4.91
CA PHE A 53 4.50 3.39 -3.95
C PHE A 53 5.08 2.68 -2.72
N GLY A 54 6.16 1.96 -2.95
CA GLY A 54 6.82 1.23 -1.87
C GLY A 54 5.81 0.83 -0.79
N GLY A 55 4.71 0.24 -1.24
CA GLY A 55 3.67 -0.20 -0.33
C GLY A 55 3.35 0.89 0.70
N ASN A 56 2.95 2.04 0.18
CA ASN A 56 2.60 3.16 1.04
C ASN A 56 1.13 3.54 0.82
N VAL A 57 0.33 3.30 1.85
CA VAL A 57 -1.09 3.62 1.78
C VAL A 57 -1.26 5.10 1.46
N GLN A 58 -0.61 5.92 2.25
CA GLN A 58 -0.69 7.36 2.08
C GLN A 58 -0.27 7.74 0.64
N LEU A 59 0.96 7.40 0.31
CA LEU A 59 1.48 7.68 -1.02
C LEU A 59 0.44 7.30 -2.07
N ALA A 60 0.09 6.02 -2.07
CA ALA A 60 -0.89 5.53 -3.02
C ALA A 60 -2.14 6.43 -2.98
N ALA A 61 -2.80 6.41 -1.84
CA ALA A 61 -4.00 7.22 -1.66
C ALA A 61 -3.76 8.62 -2.23
N GLN A 62 -2.71 9.25 -1.73
CA GLN A 62 -2.35 10.59 -2.17
C GLN A 62 -2.45 10.68 -3.69
N THR A 63 -2.18 9.56 -4.34
CA THR A 63 -2.24 9.50 -5.79
C THR A 63 -3.62 9.07 -6.26
N LEU A 64 -4.08 7.97 -5.69
CA LEU A 64 -5.39 7.44 -6.04
C LEU A 64 -6.45 8.53 -5.84
N ALA A 65 -6.44 9.10 -4.64
CA ALA A 65 -7.40 10.15 -4.30
C ALA A 65 -7.45 11.15 -5.46
N HIS A 66 -6.27 11.49 -5.97
CA HIS A 66 -6.17 12.44 -7.06
C HIS A 66 -6.08 11.69 -8.39
N HIS A 67 -5.98 12.45 -9.47
CA HIS A 67 -5.89 11.87 -10.80
C HIS A 67 -7.24 11.29 -11.20
N GLY A 68 -8.29 11.86 -10.62
CA GLY A 68 -9.64 11.41 -10.91
C GLY A 68 -10.05 10.26 -9.98
N GLY A 69 -9.17 9.28 -9.89
CA GLY A 69 -9.43 8.13 -9.03
C GLY A 69 -8.96 6.83 -9.70
N SER A 70 -7.76 6.89 -10.27
CA SER A 70 -7.18 5.75 -10.94
C SER A 70 -5.66 5.86 -10.96
N LEU A 71 -5.00 4.71 -10.97
CA LEU A 71 -3.56 4.66 -10.98
C LEU A 71 -3.04 5.66 -12.02
N PRO A 72 -1.76 6.08 -11.82
CA PRO A 72 -1.12 7.03 -12.72
C PRO A 72 -0.74 6.36 -14.04
N PRO A 73 -1.00 7.08 -15.15
CA PRO A 73 -0.69 6.57 -16.48
C PRO A 73 0.82 6.65 -16.75
N ASP A 74 1.49 7.49 -15.98
CA ASP A 74 2.93 7.67 -16.13
C ASP A 74 3.60 7.34 -14.80
N LEU A 75 3.90 6.06 -14.62
CA LEU A 75 4.56 5.60 -13.41
C LEU A 75 5.53 4.47 -13.75
N GLN A 76 5.03 3.53 -14.54
CA GLN A 76 5.84 2.39 -14.95
C GLN A 76 5.64 2.11 -16.44
N PHE A 77 6.73 1.67 -17.07
CA PHE A 77 6.69 1.37 -18.49
C PHE A 77 6.01 2.49 -19.27
N SER A 78 6.82 3.36 -19.83
CA SER A 78 6.32 4.48 -20.61
C SER A 78 5.59 3.96 -21.86
N GLY A 79 4.40 4.49 -22.07
CA GLY A 79 3.59 4.10 -23.21
C GLY A 79 4.14 4.70 -24.50
N PRO A 80 3.33 4.56 -25.59
CA PRO A 80 3.73 5.09 -26.88
C PRO A 80 3.56 6.61 -26.92
N SER A 81 4.68 7.31 -26.77
CA SER A 81 4.67 8.76 -26.79
C SER A 81 5.88 9.28 -27.58
N SER A 82 5.57 9.92 -28.69
CA SER A 82 6.61 10.47 -29.54
C SER A 82 7.67 9.41 -29.83
N GLY A 83 7.54 8.79 -30.99
CA GLY A 83 8.48 7.75 -31.40
C GLY A 83 9.92 8.18 -31.12
N GLY A 1 32.17 10.70 21.71
CA GLY A 1 31.43 11.78 21.09
C GLY A 1 32.39 12.76 20.39
N SER A 2 33.15 12.23 19.44
CA SER A 2 34.10 13.03 18.70
C SER A 2 33.97 12.74 17.21
N SER A 3 33.53 13.75 16.48
CA SER A 3 33.36 13.63 15.03
C SER A 3 32.28 12.59 14.73
N GLY A 4 31.83 12.61 13.48
CA GLY A 4 30.80 11.67 13.05
C GLY A 4 31.30 10.23 13.14
N SER A 5 30.36 9.30 13.04
CA SER A 5 30.70 7.88 13.10
C SER A 5 29.43 7.05 12.98
N SER A 6 29.42 6.20 11.97
CA SER A 6 28.27 5.33 11.74
C SER A 6 28.25 4.20 12.76
N GLY A 7 27.06 3.90 13.25
CA GLY A 7 26.89 2.84 14.24
C GLY A 7 26.00 1.73 13.70
N ASN A 8 26.29 0.51 14.13
CA ASN A 8 25.53 -0.65 13.71
C ASN A 8 25.63 -0.78 12.19
N PRO A 9 26.59 -1.64 11.74
CA PRO A 9 26.80 -1.86 10.32
C PRO A 9 25.69 -2.75 9.74
N HIS A 10 25.10 -3.55 10.61
CA HIS A 10 24.04 -4.44 10.20
C HIS A 10 24.43 -5.14 8.90
N MET A 11 25.66 -5.64 8.88
CA MET A 11 26.16 -6.33 7.70
C MET A 11 25.08 -7.18 7.05
N TRP A 12 25.13 -7.25 5.73
CA TRP A 12 24.16 -8.02 4.97
C TRP A 12 24.29 -9.49 5.39
N TRP A 13 25.47 -10.04 5.12
CA TRP A 13 25.73 -11.42 5.47
C TRP A 13 24.84 -12.31 4.59
N LEU A 14 23.57 -12.34 4.93
CA LEU A 14 22.61 -13.14 4.19
C LEU A 14 22.54 -12.64 2.74
N GLN A 15 23.49 -13.11 1.95
CA GLN A 15 23.56 -12.72 0.55
C GLN A 15 23.22 -13.91 -0.35
N ASP A 16 23.24 -15.09 0.26
CA ASP A 16 22.93 -16.31 -0.48
C ASP A 16 23.12 -17.51 0.45
N ALA A 17 21.99 -18.09 0.84
CA ALA A 17 22.01 -19.25 1.72
C ALA A 17 21.63 -20.50 0.92
N ASP A 18 20.55 -20.38 0.17
CA ASP A 18 20.07 -21.48 -0.64
C ASP A 18 18.60 -21.25 -1.00
N PRO A 19 17.79 -20.94 0.05
CA PRO A 19 16.38 -20.69 -0.14
C PRO A 19 16.14 -19.31 -0.76
N GLU A 20 16.96 -18.36 -0.36
CA GLU A 20 16.86 -17.01 -0.87
C GLU A 20 15.42 -16.50 -0.72
N ASN A 21 15.15 -15.93 0.44
CA ASN A 21 13.82 -15.40 0.71
C ASN A 21 13.94 -13.94 1.15
N ASN A 22 14.64 -13.74 2.25
CA ASN A 22 14.84 -12.41 2.78
C ASN A 22 15.91 -11.69 1.97
N SER A 23 15.45 -10.75 1.15
CA SER A 23 16.35 -9.97 0.31
C SER A 23 15.74 -8.60 0.01
N ARG A 24 14.60 -8.63 -0.64
CA ARG A 24 13.90 -7.40 -0.98
C ARG A 24 12.46 -7.43 -0.46
N GLN A 25 12.27 -6.83 0.71
CA GLN A 25 10.96 -6.78 1.32
C GLN A 25 10.12 -5.68 0.69
N ALA A 26 9.03 -6.10 0.06
CA ALA A 26 8.14 -5.17 -0.60
C ALA A 26 6.79 -5.85 -0.86
N SER A 27 5.84 -5.58 0.03
CA SER A 27 4.52 -6.16 -0.09
C SER A 27 3.59 -5.54 0.95
N PRO A 28 2.38 -5.12 0.48
CA PRO A 28 1.39 -4.52 1.35
C PRO A 28 0.72 -5.58 2.22
N SER A 29 -0.40 -5.18 2.81
CA SER A 29 -1.15 -6.09 3.68
C SER A 29 -2.65 -5.98 3.37
N GLN A 30 -3.39 -6.96 3.86
CA GLN A 30 -4.82 -6.98 3.65
C GLN A 30 -5.44 -5.64 4.06
N GLU A 31 -5.22 -5.28 5.31
CA GLU A 31 -5.75 -4.03 5.83
C GLU A 31 -5.41 -2.87 4.88
N SER A 32 -4.13 -2.55 4.82
CA SER A 32 -3.67 -1.48 3.97
C SER A 32 -4.48 -1.45 2.66
N ILE A 33 -4.55 -2.63 2.04
CA ILE A 33 -5.29 -2.76 0.79
C ILE A 33 -6.77 -2.49 1.05
N ASN A 34 -7.28 -3.12 2.10
CA ASN A 34 -8.67 -2.95 2.46
C ASN A 34 -8.97 -1.47 2.71
N GLN A 35 -8.07 -0.85 3.47
CA GLN A 35 -8.23 0.56 3.80
C GLN A 35 -8.26 1.40 2.52
N LEU A 36 -7.54 0.90 1.51
CA LEU A 36 -7.48 1.59 0.22
C LEU A 36 -8.85 1.49 -0.46
N VAL A 37 -9.26 0.26 -0.69
CA VAL A 37 -10.55 0.02 -1.34
C VAL A 37 -11.59 0.99 -0.78
N TYR A 38 -11.60 1.10 0.54
CA TYR A 38 -12.54 1.98 1.21
C TYR A 38 -12.72 3.28 0.42
N MET A 39 -11.63 4.00 0.26
CA MET A 39 -11.65 5.26 -0.47
C MET A 39 -12.41 5.11 -1.79
N GLY A 40 -12.27 3.93 -2.39
CA GLY A 40 -12.93 3.65 -3.66
C GLY A 40 -11.92 3.28 -4.73
N PHE A 41 -11.13 2.25 -4.43
CA PHE A 41 -10.12 1.78 -5.36
C PHE A 41 -10.06 0.25 -5.38
N ASP A 42 -10.43 -0.32 -6.52
CA ASP A 42 -10.42 -1.76 -6.68
C ASP A 42 -9.18 -2.34 -5.99
N THR A 43 -9.42 -3.36 -5.19
CA THR A 43 -8.34 -4.01 -4.46
C THR A 43 -7.08 -4.07 -5.32
N VAL A 44 -7.21 -4.72 -6.47
CA VAL A 44 -6.09 -4.85 -7.38
C VAL A 44 -5.33 -3.53 -7.44
N VAL A 45 -6.05 -2.46 -7.71
CA VAL A 45 -5.46 -1.14 -7.79
C VAL A 45 -4.76 -0.83 -6.47
N ALA A 46 -5.44 -1.15 -5.38
CA ALA A 46 -4.89 -0.91 -4.06
C ALA A 46 -3.58 -1.68 -3.89
N GLU A 47 -3.65 -2.96 -4.21
CA GLU A 47 -2.48 -3.83 -4.11
C GLU A 47 -1.40 -3.37 -5.09
N ALA A 48 -1.84 -2.98 -6.27
CA ALA A 48 -0.92 -2.53 -7.30
C ALA A 48 -0.34 -1.17 -6.88
N ALA A 49 -1.17 -0.37 -6.26
CA ALA A 49 -0.75 0.95 -5.80
C ALA A 49 0.37 0.79 -4.77
N LEU A 50 0.02 0.17 -3.65
CA LEU A 50 0.98 -0.05 -2.59
C LEU A 50 2.31 -0.52 -3.19
N ARG A 51 2.20 -1.40 -4.18
CA ARG A 51 3.37 -1.93 -4.85
C ARG A 51 4.13 -0.81 -5.56
N VAL A 52 3.36 0.06 -6.21
CA VAL A 52 3.93 1.17 -6.94
C VAL A 52 4.76 2.03 -5.97
N PHE A 53 4.09 2.52 -4.95
CA PHE A 53 4.75 3.36 -3.96
C PHE A 53 5.39 2.51 -2.87
N GLY A 54 6.03 1.42 -3.29
CA GLY A 54 6.68 0.52 -2.36
C GLY A 54 5.66 -0.25 -1.54
N GLY A 55 4.83 0.51 -0.83
CA GLY A 55 3.81 -0.10 0.01
C GLY A 55 3.27 0.91 1.02
N ASN A 56 3.07 2.13 0.55
CA ASN A 56 2.56 3.19 1.41
C ASN A 56 1.07 3.41 1.11
N VAL A 57 0.29 3.48 2.17
CA VAL A 57 -1.14 3.69 2.04
C VAL A 57 -1.40 5.14 1.65
N GLN A 58 -0.71 6.05 2.32
CA GLN A 58 -0.86 7.46 2.05
C GLN A 58 -0.40 7.78 0.63
N LEU A 59 0.83 7.39 0.33
CA LEU A 59 1.39 7.63 -0.98
C LEU A 59 0.41 7.14 -2.05
N ALA A 60 -0.04 5.90 -1.87
CA ALA A 60 -0.98 5.30 -2.79
C ALA A 60 -2.25 6.14 -2.85
N ALA A 61 -2.89 6.27 -1.70
CA ALA A 61 -4.12 7.04 -1.60
C ALA A 61 -3.91 8.41 -2.26
N GLN A 62 -2.86 9.09 -1.81
CA GLN A 62 -2.54 10.40 -2.35
C GLN A 62 -2.78 10.43 -3.86
N THR A 63 -2.31 9.39 -4.53
CA THR A 63 -2.46 9.29 -5.97
C THR A 63 -3.86 8.78 -6.31
N LEU A 64 -4.19 7.62 -5.75
CA LEU A 64 -5.48 7.01 -6.00
C LEU A 64 -6.57 8.09 -5.89
N ALA A 65 -6.42 8.94 -4.90
CA ALA A 65 -7.38 10.02 -4.68
C ALA A 65 -7.19 11.09 -5.75
N HIS A 66 -5.98 11.63 -5.77
CA HIS A 66 -5.65 12.67 -6.74
C HIS A 66 -5.46 12.05 -8.13
N HIS A 67 -6.57 11.74 -8.76
CA HIS A 67 -6.54 11.14 -10.09
C HIS A 67 -7.96 10.86 -10.56
N GLY A 68 -8.61 9.93 -9.87
CA GLY A 68 -9.98 9.57 -10.21
C GLY A 68 -10.14 8.05 -10.29
N GLY A 69 -9.96 7.41 -9.14
CA GLY A 69 -10.09 5.97 -9.06
C GLY A 69 -9.30 5.28 -10.18
N SER A 70 -8.00 5.53 -10.18
CA SER A 70 -7.12 4.94 -11.19
C SER A 70 -5.67 5.31 -10.89
N LEU A 71 -4.77 4.54 -11.49
CA LEU A 71 -3.35 4.77 -11.30
C LEU A 71 -2.83 5.68 -12.42
N PRO A 72 -1.63 6.25 -12.17
CA PRO A 72 -1.01 7.15 -13.14
C PRO A 72 -0.44 6.36 -14.32
N PRO A 73 -0.50 7.01 -15.52
CA PRO A 73 0.01 6.39 -16.74
C PRO A 73 1.54 6.40 -16.76
N ASP A 74 2.09 7.49 -16.26
CA ASP A 74 3.53 7.65 -16.22
C ASP A 74 3.93 8.41 -14.96
N LEU A 75 4.04 7.65 -13.86
CA LEU A 75 4.41 8.25 -12.59
C LEU A 75 5.90 8.04 -12.34
N GLN A 76 6.30 6.77 -12.34
CA GLN A 76 7.69 6.43 -12.13
C GLN A 76 8.46 6.47 -13.45
N PHE A 77 9.36 7.43 -13.55
CA PHE A 77 10.16 7.58 -14.75
C PHE A 77 9.28 7.85 -15.97
N SER A 78 9.16 9.13 -16.31
CA SER A 78 8.35 9.53 -17.45
C SER A 78 9.16 9.39 -18.74
N GLY A 79 8.43 9.37 -19.85
CA GLY A 79 9.07 9.25 -21.15
C GLY A 79 8.20 9.87 -22.25
N PRO A 80 8.51 9.50 -23.51
CA PRO A 80 7.78 10.01 -24.65
C PRO A 80 6.39 9.35 -24.76
N SER A 81 5.48 10.07 -25.39
CA SER A 81 4.12 9.57 -25.56
C SER A 81 3.68 9.75 -27.02
N SER A 82 3.72 11.00 -27.46
CA SER A 82 3.33 11.32 -28.82
C SER A 82 3.44 12.83 -29.06
N GLY A 83 3.09 13.59 -28.03
CA GLY A 83 3.14 15.03 -28.10
C GLY A 83 2.54 15.68 -26.85
N GLY A 1 32.06 2.14 43.65
CA GLY A 1 31.64 1.14 44.61
C GLY A 1 32.62 -0.04 44.63
N SER A 2 32.62 -0.79 43.53
CA SER A 2 33.51 -1.94 43.42
C SER A 2 34.96 -1.49 43.49
N SER A 3 35.32 -0.62 42.56
CA SER A 3 36.68 -0.11 42.50
C SER A 3 37.66 -1.25 42.24
N GLY A 4 38.52 -1.04 41.25
CA GLY A 4 39.51 -2.04 40.89
C GLY A 4 38.93 -3.04 39.89
N SER A 5 38.11 -3.94 40.40
CA SER A 5 37.49 -4.95 39.55
C SER A 5 36.93 -4.30 38.29
N SER A 6 36.68 -5.15 37.29
CA SER A 6 36.13 -4.67 36.03
C SER A 6 34.84 -5.41 35.70
N GLY A 7 33.80 -4.64 35.47
CA GLY A 7 32.49 -5.20 35.14
C GLY A 7 32.03 -4.75 33.76
N ASN A 8 31.04 -5.46 33.23
CA ASN A 8 30.49 -5.14 31.93
C ASN A 8 29.11 -5.79 31.79
N PRO A 9 28.07 -4.94 32.00
CA PRO A 9 26.70 -5.42 31.90
C PRO A 9 26.29 -5.61 30.43
N HIS A 10 25.41 -6.58 30.22
CA HIS A 10 24.93 -6.87 28.88
C HIS A 10 23.75 -5.96 28.54
N MET A 11 23.93 -4.69 28.84
CA MET A 11 22.89 -3.71 28.57
C MET A 11 22.14 -4.04 27.28
N TRP A 12 22.92 -4.38 26.25
CA TRP A 12 22.36 -4.72 24.96
C TRP A 12 21.76 -6.13 25.05
N TRP A 13 20.49 -6.18 25.42
CA TRP A 13 19.80 -7.45 25.56
C TRP A 13 19.02 -7.70 24.27
N LEU A 14 19.75 -7.86 23.18
CA LEU A 14 19.15 -8.10 21.88
C LEU A 14 19.84 -9.29 21.21
N GLN A 15 19.49 -10.48 21.68
CA GLN A 15 20.08 -11.70 21.14
C GLN A 15 18.98 -12.63 20.62
N ASP A 16 19.11 -13.02 19.37
CA ASP A 16 18.13 -13.91 18.76
C ASP A 16 18.87 -14.98 17.94
N ALA A 17 18.51 -16.23 18.19
CA ALA A 17 19.12 -17.35 17.50
C ALA A 17 18.42 -17.54 16.15
N ASP A 18 17.13 -17.83 16.22
CA ASP A 18 16.34 -18.04 15.02
C ASP A 18 16.88 -19.25 14.27
N PRO A 19 15.94 -20.15 13.86
CA PRO A 19 16.31 -21.35 13.14
C PRO A 19 16.68 -21.02 11.68
N GLU A 20 15.80 -20.25 11.05
CA GLU A 20 16.02 -19.85 9.67
C GLU A 20 15.05 -18.73 9.29
N ASN A 21 15.63 -17.57 9.04
CA ASN A 21 14.84 -16.40 8.67
C ASN A 21 15.30 -15.89 7.29
N ASN A 22 14.48 -16.17 6.29
CA ASN A 22 14.80 -15.75 4.94
C ASN A 22 13.80 -14.67 4.50
N SER A 23 12.53 -14.97 4.68
CA SER A 23 11.48 -14.04 4.32
C SER A 23 11.81 -12.64 4.83
N ARG A 24 11.52 -11.65 3.99
CA ARG A 24 11.79 -10.26 4.34
C ARG A 24 10.52 -9.42 4.16
N GLN A 25 10.32 -8.51 5.09
CA GLN A 25 9.16 -7.64 5.04
C GLN A 25 9.00 -7.05 3.63
N ALA A 26 7.87 -7.36 3.02
CA ALA A 26 7.59 -6.87 1.67
C ALA A 26 6.11 -7.10 1.36
N SER A 27 5.69 -6.54 0.23
CA SER A 27 4.31 -6.67 -0.20
C SER A 27 3.38 -5.93 0.78
N PRO A 28 2.24 -5.45 0.23
CA PRO A 28 1.27 -4.72 1.04
C PRO A 28 0.48 -5.69 1.92
N SER A 29 -0.15 -5.12 2.94
CA SER A 29 -0.95 -5.91 3.87
C SER A 29 -2.43 -5.78 3.53
N GLN A 30 -3.16 -6.86 3.76
CA GLN A 30 -4.58 -6.88 3.48
C GLN A 30 -5.21 -5.54 3.88
N GLU A 31 -5.07 -5.21 5.15
CA GLU A 31 -5.62 -3.97 5.66
C GLU A 31 -5.30 -2.81 4.72
N SER A 32 -4.01 -2.51 4.62
CA SER A 32 -3.55 -1.43 3.76
C SER A 32 -4.35 -1.44 2.45
N ILE A 33 -4.69 -2.64 2.01
CA ILE A 33 -5.46 -2.79 0.78
C ILE A 33 -6.94 -2.54 1.07
N ASN A 34 -7.40 -3.16 2.15
CA ASN A 34 -8.80 -3.03 2.54
C ASN A 34 -9.10 -1.55 2.81
N GLN A 35 -8.14 -0.88 3.43
CA GLN A 35 -8.30 0.53 3.75
C GLN A 35 -8.36 1.35 2.47
N LEU A 36 -7.73 0.83 1.43
CA LEU A 36 -7.71 1.51 0.15
C LEU A 36 -9.07 1.33 -0.55
N VAL A 37 -9.47 0.08 -0.67
CA VAL A 37 -10.74 -0.24 -1.29
C VAL A 37 -11.82 0.72 -0.79
N TYR A 38 -11.74 1.04 0.48
CA TYR A 38 -12.69 1.95 1.09
C TYR A 38 -12.74 3.29 0.34
N MET A 39 -11.60 3.94 0.29
CA MET A 39 -11.49 5.23 -0.39
C MET A 39 -12.18 5.17 -1.74
N GLY A 40 -12.11 4.01 -2.38
CA GLY A 40 -12.72 3.81 -3.68
C GLY A 40 -11.69 3.40 -4.73
N PHE A 41 -11.07 2.26 -4.47
CA PHE A 41 -10.05 1.75 -5.37
C PHE A 41 -10.04 0.21 -5.38
N ASP A 42 -10.38 -0.35 -6.53
CA ASP A 42 -10.43 -1.80 -6.68
C ASP A 42 -9.22 -2.40 -5.95
N THR A 43 -9.50 -3.43 -5.16
CA THR A 43 -8.46 -4.11 -4.41
C THR A 43 -7.18 -4.21 -5.26
N VAL A 44 -7.33 -4.78 -6.43
CA VAL A 44 -6.20 -4.93 -7.34
C VAL A 44 -5.42 -3.63 -7.42
N VAL A 45 -6.15 -2.55 -7.69
CA VAL A 45 -5.56 -1.24 -7.79
C VAL A 45 -4.84 -0.91 -6.47
N ALA A 46 -5.50 -1.26 -5.38
CA ALA A 46 -4.95 -1.00 -4.05
C ALA A 46 -3.64 -1.77 -3.91
N GLU A 47 -3.73 -3.09 -4.07
CA GLU A 47 -2.56 -3.94 -3.95
C GLU A 47 -1.45 -3.45 -4.88
N ALA A 48 -1.81 -3.30 -6.15
CA ALA A 48 -0.86 -2.84 -7.15
C ALA A 48 -0.34 -1.46 -6.76
N ALA A 49 -1.28 -0.58 -6.43
CA ALA A 49 -0.93 0.77 -6.04
C ALA A 49 0.16 0.73 -4.97
N LEU A 50 -0.19 0.18 -3.82
CA LEU A 50 0.74 0.07 -2.72
C LEU A 50 2.11 -0.35 -3.26
N ARG A 51 2.16 -1.56 -3.78
CA ARG A 51 3.40 -2.09 -4.34
C ARG A 51 4.16 -0.99 -5.07
N VAL A 52 3.43 -0.26 -5.90
CA VAL A 52 4.03 0.83 -6.65
C VAL A 52 4.68 1.82 -5.69
N PHE A 53 3.84 2.59 -5.01
CA PHE A 53 4.33 3.58 -4.07
C PHE A 53 4.93 2.90 -2.83
N GLY A 54 6.02 2.19 -3.06
CA GLY A 54 6.70 1.48 -1.99
C GLY A 54 5.72 1.09 -0.88
N GLY A 55 4.65 0.43 -1.30
CA GLY A 55 3.63 -0.01 -0.37
C GLY A 55 3.38 1.04 0.71
N ASN A 56 2.78 2.14 0.29
CA ASN A 56 2.49 3.23 1.21
C ASN A 56 1.03 3.66 1.03
N VAL A 57 0.19 3.21 1.95
CA VAL A 57 -1.22 3.55 1.90
C VAL A 57 -1.38 5.03 1.56
N GLN A 58 -0.55 5.84 2.21
CA GLN A 58 -0.59 7.28 2.00
C GLN A 58 -0.22 7.61 0.55
N LEU A 59 1.05 7.42 0.23
CA LEU A 59 1.53 7.70 -1.12
C LEU A 59 0.49 7.22 -2.13
N ALA A 60 0.13 5.95 -2.01
CA ALA A 60 -0.84 5.36 -2.91
C ALA A 60 -2.11 6.22 -2.91
N ALA A 61 -2.72 6.32 -1.74
CA ALA A 61 -3.94 7.12 -1.60
C ALA A 61 -3.72 8.49 -2.22
N GLN A 62 -2.71 9.19 -1.72
CA GLN A 62 -2.40 10.52 -2.22
C GLN A 62 -2.56 10.56 -3.73
N THR A 63 -2.24 9.45 -4.37
CA THR A 63 -2.34 9.35 -5.81
C THR A 63 -3.72 8.83 -6.21
N LEU A 64 -4.07 7.67 -5.66
CA LEU A 64 -5.36 7.06 -5.95
C LEU A 64 -6.46 8.11 -5.80
N ALA A 65 -6.25 9.01 -4.85
CA ALA A 65 -7.22 10.06 -4.60
C ALA A 65 -6.99 11.21 -5.59
N HIS A 66 -5.74 11.62 -5.70
CA HIS A 66 -5.38 12.70 -6.59
C HIS A 66 -5.78 12.32 -8.03
N HIS A 67 -5.01 11.41 -8.60
CA HIS A 67 -5.28 10.96 -9.96
C HIS A 67 -6.79 10.81 -10.16
N GLY A 68 -7.38 9.94 -9.36
CA GLY A 68 -8.81 9.70 -9.44
C GLY A 68 -9.10 8.22 -9.71
N GLY A 69 -8.32 7.37 -9.05
CA GLY A 69 -8.48 5.93 -9.20
C GLY A 69 -7.41 5.36 -10.12
N SER A 70 -7.20 6.05 -11.23
CA SER A 70 -6.20 5.61 -12.20
C SER A 70 -4.81 5.67 -11.58
N LEU A 71 -4.04 4.62 -11.83
CA LEU A 71 -2.69 4.53 -11.30
C LEU A 71 -1.72 5.21 -12.28
N PRO A 72 -0.52 5.56 -11.75
CA PRO A 72 0.49 6.20 -12.56
C PRO A 72 1.16 5.20 -13.51
N PRO A 73 1.17 5.57 -14.82
CA PRO A 73 1.78 4.72 -15.83
C PRO A 73 3.30 4.77 -15.77
N ASP A 74 3.79 5.66 -14.91
CA ASP A 74 5.22 5.82 -14.74
C ASP A 74 5.49 6.80 -13.60
N LEU A 75 5.80 6.24 -12.44
CA LEU A 75 6.07 7.06 -11.27
C LEU A 75 7.41 6.62 -10.66
N GLN A 76 7.61 5.32 -10.62
CA GLN A 76 8.84 4.76 -10.07
C GLN A 76 9.41 5.71 -9.00
N PHE A 77 8.97 5.48 -7.78
CA PHE A 77 9.43 6.29 -6.66
C PHE A 77 10.90 6.01 -6.34
N SER A 78 11.58 7.05 -5.88
CA SER A 78 12.99 6.91 -5.54
C SER A 78 13.14 6.37 -4.12
N GLY A 79 13.90 5.29 -4.01
CA GLY A 79 14.12 4.67 -2.72
C GLY A 79 14.98 3.40 -2.86
N PRO A 80 15.38 2.84 -1.69
CA PRO A 80 16.19 1.64 -1.67
C PRO A 80 15.35 0.40 -2.02
N SER A 81 15.95 -0.48 -2.81
CA SER A 81 15.28 -1.70 -3.21
C SER A 81 16.26 -2.63 -3.93
N SER A 82 16.40 -3.82 -3.39
CA SER A 82 17.31 -4.81 -3.96
C SER A 82 16.80 -6.22 -3.67
N GLY A 83 16.74 -7.03 -4.71
CA GLY A 83 16.27 -8.40 -4.59
C GLY A 83 17.42 -9.38 -4.77
N GLY A 1 1.88 -1.99 67.42
CA GLY A 1 1.43 -1.49 66.13
C GLY A 1 2.57 -0.76 65.41
N SER A 2 2.41 -0.63 64.10
CA SER A 2 3.41 0.03 63.29
C SER A 2 2.84 0.32 61.89
N SER A 3 2.41 -0.75 61.23
CA SER A 3 1.85 -0.63 59.89
C SER A 3 2.93 -0.16 58.91
N GLY A 4 2.67 -0.42 57.64
CA GLY A 4 3.61 -0.04 56.59
C GLY A 4 3.04 -0.33 55.21
N SER A 5 3.71 0.22 54.20
CA SER A 5 3.27 0.02 52.82
C SER A 5 4.40 0.40 51.86
N SER A 6 4.26 -0.07 50.63
CA SER A 6 5.26 0.21 49.61
C SER A 6 4.86 -0.46 48.29
N GLY A 7 4.95 0.31 47.22
CA GLY A 7 4.61 -0.20 45.91
C GLY A 7 4.98 0.80 44.81
N ASN A 8 5.29 0.27 43.64
CA ASN A 8 5.66 1.11 42.52
C ASN A 8 5.22 0.43 41.21
N PRO A 9 4.87 1.29 40.22
CA PRO A 9 4.43 0.80 38.92
C PRO A 9 5.60 0.26 38.10
N HIS A 10 5.31 -0.75 37.30
CA HIS A 10 6.34 -1.36 36.47
C HIS A 10 6.46 -0.58 35.16
N MET A 11 6.51 0.74 35.29
CA MET A 11 6.64 1.60 34.14
C MET A 11 7.53 0.97 33.06
N TRP A 12 7.17 1.24 31.81
CA TRP A 12 7.92 0.70 30.70
C TRP A 12 8.27 -0.76 31.01
N TRP A 13 7.31 -1.64 30.75
CA TRP A 13 7.50 -3.05 31.01
C TRP A 13 8.89 -3.43 30.50
N LEU A 14 9.16 -3.08 29.26
CA LEU A 14 10.45 -3.38 28.65
C LEU A 14 10.78 -2.31 27.62
N GLN A 15 10.15 -1.15 27.77
CA GLN A 15 10.37 -0.03 26.87
C GLN A 15 10.35 -0.53 25.42
N ASP A 16 10.89 0.31 24.55
CA ASP A 16 10.94 -0.02 23.13
C ASP A 16 12.28 0.44 22.55
N ALA A 17 12.57 -0.04 21.35
CA ALA A 17 13.81 0.31 20.69
C ALA A 17 13.72 -0.07 19.21
N ASP A 18 13.32 -1.31 18.97
CA ASP A 18 13.18 -1.81 17.61
C ASP A 18 12.91 -3.31 17.65
N PRO A 19 12.04 -3.77 16.72
CA PRO A 19 11.68 -5.17 16.65
C PRO A 19 12.82 -5.99 16.00
N GLU A 20 13.15 -5.60 14.77
CA GLU A 20 14.21 -6.28 14.05
C GLU A 20 14.80 -5.35 12.98
N ASN A 21 13.94 -4.89 12.11
CA ASN A 21 14.35 -4.00 11.03
C ASN A 21 13.14 -3.62 10.18
N ASN A 22 12.37 -4.64 9.83
CA ASN A 22 11.18 -4.44 9.02
C ASN A 22 10.43 -5.76 8.88
N SER A 23 11.14 -6.77 8.38
CA SER A 23 10.56 -8.09 8.19
C SER A 23 9.50 -8.03 7.10
N ARG A 24 9.04 -9.21 6.70
CA ARG A 24 8.02 -9.31 5.67
C ARG A 24 8.56 -8.75 4.35
N GLN A 25 8.08 -9.34 3.26
CA GLN A 25 8.51 -8.91 1.93
C GLN A 25 7.99 -7.50 1.65
N ALA A 26 8.50 -6.93 0.56
CA ALA A 26 8.11 -5.60 0.16
C ALA A 26 6.72 -5.64 -0.50
N SER A 27 5.74 -6.05 0.30
CA SER A 27 4.38 -6.15 -0.20
C SER A 27 3.41 -5.55 0.82
N PRO A 28 2.21 -5.13 0.32
CA PRO A 28 1.20 -4.56 1.17
C PRO A 28 0.50 -5.63 2.01
N SER A 29 -0.44 -5.19 2.83
CA SER A 29 -1.19 -6.10 3.67
C SER A 29 -2.69 -5.93 3.43
N GLN A 30 -3.41 -7.03 3.64
CA GLN A 30 -4.85 -7.01 3.46
C GLN A 30 -5.45 -5.70 3.97
N GLU A 31 -4.95 -5.26 5.11
CA GLU A 31 -5.41 -4.02 5.70
C GLU A 31 -5.27 -2.87 4.72
N SER A 32 -4.04 -2.37 4.60
CA SER A 32 -3.75 -1.28 3.69
C SER A 32 -4.60 -1.41 2.43
N ILE A 33 -4.56 -2.60 1.84
CA ILE A 33 -5.32 -2.87 0.63
C ILE A 33 -6.80 -2.62 0.90
N ASN A 34 -7.29 -3.23 1.97
CA ASN A 34 -8.68 -3.08 2.34
C ASN A 34 -8.98 -1.61 2.62
N GLN A 35 -8.10 -1.01 3.40
CA GLN A 35 -8.25 0.39 3.76
C GLN A 35 -8.31 1.26 2.49
N LEU A 36 -7.65 0.77 1.46
CA LEU A 36 -7.61 1.48 0.18
C LEU A 36 -8.98 1.37 -0.49
N VAL A 37 -9.42 0.12 -0.66
CA VAL A 37 -10.70 -0.13 -1.29
C VAL A 37 -11.76 0.81 -0.70
N TYR A 38 -11.69 0.97 0.61
CA TYR A 38 -12.63 1.83 1.30
C TYR A 38 -12.73 3.20 0.63
N MET A 39 -11.57 3.78 0.39
CA MET A 39 -11.52 5.09 -0.26
C MET A 39 -12.21 5.05 -1.63
N GLY A 40 -12.11 3.91 -2.27
CA GLY A 40 -12.73 3.73 -3.57
C GLY A 40 -11.69 3.32 -4.62
N PHE A 41 -10.98 2.25 -4.31
CA PHE A 41 -9.95 1.74 -5.20
C PHE A 41 -9.96 0.21 -5.24
N ASP A 42 -10.34 -0.32 -6.39
CA ASP A 42 -10.39 -1.76 -6.57
C ASP A 42 -9.19 -2.40 -5.89
N THR A 43 -9.47 -3.43 -5.10
CA THR A 43 -8.42 -4.13 -4.38
C THR A 43 -7.16 -4.22 -5.23
N VAL A 44 -7.31 -4.79 -6.42
CA VAL A 44 -6.20 -4.93 -7.34
C VAL A 44 -5.41 -3.62 -7.39
N VAL A 45 -6.14 -2.54 -7.64
CA VAL A 45 -5.52 -1.23 -7.72
C VAL A 45 -4.82 -0.93 -6.39
N ALA A 46 -5.46 -1.31 -5.31
CA ALA A 46 -4.91 -1.08 -3.98
C ALA A 46 -3.61 -1.87 -3.84
N GLU A 47 -3.69 -3.16 -4.13
CA GLU A 47 -2.53 -4.02 -4.04
C GLU A 47 -1.42 -3.52 -4.97
N ALA A 48 -1.79 -3.29 -6.22
CA ALA A 48 -0.84 -2.82 -7.21
C ALA A 48 -0.32 -1.45 -6.78
N ALA A 49 -1.25 -0.57 -6.44
CA ALA A 49 -0.90 0.77 -6.01
C ALA A 49 0.20 0.69 -4.94
N LEU A 50 -0.18 0.15 -3.79
CA LEU A 50 0.75 0.01 -2.69
C LEU A 50 2.11 -0.43 -3.23
N ARG A 51 2.15 -1.65 -3.75
CA ARG A 51 3.37 -2.19 -4.30
C ARG A 51 4.17 -1.09 -5.01
N VAL A 52 3.46 -0.32 -5.82
CA VAL A 52 4.09 0.77 -6.56
C VAL A 52 4.73 1.73 -5.57
N PHE A 53 3.89 2.53 -4.92
CA PHE A 53 4.36 3.50 -3.97
C PHE A 53 4.94 2.82 -2.73
N GLY A 54 6.02 2.07 -2.95
CA GLY A 54 6.68 1.36 -1.86
C GLY A 54 5.67 0.98 -0.77
N GLY A 55 4.56 0.41 -1.21
CA GLY A 55 3.52 -0.01 -0.29
C GLY A 55 3.27 1.07 0.77
N ASN A 56 2.70 2.18 0.32
CA ASN A 56 2.42 3.28 1.21
C ASN A 56 0.97 3.75 0.99
N VAL A 57 0.09 3.30 1.87
CA VAL A 57 -1.31 3.65 1.78
C VAL A 57 -1.44 5.14 1.42
N GLN A 58 -0.63 5.95 2.09
CA GLN A 58 -0.64 7.37 1.85
C GLN A 58 -0.23 7.68 0.41
N LEU A 59 1.05 7.47 0.13
CA LEU A 59 1.57 7.71 -1.20
C LEU A 59 0.56 7.23 -2.24
N ALA A 60 0.09 6.01 -2.04
CA ALA A 60 -0.88 5.41 -2.95
C ALA A 60 -2.12 6.30 -3.01
N ALA A 61 -2.74 6.48 -1.85
CA ALA A 61 -3.94 7.31 -1.76
C ALA A 61 -3.65 8.68 -2.39
N GLN A 62 -2.63 9.34 -1.88
CA GLN A 62 -2.25 10.64 -2.38
C GLN A 62 -2.30 10.67 -3.90
N THR A 63 -2.10 9.49 -4.49
CA THR A 63 -2.12 9.36 -5.93
C THR A 63 -3.50 8.90 -6.41
N LEU A 64 -4.00 7.87 -5.74
CA LEU A 64 -5.31 7.32 -6.09
C LEU A 64 -6.37 8.41 -5.95
N ALA A 65 -6.36 9.05 -4.79
CA ALA A 65 -7.31 10.12 -4.51
C ALA A 65 -7.13 11.24 -5.54
N HIS A 66 -5.91 11.73 -5.61
CA HIS A 66 -5.58 12.81 -6.54
C HIS A 66 -6.26 12.53 -7.89
N HIS A 67 -5.77 11.49 -8.56
CA HIS A 67 -6.32 11.12 -9.85
C HIS A 67 -7.85 11.07 -9.78
N GLY A 68 -8.34 10.09 -9.04
CA GLY A 68 -9.78 9.93 -8.87
C GLY A 68 -10.20 8.47 -9.11
N GLY A 69 -9.51 7.58 -8.41
CA GLY A 69 -9.80 6.16 -8.53
C GLY A 69 -9.17 5.57 -9.80
N SER A 70 -7.85 5.66 -9.86
CA SER A 70 -7.11 5.15 -11.00
C SER A 70 -5.62 5.45 -10.85
N LEU A 71 -4.82 4.56 -11.40
CA LEU A 71 -3.37 4.73 -11.34
C LEU A 71 -2.91 5.61 -12.49
N PRO A 72 -1.68 6.17 -12.33
CA PRO A 72 -1.11 7.04 -13.35
C PRO A 72 -0.63 6.23 -14.55
N PRO A 73 -0.77 6.84 -15.76
CA PRO A 73 -0.35 6.19 -16.99
C PRO A 73 1.18 6.20 -17.12
N ASP A 74 1.79 7.16 -16.45
CA ASP A 74 3.24 7.29 -16.49
C ASP A 74 3.71 7.97 -15.21
N LEU A 75 4.00 7.15 -14.21
CA LEU A 75 4.46 7.66 -12.93
C LEU A 75 5.95 7.34 -12.77
N GLN A 76 6.28 6.07 -12.95
CA GLN A 76 7.66 5.63 -12.82
C GLN A 76 8.14 5.03 -14.15
N PHE A 77 8.38 5.91 -15.11
CA PHE A 77 8.83 5.48 -16.42
C PHE A 77 10.36 5.47 -16.49
N SER A 78 10.87 4.95 -17.60
CA SER A 78 12.31 4.87 -17.80
C SER A 78 12.72 5.78 -18.95
N GLY A 79 14.00 5.73 -19.28
CA GLY A 79 14.53 6.54 -20.36
C GLY A 79 14.93 5.68 -21.56
N PRO A 80 14.02 5.61 -22.55
CA PRO A 80 14.26 4.83 -23.75
C PRO A 80 15.27 5.51 -24.67
N SER A 81 15.19 6.84 -24.70
CA SER A 81 16.09 7.63 -25.52
C SER A 81 15.99 7.17 -26.99
N SER A 82 16.80 6.18 -27.32
CA SER A 82 16.82 5.65 -28.66
C SER A 82 16.11 4.29 -28.70
N GLY A 83 16.59 3.38 -27.87
CA GLY A 83 16.01 2.05 -27.79
C GLY A 83 16.83 1.05 -28.60
N GLY A 1 -25.30 -34.24 -14.04
CA GLY A 1 -24.53 -35.03 -13.10
C GLY A 1 -23.32 -34.25 -12.59
N SER A 2 -23.24 -34.14 -11.27
CA SER A 2 -22.14 -33.42 -10.64
C SER A 2 -22.06 -33.79 -9.16
N SER A 3 -20.85 -33.74 -8.64
CA SER A 3 -20.63 -34.06 -7.23
C SER A 3 -19.32 -33.44 -6.76
N GLY A 4 -19.40 -32.73 -5.65
CA GLY A 4 -18.22 -32.08 -5.08
C GLY A 4 -18.43 -30.57 -4.96
N SER A 5 -18.96 -30.17 -3.82
CA SER A 5 -19.21 -28.76 -3.56
C SER A 5 -19.90 -28.58 -2.20
N SER A 6 -19.15 -28.04 -1.26
CA SER A 6 -19.67 -27.82 0.07
C SER A 6 -18.65 -27.04 0.91
N GLY A 7 -19.17 -26.29 1.87
CA GLY A 7 -18.33 -25.50 2.75
C GLY A 7 -18.27 -24.04 2.29
N ASN A 8 -18.53 -23.15 3.22
CA ASN A 8 -18.50 -21.73 2.93
C ASN A 8 -18.40 -20.94 4.24
N PRO A 9 -17.15 -20.49 4.53
CA PRO A 9 -16.90 -19.73 5.74
C PRO A 9 -17.40 -18.29 5.61
N HIS A 10 -18.37 -17.95 6.45
CA HIS A 10 -18.95 -16.63 6.44
C HIS A 10 -17.84 -15.58 6.44
N MET A 11 -16.76 -15.92 7.14
CA MET A 11 -15.63 -15.01 7.23
C MET A 11 -16.05 -13.66 7.80
N TRP A 12 -15.05 -12.92 8.28
CA TRP A 12 -15.30 -11.61 8.86
C TRP A 12 -14.28 -10.63 8.27
N TRP A 13 -13.02 -10.99 8.41
CA TRP A 13 -11.94 -10.15 7.89
C TRP A 13 -10.61 -10.83 8.24
N LEU A 14 -10.26 -10.74 9.51
CA LEU A 14 -9.02 -11.34 9.99
C LEU A 14 -9.34 -12.41 11.03
N GLN A 15 -9.28 -13.66 10.59
CA GLN A 15 -9.56 -14.78 11.48
C GLN A 15 -8.26 -15.52 11.83
N ASP A 16 -7.30 -15.41 10.92
CA ASP A 16 -6.01 -16.07 11.11
C ASP A 16 -5.37 -15.55 12.40
N ALA A 17 -5.62 -14.28 12.68
CA ALA A 17 -5.08 -13.65 13.87
C ALA A 17 -3.64 -14.12 14.07
N ASP A 18 -2.74 -13.51 13.30
CA ASP A 18 -1.33 -13.87 13.38
C ASP A 18 -0.49 -12.59 13.33
N PRO A 19 0.33 -12.38 14.39
CA PRO A 19 1.19 -11.22 14.48
C PRO A 19 2.38 -11.35 13.54
N GLU A 20 2.96 -12.54 13.54
CA GLU A 20 4.12 -12.81 12.70
C GLU A 20 3.96 -12.12 11.34
N ASN A 21 2.92 -12.52 10.63
CA ASN A 21 2.64 -11.95 9.32
C ASN A 21 2.89 -10.45 9.36
N ASN A 22 2.22 -9.79 10.29
CA ASN A 22 2.37 -8.35 10.45
C ASN A 22 3.75 -8.04 11.03
N SER A 23 4.72 -7.90 10.13
CA SER A 23 6.08 -7.61 10.53
C SER A 23 6.96 -7.41 9.29
N ARG A 24 8.10 -6.78 9.52
CA ARG A 24 9.04 -6.52 8.44
C ARG A 24 8.35 -5.75 7.32
N GLN A 25 9.17 -5.30 6.37
CA GLN A 25 8.66 -4.55 5.24
C GLN A 25 8.77 -5.37 3.95
N ALA A 26 7.64 -5.91 3.52
CA ALA A 26 7.61 -6.71 2.31
C ALA A 26 6.14 -6.97 1.93
N SER A 27 5.77 -6.47 0.76
CA SER A 27 4.42 -6.65 0.26
C SER A 27 3.43 -5.97 1.21
N PRO A 28 2.28 -5.53 0.63
CA PRO A 28 1.24 -4.88 1.42
C PRO A 28 0.47 -5.89 2.26
N SER A 29 -0.52 -5.38 2.98
CA SER A 29 -1.34 -6.24 3.83
C SER A 29 -2.82 -6.06 3.47
N GLN A 30 -3.58 -7.11 3.73
CA GLN A 30 -5.00 -7.09 3.43
C GLN A 30 -5.62 -5.78 3.93
N GLU A 31 -5.16 -5.35 5.09
CA GLU A 31 -5.66 -4.12 5.69
C GLU A 31 -5.32 -2.92 4.79
N SER A 32 -4.04 -2.61 4.73
CA SER A 32 -3.58 -1.49 3.92
C SER A 32 -4.33 -1.47 2.59
N ILE A 33 -4.67 -2.65 2.11
CA ILE A 33 -5.38 -2.78 0.85
C ILE A 33 -6.88 -2.53 1.10
N ASN A 34 -7.38 -3.16 2.15
CA ASN A 34 -8.79 -3.02 2.50
C ASN A 34 -9.08 -1.55 2.82
N GLN A 35 -8.14 -0.93 3.52
CA GLN A 35 -8.29 0.47 3.90
C GLN A 35 -8.31 1.35 2.65
N LEU A 36 -7.68 0.86 1.60
CA LEU A 36 -7.62 1.59 0.35
C LEU A 36 -8.97 1.47 -0.37
N VAL A 37 -9.37 0.24 -0.64
CA VAL A 37 -10.62 -0.01 -1.31
C VAL A 37 -11.71 0.88 -0.71
N TYR A 38 -11.72 0.94 0.61
CA TYR A 38 -12.70 1.75 1.32
C TYR A 38 -12.82 3.13 0.67
N MET A 39 -11.68 3.76 0.46
CA MET A 39 -11.66 5.08 -0.14
C MET A 39 -12.34 5.07 -1.51
N GLY A 40 -12.08 4.00 -2.26
CA GLY A 40 -12.65 3.86 -3.58
C GLY A 40 -11.58 3.48 -4.61
N PHE A 41 -10.90 2.38 -4.32
CA PHE A 41 -9.85 1.90 -5.21
C PHE A 41 -9.84 0.37 -5.27
N ASP A 42 -10.14 -0.14 -6.47
CA ASP A 42 -10.17 -1.58 -6.67
C ASP A 42 -8.99 -2.21 -5.93
N THR A 43 -9.30 -3.26 -5.19
CA THR A 43 -8.28 -3.97 -4.43
C THR A 43 -6.99 -4.05 -5.24
N VAL A 44 -7.10 -4.57 -6.45
CA VAL A 44 -5.95 -4.71 -7.32
C VAL A 44 -5.16 -3.39 -7.33
N VAL A 45 -5.89 -2.31 -7.56
CA VAL A 45 -5.26 -1.00 -7.59
C VAL A 45 -4.60 -0.72 -6.25
N ALA A 46 -5.29 -1.09 -5.18
CA ALA A 46 -4.78 -0.89 -3.84
C ALA A 46 -3.50 -1.70 -3.66
N GLU A 47 -3.62 -3.00 -3.89
CA GLU A 47 -2.48 -3.88 -3.76
C GLU A 47 -1.35 -3.46 -4.71
N ALA A 48 -1.73 -3.28 -5.97
CA ALA A 48 -0.78 -2.87 -6.99
C ALA A 48 -0.16 -1.53 -6.58
N ALA A 49 -1.02 -0.59 -6.25
CA ALA A 49 -0.57 0.74 -5.85
C ALA A 49 0.53 0.60 -4.80
N LEU A 50 0.21 -0.13 -3.74
CA LEU A 50 1.18 -0.34 -2.67
C LEU A 50 2.49 -0.87 -3.25
N ARG A 51 2.37 -1.48 -4.42
CA ARG A 51 3.53 -2.03 -5.10
C ARG A 51 4.25 -0.94 -5.88
N VAL A 52 3.49 0.07 -6.27
CA VAL A 52 4.03 1.18 -7.03
C VAL A 52 4.78 2.13 -6.08
N PHE A 53 4.11 2.45 -4.97
CA PHE A 53 4.68 3.33 -3.99
C PHE A 53 5.34 2.54 -2.86
N GLY A 54 6.05 1.50 -3.25
CA GLY A 54 6.73 0.65 -2.29
C GLY A 54 5.74 -0.14 -1.43
N GLY A 55 4.89 0.61 -0.74
CA GLY A 55 3.89 0.00 0.10
C GLY A 55 3.30 1.02 1.08
N ASN A 56 3.06 2.21 0.57
CA ASN A 56 2.51 3.28 1.39
C ASN A 56 1.04 3.49 1.03
N VAL A 57 0.18 3.27 2.01
CA VAL A 57 -1.25 3.43 1.81
C VAL A 57 -1.55 4.88 1.41
N GLN A 58 -0.89 5.79 2.10
CA GLN A 58 -1.07 7.22 1.83
C GLN A 58 -0.64 7.54 0.40
N LEU A 59 0.65 7.34 0.15
CA LEU A 59 1.20 7.60 -1.17
C LEU A 59 0.21 7.14 -2.24
N ALA A 60 -0.22 5.89 -2.09
CA ALA A 60 -1.16 5.32 -3.04
C ALA A 60 -2.39 6.21 -3.14
N ALA A 61 -3.05 6.39 -2.00
CA ALA A 61 -4.24 7.23 -1.95
C ALA A 61 -3.92 8.61 -2.54
N GLN A 62 -2.93 9.26 -1.94
CA GLN A 62 -2.52 10.57 -2.41
C GLN A 62 -2.56 10.64 -3.93
N THR A 63 -2.28 9.49 -4.55
CA THR A 63 -2.28 9.42 -6.00
C THR A 63 -3.68 9.07 -6.51
N LEU A 64 -4.21 7.98 -5.99
CA LEU A 64 -5.54 7.54 -6.39
C LEU A 64 -6.54 8.68 -6.21
N ALA A 65 -6.55 9.23 -4.99
CA ALA A 65 -7.45 10.33 -4.68
C ALA A 65 -7.27 11.43 -5.71
N HIS A 66 -6.03 11.88 -5.85
CA HIS A 66 -5.72 12.95 -6.81
C HIS A 66 -6.49 12.71 -8.10
N HIS A 67 -6.37 11.49 -8.61
CA HIS A 67 -7.05 11.13 -9.85
C HIS A 67 -8.39 10.48 -9.52
N GLY A 68 -8.93 9.79 -10.52
CA GLY A 68 -10.21 9.11 -10.35
C GLY A 68 -10.00 7.64 -10.01
N GLY A 69 -9.48 7.40 -8.81
CA GLY A 69 -9.24 6.04 -8.36
C GLY A 69 -8.59 5.20 -9.47
N SER A 70 -7.39 5.61 -9.86
CA SER A 70 -6.66 4.91 -10.89
C SER A 70 -5.18 5.33 -10.87
N LEU A 71 -4.32 4.34 -10.99
CA LEU A 71 -2.89 4.58 -10.99
C LEU A 71 -2.53 5.48 -12.17
N PRO A 72 -1.34 6.14 -12.05
CA PRO A 72 -0.87 7.02 -13.10
C PRO A 72 -0.36 6.23 -14.31
N PRO A 73 -0.61 6.80 -15.52
CA PRO A 73 -0.18 6.15 -16.75
C PRO A 73 1.33 6.29 -16.95
N ASP A 74 1.88 7.33 -16.33
CA ASP A 74 3.31 7.60 -16.44
C ASP A 74 3.80 8.26 -15.14
N LEU A 75 4.23 7.42 -14.22
CA LEU A 75 4.73 7.91 -12.94
C LEU A 75 6.21 7.57 -12.82
N GLN A 76 6.54 6.33 -13.12
CA GLN A 76 7.92 5.87 -13.05
C GLN A 76 8.49 5.68 -14.45
N PHE A 77 9.54 6.44 -14.74
CA PHE A 77 10.19 6.36 -16.04
C PHE A 77 10.98 5.06 -16.18
N SER A 78 10.92 4.48 -17.37
CA SER A 78 11.63 3.24 -17.64
C SER A 78 12.72 3.49 -18.69
N GLY A 79 13.77 2.69 -18.60
CA GLY A 79 14.88 2.80 -19.54
C GLY A 79 14.37 2.83 -20.99
N PRO A 80 13.98 1.62 -21.48
CA PRO A 80 13.48 1.49 -22.84
C PRO A 80 12.07 2.03 -22.96
N SER A 81 11.92 3.05 -23.79
CA SER A 81 10.62 3.67 -24.01
C SER A 81 10.52 4.21 -25.44
N SER A 82 9.29 4.38 -25.89
CA SER A 82 9.05 4.89 -27.23
C SER A 82 9.02 6.42 -27.21
N GLY A 83 10.09 7.00 -27.75
CA GLY A 83 10.20 8.45 -27.80
C GLY A 83 9.84 8.98 -29.19
N GLY A 1 3.53 -8.50 -12.03
CA GLY A 1 3.69 -9.88 -12.40
C GLY A 1 2.34 -10.61 -12.44
N SER A 2 2.30 -11.77 -11.78
CA SER A 2 1.09 -12.55 -11.73
C SER A 2 1.13 -13.53 -10.55
N SER A 3 -0.03 -14.05 -10.21
CA SER A 3 -0.13 -14.99 -9.11
C SER A 3 -0.06 -16.43 -9.62
N GLY A 4 0.37 -17.33 -8.74
CA GLY A 4 0.49 -18.72 -9.11
C GLY A 4 -0.16 -19.62 -8.05
N SER A 5 -1.36 -20.08 -8.37
CA SER A 5 -2.10 -20.94 -7.46
C SER A 5 -2.40 -20.19 -6.16
N SER A 6 -3.66 -20.27 -5.75
CA SER A 6 -4.10 -19.60 -4.53
C SER A 6 -5.28 -20.35 -3.92
N GLY A 7 -5.10 -20.76 -2.68
CA GLY A 7 -6.14 -21.48 -1.97
C GLY A 7 -5.56 -22.27 -0.79
N ASN A 8 -5.66 -23.58 -0.90
CA ASN A 8 -5.14 -24.46 0.15
C ASN A 8 -3.69 -24.08 0.46
N PRO A 9 -3.41 -23.92 1.78
CA PRO A 9 -2.08 -23.56 2.23
C PRO A 9 -1.13 -24.75 2.14
N HIS A 10 0.07 -24.48 1.66
CA HIS A 10 1.08 -25.51 1.52
C HIS A 10 1.17 -26.32 2.82
N MET A 11 1.03 -25.61 3.93
CA MET A 11 1.09 -26.24 5.24
C MET A 11 2.37 -27.08 5.38
N TRP A 12 3.40 -26.42 5.92
CA TRP A 12 4.68 -27.08 6.11
C TRP A 12 4.50 -28.14 7.20
N TRP A 13 4.35 -27.68 8.43
CA TRP A 13 4.16 -28.56 9.57
C TRP A 13 5.51 -29.21 9.87
N LEU A 14 5.86 -29.20 11.16
CA LEU A 14 7.11 -29.78 11.61
C LEU A 14 8.25 -29.28 10.71
N GLN A 15 8.88 -28.22 11.16
CA GLN A 15 9.98 -27.63 10.41
C GLN A 15 9.46 -26.95 9.14
N ASP A 16 9.72 -25.65 9.05
CA ASP A 16 9.28 -24.89 7.90
C ASP A 16 10.48 -24.56 7.02
N ALA A 17 10.19 -24.08 5.82
CA ALA A 17 11.23 -23.73 4.88
C ALA A 17 12.33 -22.94 5.59
N ASP A 18 11.91 -21.81 6.17
CA ASP A 18 12.83 -20.95 6.89
C ASP A 18 12.21 -20.54 8.22
N PRO A 19 12.59 -21.28 9.30
CA PRO A 19 12.08 -21.00 10.62
C PRO A 19 12.73 -19.75 11.22
N GLU A 20 14.06 -19.78 11.24
CA GLU A 20 14.81 -18.66 11.78
C GLU A 20 15.89 -18.22 10.78
N ASN A 21 15.45 -17.49 9.76
CA ASN A 21 16.36 -17.00 8.74
C ASN A 21 16.06 -15.53 8.46
N ASN A 22 17.11 -14.73 8.55
CA ASN A 22 16.98 -13.29 8.30
C ASN A 22 16.07 -13.07 7.09
N SER A 23 14.94 -12.43 7.35
CA SER A 23 13.97 -12.16 6.31
C SER A 23 12.89 -11.23 6.83
N ARG A 24 12.94 -9.97 6.39
CA ARG A 24 11.97 -8.99 6.80
C ARG A 24 10.73 -9.05 5.91
N GLN A 25 9.57 -8.89 6.55
CA GLN A 25 8.31 -8.92 5.83
C GLN A 25 8.36 -7.97 4.63
N ALA A 26 7.46 -8.22 3.68
CA ALA A 26 7.38 -7.39 2.49
C ALA A 26 5.95 -7.43 1.94
N SER A 27 5.74 -6.63 0.91
CA SER A 27 4.42 -6.57 0.28
C SER A 27 3.43 -5.89 1.24
N PRO A 28 2.27 -5.48 0.65
CA PRO A 28 1.24 -4.81 1.43
C PRO A 28 0.48 -5.83 2.29
N SER A 29 -0.43 -5.30 3.11
CA SER A 29 -1.22 -6.14 3.98
C SER A 29 -2.70 -6.02 3.63
N GLN A 30 -3.41 -7.12 3.81
CA GLN A 30 -4.84 -7.14 3.52
C GLN A 30 -5.51 -5.87 4.02
N GLU A 31 -5.00 -5.37 5.13
CA GLU A 31 -5.54 -4.16 5.73
C GLU A 31 -5.31 -2.96 4.81
N SER A 32 -4.05 -2.56 4.71
CA SER A 32 -3.69 -1.43 3.87
C SER A 32 -4.47 -1.49 2.55
N ILE A 33 -4.68 -2.72 2.08
CA ILE A 33 -5.39 -2.92 0.84
C ILE A 33 -6.89 -2.71 1.08
N ASN A 34 -7.38 -3.31 2.16
CA ASN A 34 -8.78 -3.20 2.51
C ASN A 34 -9.11 -1.73 2.83
N GLN A 35 -8.20 -1.09 3.55
CA GLN A 35 -8.37 0.30 3.92
C GLN A 35 -8.42 1.17 2.67
N LEU A 36 -7.75 0.71 1.63
CA LEU A 36 -7.71 1.44 0.38
C LEU A 36 -9.05 1.28 -0.34
N VAL A 37 -9.45 0.04 -0.52
CA VAL A 37 -10.71 -0.26 -1.20
C VAL A 37 -11.81 0.64 -0.61
N TYR A 38 -11.73 0.85 0.68
CA TYR A 38 -12.71 1.68 1.37
C TYR A 38 -12.75 3.09 0.76
N MET A 39 -11.58 3.71 0.71
CA MET A 39 -11.48 5.06 0.17
C MET A 39 -12.15 5.14 -1.21
N GLY A 40 -12.00 4.06 -1.96
CA GLY A 40 -12.58 3.99 -3.30
C GLY A 40 -11.52 3.65 -4.33
N PHE A 41 -10.88 2.51 -4.13
CA PHE A 41 -9.85 2.04 -5.04
C PHE A 41 -9.83 0.52 -5.13
N ASP A 42 -10.18 0.02 -6.32
CA ASP A 42 -10.22 -1.41 -6.54
C ASP A 42 -9.01 -2.06 -5.87
N THR A 43 -9.28 -3.15 -5.18
CA THR A 43 -8.22 -3.88 -4.50
C THR A 43 -6.96 -3.92 -5.35
N VAL A 44 -7.10 -4.50 -6.54
CA VAL A 44 -5.98 -4.61 -7.45
C VAL A 44 -5.18 -3.31 -7.45
N VAL A 45 -5.90 -2.21 -7.62
CA VAL A 45 -5.27 -0.90 -7.63
C VAL A 45 -4.58 -0.66 -6.28
N ALA A 46 -5.27 -1.06 -5.23
CA ALA A 46 -4.74 -0.89 -3.88
C ALA A 46 -3.46 -1.71 -3.74
N GLU A 47 -3.58 -3.00 -4.04
CA GLU A 47 -2.44 -3.90 -3.95
C GLU A 47 -1.32 -3.43 -4.88
N ALA A 48 -1.70 -3.19 -6.13
CA ALA A 48 -0.73 -2.74 -7.12
C ALA A 48 -0.12 -1.41 -6.68
N ALA A 49 -1.01 -0.49 -6.29
CA ALA A 49 -0.56 0.82 -5.83
C ALA A 49 0.52 0.65 -4.78
N LEU A 50 0.19 -0.11 -3.74
CA LEU A 50 1.12 -0.35 -2.66
C LEU A 50 2.45 -0.88 -3.24
N ARG A 51 2.35 -1.42 -4.44
CA ARG A 51 3.51 -1.95 -5.12
C ARG A 51 4.24 -0.85 -5.89
N VAL A 52 3.48 0.18 -6.24
CA VAL A 52 4.03 1.30 -6.98
C VAL A 52 4.76 2.23 -6.01
N PHE A 53 4.13 2.46 -4.87
CA PHE A 53 4.71 3.32 -3.85
C PHE A 53 5.32 2.51 -2.72
N GLY A 54 6.04 1.46 -3.11
CA GLY A 54 6.68 0.59 -2.13
C GLY A 54 5.65 -0.20 -1.34
N GLY A 55 4.80 0.54 -0.65
CA GLY A 55 3.75 -0.08 0.16
C GLY A 55 3.13 0.93 1.12
N ASN A 56 2.90 2.13 0.60
CA ASN A 56 2.31 3.19 1.41
C ASN A 56 0.86 3.39 0.99
N VAL A 57 -0.03 3.30 1.97
CA VAL A 57 -1.45 3.47 1.72
C VAL A 57 -1.72 4.91 1.31
N GLN A 58 -1.09 5.83 2.02
CA GLN A 58 -1.25 7.25 1.75
C GLN A 58 -0.68 7.59 0.38
N LEU A 59 0.60 7.30 0.21
CA LEU A 59 1.28 7.57 -1.04
C LEU A 59 0.40 7.11 -2.21
N ALA A 60 -0.25 5.97 -2.00
CA ALA A 60 -1.12 5.42 -3.01
C ALA A 60 -2.37 6.29 -3.14
N ALA A 61 -3.13 6.36 -2.04
CA ALA A 61 -4.33 7.16 -2.02
C ALA A 61 -4.05 8.54 -2.60
N GLN A 62 -2.95 9.13 -2.14
CA GLN A 62 -2.56 10.45 -2.61
C GLN A 62 -2.60 10.50 -4.14
N THR A 63 -2.16 9.42 -4.76
CA THR A 63 -2.15 9.32 -6.21
C THR A 63 -3.54 9.01 -6.74
N LEU A 64 -4.17 8.01 -6.13
CA LEU A 64 -5.50 7.61 -6.52
C LEU A 64 -6.45 8.80 -6.40
N ALA A 65 -6.57 9.30 -5.18
CA ALA A 65 -7.44 10.44 -4.91
C ALA A 65 -7.17 11.52 -5.95
N HIS A 66 -5.91 11.91 -6.05
CA HIS A 66 -5.51 12.94 -6.99
C HIS A 66 -6.03 12.60 -8.39
N HIS A 67 -5.33 11.68 -9.04
CA HIS A 67 -5.71 11.25 -10.37
C HIS A 67 -7.23 11.10 -10.45
N GLY A 68 -7.70 9.95 -10.01
CA GLY A 68 -9.13 9.66 -10.02
C GLY A 68 -9.40 8.18 -9.81
N GLY A 69 -8.64 7.60 -8.89
CA GLY A 69 -8.79 6.18 -8.59
C GLY A 69 -7.88 5.33 -9.48
N SER A 70 -7.72 5.79 -10.72
CA SER A 70 -6.88 5.09 -11.68
C SER A 70 -5.41 5.31 -11.34
N LEU A 71 -4.63 4.25 -11.54
CA LEU A 71 -3.20 4.31 -11.25
C LEU A 71 -2.52 5.21 -12.28
N PRO A 72 -1.29 5.66 -11.94
CA PRO A 72 -0.52 6.52 -12.81
C PRO A 72 0.05 5.74 -14.00
N PRO A 73 -0.44 6.10 -15.22
CA PRO A 73 0.01 5.45 -16.44
C PRO A 73 1.42 5.91 -16.82
N ASP A 74 1.85 6.98 -16.17
CA ASP A 74 3.17 7.52 -16.43
C ASP A 74 4.20 6.88 -15.50
N LEU A 75 3.92 6.99 -14.20
CA LEU A 75 4.80 6.42 -13.20
C LEU A 75 4.90 4.91 -13.42
N GLN A 76 3.76 4.28 -13.66
CA GLN A 76 3.71 2.85 -13.89
C GLN A 76 2.75 2.53 -15.03
N PHE A 77 3.29 1.90 -16.07
CA PHE A 77 2.49 1.53 -17.22
C PHE A 77 2.42 0.01 -17.37
N SER A 78 1.78 -0.42 -18.45
CA SER A 78 1.63 -1.83 -18.72
C SER A 78 0.80 -2.04 -19.98
N GLY A 79 1.39 -1.70 -21.12
CA GLY A 79 0.72 -1.84 -22.39
C GLY A 79 0.63 -0.49 -23.12
N PRO A 80 1.62 -0.26 -24.01
CA PRO A 80 1.67 0.98 -24.78
C PRO A 80 0.62 0.97 -25.89
N SER A 81 -0.63 0.91 -25.48
CA SER A 81 -1.74 0.90 -26.43
C SER A 81 -1.72 -0.41 -27.22
N SER A 82 -0.73 -0.52 -28.10
CA SER A 82 -0.59 -1.70 -28.92
C SER A 82 -1.82 -1.88 -29.81
N GLY A 83 -1.86 -1.10 -30.88
CA GLY A 83 -2.98 -1.16 -31.81
C GLY A 83 -2.81 -0.14 -32.94
N GLY A 1 -2.47 33.97 13.97
CA GLY A 1 -3.20 33.35 15.05
C GLY A 1 -3.21 31.83 14.89
N SER A 2 -2.20 31.20 15.48
CA SER A 2 -2.07 29.75 15.42
C SER A 2 -2.01 29.18 16.84
N SER A 3 -2.69 28.06 17.01
CA SER A 3 -2.72 27.40 18.32
C SER A 3 -1.44 26.59 18.51
N GLY A 4 -1.14 26.30 19.77
CA GLY A 4 0.05 25.54 20.11
C GLY A 4 -0.20 24.04 19.93
N SER A 5 0.73 23.25 20.44
CA SER A 5 0.63 21.81 20.34
C SER A 5 1.13 21.16 21.64
N SER A 6 0.75 19.90 21.82
CA SER A 6 1.14 19.16 23.01
C SER A 6 1.90 17.89 22.60
N GLY A 7 2.96 17.62 23.35
CA GLY A 7 3.77 16.44 23.08
C GLY A 7 5.24 16.83 22.86
N ASN A 8 5.72 16.55 21.66
CA ASN A 8 7.09 16.87 21.31
C ASN A 8 8.04 16.16 22.27
N PRO A 9 8.51 14.96 21.84
CA PRO A 9 9.42 14.17 22.65
C PRO A 9 10.83 14.77 22.64
N HIS A 10 11.42 14.81 23.83
CA HIS A 10 12.75 15.36 23.97
C HIS A 10 13.69 14.71 22.95
N MET A 11 13.53 13.41 22.79
CA MET A 11 14.35 12.66 21.86
C MET A 11 15.83 12.79 22.21
N TRP A 12 16.61 11.80 21.76
CA TRP A 12 18.03 11.79 22.02
C TRP A 12 18.71 10.99 20.89
N TRP A 13 19.99 10.74 21.08
CA TRP A 13 20.76 9.99 20.09
C TRP A 13 21.40 8.80 20.80
N LEU A 14 22.25 9.11 21.77
CA LEU A 14 22.93 8.08 22.52
C LEU A 14 23.35 6.96 21.58
N GLN A 15 23.92 7.35 20.44
CA GLN A 15 24.36 6.39 19.45
C GLN A 15 23.16 5.62 18.88
N ASP A 16 22.74 6.06 17.71
CA ASP A 16 21.60 5.43 17.04
C ASP A 16 21.49 5.97 15.62
N ALA A 17 22.11 5.26 14.69
CA ALA A 17 22.09 5.66 13.29
C ALA A 17 20.88 5.01 12.60
N ASP A 18 20.93 3.69 12.51
CA ASP A 18 19.86 2.94 11.88
C ASP A 18 19.56 3.54 10.50
N PRO A 19 20.17 2.92 9.47
CA PRO A 19 19.98 3.39 8.09
C PRO A 19 18.61 2.98 7.57
N GLU A 20 18.31 1.70 7.71
CA GLU A 20 17.03 1.18 7.26
C GLU A 20 16.32 0.43 8.40
N ASN A 21 17.10 -0.35 9.12
CA ASN A 21 16.56 -1.12 10.24
C ASN A 21 15.66 -2.23 9.69
N ASN A 22 14.59 -1.82 9.04
CA ASN A 22 13.65 -2.76 8.47
C ASN A 22 12.80 -2.06 7.40
N SER A 23 13.00 -2.49 6.17
CA SER A 23 12.27 -1.91 5.05
C SER A 23 11.66 -3.02 4.20
N ARG A 24 10.36 -3.16 4.32
CA ARG A 24 9.64 -4.18 3.56
C ARG A 24 9.96 -4.06 2.07
N GLN A 25 9.77 -5.17 1.37
CA GLN A 25 10.03 -5.21 -0.06
C GLN A 25 8.75 -5.48 -0.84
N ALA A 26 8.01 -4.40 -1.09
CA ALA A 26 6.76 -4.51 -1.81
C ALA A 26 5.93 -5.66 -1.24
N SER A 27 5.24 -5.36 -0.15
CA SER A 27 4.41 -6.35 0.51
C SER A 27 3.35 -5.67 1.37
N PRO A 28 2.23 -5.28 0.70
CA PRO A 28 1.14 -4.61 1.39
C PRO A 28 0.32 -5.60 2.23
N SER A 29 -0.33 -5.07 3.24
CA SER A 29 -1.14 -5.90 4.12
C SER A 29 -2.61 -5.79 3.73
N GLN A 30 -3.32 -6.90 3.89
CA GLN A 30 -4.73 -6.94 3.56
C GLN A 30 -5.43 -5.67 4.04
N GLU A 31 -5.10 -5.26 5.26
CA GLU A 31 -5.67 -4.07 5.84
C GLU A 31 -5.35 -2.85 4.97
N SER A 32 -4.09 -2.76 4.58
CA SER A 32 -3.63 -1.65 3.76
C SER A 32 -4.41 -1.63 2.44
N ILE A 33 -4.70 -2.83 1.94
CA ILE A 33 -5.44 -2.96 0.69
C ILE A 33 -6.92 -2.71 0.95
N ASN A 34 -7.41 -3.31 2.02
CA ASN A 34 -8.82 -3.16 2.39
C ASN A 34 -9.09 -1.70 2.74
N GLN A 35 -8.12 -1.08 3.40
CA GLN A 35 -8.26 0.30 3.80
C GLN A 35 -8.27 1.21 2.57
N LEU A 36 -7.64 0.72 1.50
CA LEU A 36 -7.57 1.47 0.26
C LEU A 36 -8.92 1.39 -0.46
N VAL A 37 -9.35 0.15 -0.70
CA VAL A 37 -10.62 -0.08 -1.37
C VAL A 37 -11.69 0.79 -0.73
N TYR A 38 -11.59 0.93 0.58
CA TYR A 38 -12.55 1.72 1.33
C TYR A 38 -12.73 3.11 0.70
N MET A 39 -11.60 3.74 0.40
CA MET A 39 -11.60 5.06 -0.20
C MET A 39 -12.30 5.03 -1.57
N GLY A 40 -12.10 3.92 -2.27
CA GLY A 40 -12.69 3.76 -3.59
C GLY A 40 -11.63 3.36 -4.62
N PHE A 41 -10.91 2.30 -4.30
CA PHE A 41 -9.87 1.81 -5.18
C PHE A 41 -9.88 0.28 -5.26
N ASP A 42 -10.27 -0.21 -6.44
CA ASP A 42 -10.33 -1.65 -6.65
C ASP A 42 -9.15 -2.32 -5.96
N THR A 43 -9.45 -3.37 -5.21
CA THR A 43 -8.42 -4.11 -4.50
C THR A 43 -7.14 -4.17 -5.34
N VAL A 44 -7.29 -4.65 -6.56
CA VAL A 44 -6.16 -4.78 -7.46
C VAL A 44 -5.38 -3.46 -7.47
N VAL A 45 -6.12 -2.37 -7.67
CA VAL A 45 -5.51 -1.06 -7.71
C VAL A 45 -4.79 -0.79 -6.38
N ALA A 46 -5.45 -1.20 -5.30
CA ALA A 46 -4.89 -1.01 -3.97
C ALA A 46 -3.58 -1.81 -3.86
N GLU A 47 -3.69 -3.10 -4.09
CA GLU A 47 -2.54 -3.98 -4.02
C GLU A 47 -1.42 -3.47 -4.93
N ALA A 48 -1.79 -3.23 -6.19
CA ALA A 48 -0.84 -2.73 -7.16
C ALA A 48 -0.31 -1.37 -6.70
N ALA A 49 -1.23 -0.49 -6.38
CA ALA A 49 -0.87 0.85 -5.93
C ALA A 49 0.24 0.74 -4.87
N LEU A 50 -0.11 0.10 -3.76
CA LEU A 50 0.83 -0.08 -2.68
C LEU A 50 2.19 -0.50 -3.25
N ARG A 51 2.20 -1.70 -3.82
CA ARG A 51 3.43 -2.23 -4.41
C ARG A 51 4.21 -1.11 -5.10
N VAL A 52 3.49 -0.29 -5.84
CA VAL A 52 4.10 0.82 -6.55
C VAL A 52 4.79 1.75 -5.56
N PHE A 53 3.99 2.51 -4.84
CA PHE A 53 4.51 3.44 -3.85
C PHE A 53 5.10 2.68 -2.66
N GLY A 54 6.16 1.95 -2.93
CA GLY A 54 6.82 1.18 -1.88
C GLY A 54 5.84 0.77 -0.79
N GLY A 55 4.67 0.32 -1.22
CA GLY A 55 3.63 -0.11 -0.30
C GLY A 55 3.32 1.01 0.71
N ASN A 56 2.90 2.14 0.19
CA ASN A 56 2.57 3.28 1.03
C ASN A 56 1.10 3.65 0.82
N VAL A 57 0.27 3.16 1.73
CA VAL A 57 -1.16 3.42 1.66
C VAL A 57 -1.38 4.88 1.25
N GLN A 58 -0.60 5.76 1.87
CA GLN A 58 -0.71 7.18 1.59
C GLN A 58 -0.32 7.46 0.13
N LEU A 59 0.98 7.36 -0.13
CA LEU A 59 1.49 7.60 -1.47
C LEU A 59 0.55 6.96 -2.49
N ALA A 60 -0.12 5.90 -2.06
CA ALA A 60 -1.05 5.20 -2.92
C ALA A 60 -2.34 6.01 -3.04
N ALA A 61 -2.87 6.39 -1.89
CA ALA A 61 -4.10 7.17 -1.85
C ALA A 61 -3.82 8.58 -2.39
N GLN A 62 -2.79 9.20 -1.81
CA GLN A 62 -2.41 10.54 -2.21
C GLN A 62 -2.58 10.71 -3.73
N THR A 63 -2.07 9.73 -4.46
CA THR A 63 -2.15 9.76 -5.91
C THR A 63 -3.55 9.36 -6.37
N LEU A 64 -3.99 8.20 -5.90
CA LEU A 64 -5.31 7.70 -6.25
C LEU A 64 -6.34 8.82 -6.06
N ALA A 65 -6.41 9.31 -4.84
CA ALA A 65 -7.34 10.37 -4.51
C ALA A 65 -7.26 11.46 -5.58
N HIS A 66 -6.05 11.92 -5.82
CA HIS A 66 -5.81 12.95 -6.81
C HIS A 66 -6.59 12.63 -8.09
N HIS A 67 -6.05 11.68 -8.84
CA HIS A 67 -6.68 11.26 -10.08
C HIS A 67 -8.17 11.00 -9.84
N GLY A 68 -8.43 10.11 -8.89
CA GLY A 68 -9.80 9.75 -8.56
C GLY A 68 -9.91 8.27 -8.22
N GLY A 69 -8.88 7.53 -8.58
CA GLY A 69 -8.85 6.10 -8.31
C GLY A 69 -8.67 5.30 -9.60
N SER A 70 -7.82 5.84 -10.48
CA SER A 70 -7.55 5.19 -11.76
C SER A 70 -6.05 4.92 -11.89
N LEU A 71 -5.31 5.35 -10.88
CA LEU A 71 -3.87 5.17 -10.88
C LEU A 71 -3.24 6.02 -11.99
N PRO A 72 -1.94 6.34 -11.79
CA PRO A 72 -1.21 7.14 -12.76
C PRO A 72 -0.86 6.32 -14.00
N PRO A 73 -1.07 6.94 -15.19
CA PRO A 73 -0.77 6.27 -16.45
C PRO A 73 0.74 6.22 -16.70
N ASP A 74 1.44 7.14 -16.05
CA ASP A 74 2.90 7.21 -16.19
C ASP A 74 3.49 7.90 -14.96
N LEU A 75 3.16 7.35 -13.80
CA LEU A 75 3.65 7.90 -12.55
C LEU A 75 5.11 8.37 -12.74
N GLN A 76 6.02 7.48 -12.44
CA GLN A 76 7.44 7.78 -12.57
C GLN A 76 7.92 7.47 -13.99
N PHE A 77 7.57 8.37 -14.90
CA PHE A 77 7.95 8.22 -16.30
C PHE A 77 7.85 6.75 -16.73
N SER A 78 6.64 6.37 -17.11
CA SER A 78 6.37 5.01 -17.55
C SER A 78 6.53 4.92 -19.07
N GLY A 79 5.68 5.67 -19.76
CA GLY A 79 5.71 5.68 -21.22
C GLY A 79 4.53 4.91 -21.80
N PRO A 80 3.43 5.66 -22.08
CA PRO A 80 2.23 5.06 -22.64
C PRO A 80 2.42 4.72 -24.11
N SER A 81 3.09 3.60 -24.34
CA SER A 81 3.35 3.15 -25.70
C SER A 81 2.38 2.02 -26.06
N SER A 82 2.40 0.98 -25.25
CA SER A 82 1.53 -0.17 -25.48
C SER A 82 1.82 -0.78 -26.85
N GLY A 83 2.62 -1.85 -26.81
CA GLY A 83 2.99 -2.53 -28.04
C GLY A 83 4.32 -3.27 -27.88
N GLY A 1 23.78 1.01 -20.45
CA GLY A 1 22.94 -0.13 -20.14
C GLY A 1 21.75 0.29 -19.28
N SER A 2 20.57 0.31 -19.90
CA SER A 2 19.36 0.69 -19.20
C SER A 2 18.14 0.32 -20.04
N SER A 3 17.28 -0.51 -19.45
CA SER A 3 16.08 -0.94 -20.13
C SER A 3 14.90 -0.96 -19.15
N GLY A 4 13.79 -0.39 -19.59
CA GLY A 4 12.60 -0.34 -18.77
C GLY A 4 11.53 -1.31 -19.29
N SER A 5 10.45 -1.42 -18.52
CA SER A 5 9.36 -2.30 -18.89
C SER A 5 8.03 -1.56 -18.76
N SER A 6 6.98 -2.21 -19.26
CA SER A 6 5.65 -1.63 -19.22
C SER A 6 4.71 -2.54 -18.43
N GLY A 7 3.99 -1.94 -17.48
CA GLY A 7 3.05 -2.69 -16.66
C GLY A 7 3.79 -3.68 -15.75
N ASN A 8 3.06 -4.19 -14.78
CA ASN A 8 3.62 -5.15 -13.84
C ASN A 8 2.60 -6.24 -13.56
N PRO A 9 3.06 -7.51 -13.71
CA PRO A 9 2.18 -8.65 -13.48
C PRO A 9 1.98 -8.87 -11.97
N HIS A 10 0.73 -9.12 -11.61
CA HIS A 10 0.39 -9.35 -10.22
C HIS A 10 1.30 -10.45 -9.65
N MET A 11 1.52 -11.47 -10.45
CA MET A 11 2.37 -12.57 -10.03
C MET A 11 1.80 -13.27 -8.79
N TRP A 12 1.99 -14.59 -8.75
CA TRP A 12 1.50 -15.36 -7.62
C TRP A 12 2.51 -16.47 -7.35
N TRP A 13 2.12 -17.38 -6.46
CA TRP A 13 2.99 -18.50 -6.10
C TRP A 13 2.26 -19.35 -5.06
N LEU A 14 1.94 -18.70 -3.94
CA LEU A 14 1.24 -19.39 -2.86
C LEU A 14 0.37 -18.38 -2.11
N GLN A 15 -0.16 -18.84 -0.98
CA GLN A 15 -1.01 -17.98 -0.16
C GLN A 15 -0.28 -17.61 1.14
N ASP A 16 -0.89 -16.69 1.87
CA ASP A 16 -0.31 -16.23 3.12
C ASP A 16 -1.44 -15.96 4.12
N ALA A 17 -1.04 -15.74 5.37
CA ALA A 17 -1.99 -15.46 6.42
C ALA A 17 -1.63 -14.15 7.10
N ASP A 18 -2.22 -13.07 6.59
CA ASP A 18 -1.96 -11.75 7.15
C ASP A 18 -1.91 -11.84 8.67
N PRO A 19 -0.65 -11.85 9.21
CA PRO A 19 -0.44 -11.93 10.64
C PRO A 19 -0.75 -10.60 11.32
N GLU A 20 -1.12 -9.62 10.49
CA GLU A 20 -1.45 -8.30 11.00
C GLU A 20 -0.17 -7.58 11.47
N ASN A 21 0.73 -7.36 10.52
CA ASN A 21 1.98 -6.70 10.82
C ASN A 21 2.88 -6.72 9.59
N ASN A 22 2.74 -5.68 8.78
CA ASN A 22 3.53 -5.57 7.56
C ASN A 22 4.35 -4.28 7.60
N SER A 23 3.66 -3.19 7.94
CA SER A 23 4.31 -1.89 8.02
C SER A 23 4.93 -1.53 6.67
N ARG A 24 5.39 -0.29 6.58
CA ARG A 24 6.02 0.18 5.36
C ARG A 24 7.26 -0.64 5.03
N GLN A 25 7.03 -1.79 4.42
CA GLN A 25 8.11 -2.68 4.05
C GLN A 25 7.57 -3.97 3.42
N ALA A 26 8.09 -4.29 2.25
CA ALA A 26 7.67 -5.48 1.54
C ALA A 26 6.27 -5.26 0.97
N SER A 27 5.75 -6.29 0.32
CA SER A 27 4.43 -6.23 -0.27
C SER A 27 3.43 -5.64 0.75
N PRO A 28 2.25 -5.22 0.21
CA PRO A 28 1.22 -4.66 1.06
C PRO A 28 0.51 -5.74 1.86
N SER A 29 -0.44 -5.31 2.69
CA SER A 29 -1.20 -6.23 3.51
C SER A 29 -2.69 -6.08 3.22
N GLN A 30 -3.46 -6.98 3.81
CA GLN A 30 -4.91 -6.97 3.62
C GLN A 30 -5.48 -5.64 4.08
N GLU A 31 -5.05 -5.21 5.26
CA GLU A 31 -5.52 -3.95 5.83
C GLU A 31 -5.32 -2.82 4.82
N SER A 32 -4.08 -2.38 4.70
CA SER A 32 -3.76 -1.30 3.79
C SER A 32 -4.61 -1.41 2.52
N ILE A 33 -4.47 -2.55 1.85
CA ILE A 33 -5.22 -2.78 0.63
C ILE A 33 -6.71 -2.54 0.89
N ASN A 34 -7.18 -3.11 1.99
CA ASN A 34 -8.58 -2.97 2.37
C ASN A 34 -8.88 -1.50 2.61
N GLN A 35 -8.06 -0.89 3.47
CA GLN A 35 -8.24 0.52 3.80
C GLN A 35 -8.31 1.36 2.53
N LEU A 36 -7.65 0.86 1.49
CA LEU A 36 -7.62 1.55 0.21
C LEU A 36 -8.99 1.43 -0.46
N VAL A 37 -9.40 0.18 -0.66
CA VAL A 37 -10.69 -0.09 -1.28
C VAL A 37 -11.73 0.88 -0.73
N TYR A 38 -11.71 1.03 0.58
CA TYR A 38 -12.66 1.92 1.25
C TYR A 38 -12.77 3.25 0.50
N MET A 39 -11.63 3.89 0.32
CA MET A 39 -11.59 5.17 -0.37
C MET A 39 -12.31 5.08 -1.72
N GLY A 40 -12.22 3.91 -2.33
CA GLY A 40 -12.85 3.68 -3.62
C GLY A 40 -11.82 3.29 -4.68
N PHE A 41 -11.08 2.24 -4.36
CA PHE A 41 -10.05 1.74 -5.27
C PHE A 41 -10.02 0.22 -5.28
N ASP A 42 -10.40 -0.34 -6.42
CA ASP A 42 -10.42 -1.79 -6.58
C ASP A 42 -9.20 -2.39 -5.89
N THR A 43 -9.44 -3.42 -5.10
CA THR A 43 -8.38 -4.09 -4.37
C THR A 43 -7.11 -4.18 -5.25
N VAL A 44 -7.27 -4.80 -6.40
CA VAL A 44 -6.16 -4.96 -7.33
C VAL A 44 -5.39 -3.64 -7.40
N VAL A 45 -6.12 -2.57 -7.65
CA VAL A 45 -5.52 -1.25 -7.75
C VAL A 45 -4.82 -0.91 -6.44
N ALA A 46 -5.47 -1.28 -5.35
CA ALA A 46 -4.92 -1.03 -4.02
C ALA A 46 -3.63 -1.83 -3.84
N GLU A 47 -3.70 -3.11 -4.17
CA GLU A 47 -2.56 -3.98 -4.05
C GLU A 47 -1.44 -3.51 -4.98
N ALA A 48 -1.81 -3.26 -6.23
CA ALA A 48 -0.84 -2.81 -7.22
C ALA A 48 -0.31 -1.43 -6.81
N ALA A 49 -1.25 -0.56 -6.45
CA ALA A 49 -0.90 0.79 -6.04
C ALA A 49 0.19 0.73 -4.97
N LEU A 50 -0.18 0.16 -3.83
CA LEU A 50 0.74 0.03 -2.72
C LEU A 50 2.11 -0.40 -3.25
N ARG A 51 2.13 -1.60 -3.82
CA ARG A 51 3.35 -2.15 -4.37
C ARG A 51 4.15 -1.04 -5.08
N VAL A 52 3.44 -0.25 -5.87
CA VAL A 52 4.06 0.82 -6.60
C VAL A 52 4.73 1.79 -5.62
N PHE A 53 3.90 2.56 -4.93
CA PHE A 53 4.39 3.52 -3.96
C PHE A 53 4.97 2.81 -2.74
N GLY A 54 6.07 2.11 -2.96
CA GLY A 54 6.74 1.38 -1.89
C GLY A 54 5.72 0.98 -0.81
N GLY A 55 4.67 0.33 -1.25
CA GLY A 55 3.63 -0.12 -0.34
C GLY A 55 3.31 0.95 0.71
N ASN A 56 2.94 2.13 0.21
CA ASN A 56 2.61 3.23 1.09
C ASN A 56 1.14 3.62 0.89
N VAL A 57 0.32 3.24 1.88
CA VAL A 57 -1.09 3.54 1.82
C VAL A 57 -1.29 5.02 1.50
N GLN A 58 -0.62 5.85 2.27
CA GLN A 58 -0.71 7.29 2.07
C GLN A 58 -0.32 7.66 0.64
N LEU A 59 0.96 7.48 0.35
CA LEU A 59 1.47 7.78 -0.97
C LEU A 59 0.45 7.35 -2.03
N ALA A 60 0.17 6.05 -2.03
CA ALA A 60 -0.78 5.50 -2.98
C ALA A 60 -2.05 6.36 -2.99
N ALA A 61 -2.72 6.37 -1.85
CA ALA A 61 -3.94 7.15 -1.71
C ALA A 61 -3.72 8.55 -2.27
N GLN A 62 -2.73 9.23 -1.70
CA GLN A 62 -2.40 10.58 -2.13
C GLN A 62 -2.53 10.70 -3.65
N THR A 63 -2.24 9.59 -4.33
CA THR A 63 -2.32 9.56 -5.78
C THR A 63 -3.67 9.01 -6.22
N LEU A 64 -4.00 7.85 -5.68
CA LEU A 64 -5.27 7.20 -6.01
C LEU A 64 -6.41 8.20 -5.86
N ALA A 65 -6.27 9.06 -4.86
CA ALA A 65 -7.28 10.07 -4.58
C ALA A 65 -7.24 11.12 -5.69
N HIS A 66 -6.04 11.64 -5.94
CA HIS A 66 -5.86 12.65 -6.96
C HIS A 66 -5.53 11.98 -8.30
N HIS A 67 -6.57 11.43 -8.91
CA HIS A 67 -6.40 10.75 -10.18
C HIS A 67 -7.76 10.28 -10.70
N GLY A 68 -8.37 9.38 -9.93
CA GLY A 68 -9.67 8.84 -10.29
C GLY A 68 -9.75 7.34 -9.96
N GLY A 69 -8.58 6.76 -9.73
CA GLY A 69 -8.51 5.34 -9.41
C GLY A 69 -8.11 4.52 -10.63
N SER A 70 -7.30 5.14 -11.47
CA SER A 70 -6.83 4.49 -12.69
C SER A 70 -5.31 4.38 -12.67
N LEU A 71 -4.71 4.96 -11.62
CA LEU A 71 -3.26 4.94 -11.47
C LEU A 71 -2.63 5.65 -12.67
N PRO A 72 -1.39 6.17 -12.43
CA PRO A 72 -0.67 6.87 -13.47
C PRO A 72 -0.09 5.90 -14.50
N PRO A 73 -0.30 6.25 -15.80
CA PRO A 73 0.20 5.42 -16.88
C PRO A 73 1.71 5.56 -17.04
N ASP A 74 2.23 6.64 -16.49
CA ASP A 74 3.66 6.91 -16.56
C ASP A 74 4.12 7.58 -15.27
N LEU A 75 4.43 6.74 -14.29
CA LEU A 75 4.88 7.24 -12.99
C LEU A 75 6.33 6.81 -12.77
N GLN A 76 6.54 5.51 -12.79
CA GLN A 76 7.87 4.95 -12.59
C GLN A 76 8.67 5.02 -13.90
N PHE A 77 9.27 6.17 -14.13
CA PHE A 77 10.06 6.37 -15.34
C PHE A 77 11.39 7.05 -15.00
N SER A 78 12.47 6.43 -15.47
CA SER A 78 13.79 6.95 -15.23
C SER A 78 14.60 6.94 -16.53
N GLY A 79 15.52 7.89 -16.63
CA GLY A 79 16.36 8.00 -17.81
C GLY A 79 15.91 9.16 -18.70
N PRO A 80 15.12 8.79 -19.76
CA PRO A 80 14.62 9.79 -20.69
C PRO A 80 13.47 10.59 -20.07
N SER A 81 13.37 11.85 -20.48
CA SER A 81 12.34 12.72 -19.97
C SER A 81 11.91 13.71 -21.06
N SER A 82 10.61 13.91 -21.15
CA SER A 82 10.06 14.82 -22.14
C SER A 82 9.38 16.01 -21.45
N GLY A 83 9.39 17.14 -22.13
CA GLY A 83 8.80 18.35 -21.59
C GLY A 83 7.87 19.00 -22.62
N GLY A 1 25.75 20.12 -8.13
CA GLY A 1 24.40 20.50 -8.52
C GLY A 1 24.41 21.20 -9.89
N SER A 2 23.44 20.83 -10.71
CA SER A 2 23.32 21.42 -12.03
C SER A 2 22.72 22.82 -11.94
N SER A 3 23.23 23.70 -12.78
CA SER A 3 22.75 25.07 -12.80
C SER A 3 21.49 25.18 -13.67
N GLY A 4 21.65 24.79 -14.92
CA GLY A 4 20.53 24.83 -15.86
C GLY A 4 20.40 26.22 -16.50
N SER A 5 21.42 26.57 -17.27
CA SER A 5 21.44 27.85 -17.94
C SER A 5 20.91 27.71 -19.37
N SER A 6 21.58 26.87 -20.14
CA SER A 6 21.18 26.63 -21.51
C SER A 6 19.93 25.75 -21.55
N GLY A 7 20.06 24.56 -20.98
CA GLY A 7 18.95 23.62 -20.95
C GLY A 7 19.41 22.22 -21.39
N ASN A 8 19.60 21.36 -20.39
CA ASN A 8 20.03 20.00 -20.66
C ASN A 8 18.84 19.05 -20.49
N PRO A 9 18.73 18.09 -21.44
CA PRO A 9 17.65 17.12 -21.41
C PRO A 9 17.90 16.06 -20.32
N HIS A 10 16.80 15.56 -19.77
CA HIS A 10 16.89 14.54 -18.73
C HIS A 10 16.98 13.16 -19.37
N MET A 11 17.84 13.06 -20.37
CA MET A 11 18.03 11.81 -21.08
C MET A 11 17.93 10.62 -20.12
N TRP A 12 17.36 9.54 -20.62
CA TRP A 12 17.20 8.33 -19.82
C TRP A 12 17.98 7.21 -20.50
N TRP A 13 19.10 6.85 -19.88
CA TRP A 13 19.94 5.79 -20.41
C TRP A 13 19.61 4.50 -19.65
N LEU A 14 18.38 4.04 -19.82
CA LEU A 14 17.93 2.84 -19.15
C LEU A 14 16.93 2.10 -20.06
N GLN A 15 17.28 0.86 -20.38
CA GLN A 15 16.42 0.06 -21.24
C GLN A 15 15.55 -0.88 -20.39
N ASP A 16 14.25 -0.76 -20.58
CA ASP A 16 13.30 -1.58 -19.84
C ASP A 16 13.24 -2.97 -20.47
N ALA A 17 13.12 -3.97 -19.61
CA ALA A 17 13.05 -5.35 -20.07
C ALA A 17 12.51 -6.23 -18.94
N ASP A 18 13.26 -6.26 -17.85
CA ASP A 18 12.87 -7.05 -16.69
C ASP A 18 12.54 -8.47 -17.15
N PRO A 19 13.56 -9.37 -17.05
CA PRO A 19 13.38 -10.75 -17.44
C PRO A 19 12.56 -11.52 -16.41
N GLU A 20 12.91 -11.31 -15.14
CA GLU A 20 12.22 -11.97 -14.05
C GLU A 20 12.84 -11.57 -12.71
N ASN A 21 12.08 -10.80 -11.95
CA ASN A 21 12.53 -10.34 -10.65
C ASN A 21 11.32 -10.14 -9.73
N ASN A 22 11.45 -10.67 -8.52
CA ASN A 22 10.39 -10.57 -7.55
C ASN A 22 10.87 -11.14 -6.21
N SER A 23 11.32 -10.24 -5.34
CA SER A 23 11.80 -10.64 -4.04
C SER A 23 11.97 -9.42 -3.14
N ARG A 24 12.56 -8.38 -3.71
CA ARG A 24 12.78 -7.14 -2.99
C ARG A 24 11.45 -6.49 -2.61
N GLN A 25 11.52 -5.54 -1.71
CA GLN A 25 10.33 -4.82 -1.27
C GLN A 25 9.37 -5.79 -0.58
N ALA A 26 8.68 -5.27 0.43
CA ALA A 26 7.73 -6.06 1.17
C ALA A 26 6.32 -5.84 0.61
N SER A 27 5.64 -6.95 0.38
CA SER A 27 4.29 -6.89 -0.16
C SER A 27 3.36 -6.15 0.83
N PRO A 28 2.21 -5.69 0.28
CA PRO A 28 1.24 -4.96 1.10
C PRO A 28 0.46 -5.92 1.99
N SER A 29 -0.37 -5.34 2.85
CA SER A 29 -1.18 -6.14 3.76
C SER A 29 -2.66 -6.00 3.41
N GLN A 30 -3.41 -7.05 3.73
CA GLN A 30 -4.83 -7.06 3.45
C GLN A 30 -5.48 -5.76 3.92
N GLU A 31 -5.03 -5.30 5.08
CA GLU A 31 -5.55 -4.07 5.65
C GLU A 31 -5.28 -2.90 4.70
N SER A 32 -4.00 -2.55 4.59
CA SER A 32 -3.59 -1.45 3.74
C SER A 32 -4.39 -1.49 2.42
N ILE A 33 -4.67 -2.69 1.98
CA ILE A 33 -5.42 -2.88 0.75
C ILE A 33 -6.91 -2.62 1.01
N ASN A 34 -7.39 -3.19 2.10
CA ASN A 34 -8.79 -3.02 2.48
C ASN A 34 -9.06 -1.54 2.78
N GLN A 35 -8.12 -0.93 3.47
CA GLN A 35 -8.23 0.47 3.83
C GLN A 35 -8.28 1.33 2.56
N LEU A 36 -7.61 0.85 1.53
CA LEU A 36 -7.56 1.57 0.27
C LEU A 36 -8.92 1.47 -0.42
N VAL A 37 -9.34 0.22 -0.66
CA VAL A 37 -10.61 -0.02 -1.30
C VAL A 37 -11.68 0.90 -0.70
N TYR A 38 -11.63 1.01 0.62
CA TYR A 38 -12.59 1.85 1.32
C TYR A 38 -12.70 3.23 0.66
N MET A 39 -11.54 3.83 0.42
CA MET A 39 -11.50 5.14 -0.22
C MET A 39 -12.21 5.12 -1.57
N GLY A 40 -12.07 4.00 -2.26
CA GLY A 40 -12.69 3.85 -3.56
C GLY A 40 -11.65 3.45 -4.62
N PHE A 41 -10.96 2.36 -4.34
CA PHE A 41 -9.94 1.87 -5.25
C PHE A 41 -9.94 0.34 -5.31
N ASP A 42 -10.29 -0.18 -6.48
CA ASP A 42 -10.34 -1.62 -6.67
C ASP A 42 -9.15 -2.26 -5.96
N THR A 43 -9.46 -3.29 -5.18
CA THR A 43 -8.42 -4.00 -4.45
C THR A 43 -7.15 -4.11 -5.28
N VAL A 44 -7.30 -4.67 -6.48
CA VAL A 44 -6.18 -4.84 -7.37
C VAL A 44 -5.37 -3.54 -7.41
N VAL A 45 -6.08 -2.45 -7.67
CA VAL A 45 -5.44 -1.14 -7.74
C VAL A 45 -4.73 -0.85 -6.42
N ALA A 46 -5.40 -1.21 -5.33
CA ALA A 46 -4.85 -1.00 -4.01
C ALA A 46 -3.57 -1.81 -3.85
N GLU A 47 -3.72 -3.12 -4.02
CA GLU A 47 -2.58 -4.02 -3.90
C GLU A 47 -1.42 -3.52 -4.76
N ALA A 48 -1.72 -3.31 -6.04
CA ALA A 48 -0.71 -2.84 -6.98
C ALA A 48 -0.21 -1.47 -6.53
N ALA A 49 -1.15 -0.55 -6.38
CA ALA A 49 -0.81 0.80 -5.96
C ALA A 49 0.27 0.74 -4.89
N LEU A 50 0.05 -0.13 -3.91
CA LEU A 50 0.99 -0.29 -2.83
C LEU A 50 2.34 -0.75 -3.39
N ARG A 51 2.28 -1.80 -4.19
CA ARG A 51 3.49 -2.33 -4.80
C ARG A 51 4.26 -1.23 -5.53
N VAL A 52 3.52 -0.21 -5.92
CA VAL A 52 4.13 0.92 -6.61
C VAL A 52 4.78 1.86 -5.60
N PHE A 53 3.94 2.58 -4.88
CA PHE A 53 4.43 3.52 -3.88
C PHE A 53 4.94 2.77 -2.65
N GLY A 54 6.05 2.07 -2.84
CA GLY A 54 6.65 1.32 -1.76
C GLY A 54 5.63 1.02 -0.65
N GLY A 55 4.58 0.32 -1.04
CA GLY A 55 3.52 -0.03 -0.10
C GLY A 55 3.26 1.12 0.88
N ASN A 56 2.87 2.26 0.33
CA ASN A 56 2.58 3.42 1.14
C ASN A 56 1.12 3.82 0.95
N VAL A 57 0.29 3.31 1.84
CA VAL A 57 -1.14 3.60 1.79
C VAL A 57 -1.34 5.07 1.43
N GLN A 58 -0.62 5.92 2.15
CA GLN A 58 -0.71 7.36 1.92
C GLN A 58 -0.34 7.69 0.48
N LEU A 59 0.92 7.49 0.16
CA LEU A 59 1.41 7.76 -1.18
C LEU A 59 0.40 7.23 -2.21
N ALA A 60 -0.09 6.03 -1.94
CA ALA A 60 -1.05 5.40 -2.83
C ALA A 60 -2.30 6.29 -2.92
N ALA A 61 -2.90 6.53 -1.76
CA ALA A 61 -4.09 7.36 -1.70
C ALA A 61 -3.82 8.70 -2.39
N GLN A 62 -2.82 9.40 -1.88
CA GLN A 62 -2.44 10.69 -2.42
C GLN A 62 -2.56 10.66 -3.95
N THR A 63 -2.32 9.49 -4.51
CA THR A 63 -2.38 9.32 -5.95
C THR A 63 -3.78 8.83 -6.36
N LEU A 64 -4.17 7.70 -5.80
CA LEU A 64 -5.46 7.12 -6.10
C LEU A 64 -6.54 8.20 -6.00
N ALA A 65 -6.41 9.02 -4.96
CA ALA A 65 -7.36 10.10 -4.74
C ALA A 65 -7.16 11.18 -5.80
N HIS A 66 -5.98 11.78 -5.77
CA HIS A 66 -5.66 12.83 -6.72
C HIS A 66 -6.15 12.43 -8.11
N HIS A 67 -5.54 11.39 -8.65
CA HIS A 67 -5.90 10.90 -9.97
C HIS A 67 -7.43 10.90 -10.12
N GLY A 68 -8.07 10.05 -9.31
CA GLY A 68 -9.51 9.95 -9.34
C GLY A 68 -9.96 8.52 -9.65
N GLY A 69 -9.26 7.58 -9.02
CA GLY A 69 -9.57 6.17 -9.20
C GLY A 69 -8.78 5.59 -10.39
N SER A 70 -7.47 5.62 -10.26
CA SER A 70 -6.61 5.10 -11.31
C SER A 70 -5.14 5.28 -10.90
N LEU A 71 -4.27 4.56 -11.59
CA LEU A 71 -2.85 4.62 -11.32
C LEU A 71 -2.16 5.43 -12.42
N PRO A 72 -0.90 5.85 -12.13
CA PRO A 72 -0.13 6.63 -13.08
C PRO A 72 0.40 5.74 -14.21
N PRO A 73 0.60 6.38 -15.39
CA PRO A 73 1.11 5.67 -16.56
C PRO A 73 2.60 5.37 -16.41
N ASP A 74 3.23 6.07 -15.48
CA ASP A 74 4.65 5.90 -15.24
C ASP A 74 5.08 6.82 -14.09
N LEU A 75 5.53 6.21 -13.02
CA LEU A 75 5.98 6.96 -11.85
C LEU A 75 7.33 6.42 -11.39
N GLN A 76 7.38 5.10 -11.24
CA GLN A 76 8.61 4.45 -10.80
C GLN A 76 9.54 4.20 -12.00
N PHE A 77 10.53 5.08 -12.12
CA PHE A 77 11.48 4.97 -13.21
C PHE A 77 12.01 3.54 -13.34
N SER A 78 11.44 2.82 -14.30
CA SER A 78 11.85 1.44 -14.53
C SER A 78 13.33 1.39 -14.90
N GLY A 79 13.88 0.18 -14.85
CA GLY A 79 15.27 -0.02 -15.18
C GLY A 79 16.05 -0.51 -13.96
N PRO A 80 16.07 -1.86 -13.78
CA PRO A 80 16.78 -2.46 -12.67
C PRO A 80 18.29 -2.44 -12.90
N SER A 81 18.99 -3.12 -12.01
CA SER A 81 20.44 -3.19 -12.10
C SER A 81 20.88 -4.51 -12.73
N SER A 82 22.12 -4.54 -13.17
CA SER A 82 22.67 -5.74 -13.79
C SER A 82 23.15 -6.71 -12.72
N GLY A 83 22.69 -7.95 -12.85
CA GLY A 83 23.07 -8.99 -11.90
C GLY A 83 22.39 -10.31 -12.24
N GLY A 1 -8.90 6.50 38.12
CA GLY A 1 -9.14 5.17 37.59
C GLY A 1 -8.29 4.13 38.32
N SER A 2 -8.70 2.88 38.20
CA SER A 2 -7.98 1.79 38.85
C SER A 2 -7.22 0.97 37.80
N SER A 3 -6.10 0.43 38.22
CA SER A 3 -5.28 -0.38 37.33
C SER A 3 -4.09 -0.97 38.11
N GLY A 4 -3.98 -2.30 38.03
CA GLY A 4 -2.91 -3.00 38.71
C GLY A 4 -3.38 -4.36 39.20
N SER A 5 -2.46 -5.07 39.86
CA SER A 5 -2.76 -6.38 40.39
C SER A 5 -3.61 -7.16 39.38
N SER A 6 -2.92 -7.91 38.52
CA SER A 6 -3.60 -8.70 37.51
C SER A 6 -4.43 -7.79 36.60
N GLY A 7 -3.74 -7.16 35.66
CA GLY A 7 -4.40 -6.26 34.73
C GLY A 7 -4.09 -6.66 33.28
N ASN A 8 -4.77 -5.98 32.36
CA ASN A 8 -4.58 -6.25 30.95
C ASN A 8 -3.70 -5.16 30.35
N PRO A 9 -2.46 -5.57 29.96
CA PRO A 9 -1.52 -4.64 29.38
C PRO A 9 -1.89 -4.32 27.92
N HIS A 10 -2.60 -5.26 27.32
CA HIS A 10 -3.02 -5.10 25.93
C HIS A 10 -1.86 -4.55 25.10
N MET A 11 -0.70 -5.17 25.28
CA MET A 11 0.48 -4.76 24.55
C MET A 11 0.13 -4.36 23.12
N TRP A 12 1.01 -3.55 22.52
CA TRP A 12 0.81 -3.09 21.16
C TRP A 12 -0.66 -2.72 21.01
N TRP A 13 -0.96 -1.48 21.37
CA TRP A 13 -2.32 -0.98 21.28
C TRP A 13 -2.79 -1.13 19.83
N LEU A 14 -1.83 -0.98 18.92
CA LEU A 14 -2.12 -1.10 17.51
C LEU A 14 -0.97 -1.84 16.81
N GLN A 15 -1.01 -1.83 15.48
CA GLN A 15 0.02 -2.49 14.69
C GLN A 15 1.39 -2.24 15.31
N ASP A 16 1.90 -3.27 15.97
CA ASP A 16 3.21 -3.17 16.61
C ASP A 16 4.21 -2.57 15.62
N ALA A 17 5.39 -2.27 16.14
CA ALA A 17 6.44 -1.69 15.31
C ALA A 17 7.65 -2.63 15.32
N ASP A 18 8.16 -2.88 16.51
CA ASP A 18 9.31 -3.75 16.66
C ASP A 18 10.49 -3.17 15.87
N PRO A 19 11.72 -3.59 16.29
CA PRO A 19 12.92 -3.13 15.62
C PRO A 19 13.11 -3.82 14.27
N GLU A 20 12.74 -5.09 14.24
CA GLU A 20 12.86 -5.88 13.02
C GLU A 20 11.62 -5.69 12.15
N ASN A 21 11.49 -4.49 11.59
CA ASN A 21 10.36 -4.18 10.74
C ASN A 21 10.47 -2.72 10.28
N ASN A 22 11.08 -2.55 9.11
CA ASN A 22 11.24 -1.22 8.55
C ASN A 22 10.18 -0.98 7.48
N SER A 23 10.14 -1.90 6.52
CA SER A 23 9.17 -1.80 5.43
C SER A 23 9.21 -3.07 4.58
N ARG A 24 8.09 -3.77 4.58
CA ARG A 24 7.98 -5.00 3.82
C ARG A 24 8.45 -4.78 2.37
N GLN A 25 9.31 -5.67 1.92
CA GLN A 25 9.85 -5.58 0.57
C GLN A 25 8.72 -5.73 -0.45
N ALA A 26 8.17 -4.60 -0.86
CA ALA A 26 7.10 -4.59 -1.83
C ALA A 26 6.12 -5.73 -1.51
N SER A 27 5.28 -5.48 -0.51
CA SER A 27 4.30 -6.47 -0.10
C SER A 27 3.29 -5.83 0.87
N PRO A 28 2.14 -5.40 0.29
CA PRO A 28 1.09 -4.78 1.09
C PRO A 28 0.34 -5.83 1.91
N SER A 29 -0.39 -5.34 2.90
CA SER A 29 -1.16 -6.22 3.77
C SER A 29 -2.65 -6.09 3.44
N GLN A 30 -3.39 -7.15 3.73
CA GLN A 30 -4.82 -7.17 3.47
C GLN A 30 -5.46 -5.87 3.98
N GLU A 31 -4.95 -5.39 5.10
CA GLU A 31 -5.46 -4.16 5.70
C GLU A 31 -5.23 -2.98 4.76
N SER A 32 -3.96 -2.61 4.63
CA SER A 32 -3.58 -1.50 3.78
C SER A 32 -4.40 -1.53 2.48
N ILE A 33 -4.59 -2.74 1.97
CA ILE A 33 -5.35 -2.93 0.75
C ILE A 33 -6.82 -2.69 1.03
N ASN A 34 -7.30 -3.27 2.12
CA ASN A 34 -8.69 -3.13 2.50
C ASN A 34 -8.97 -1.66 2.80
N GLN A 35 -8.06 -1.04 3.53
CA GLN A 35 -8.20 0.37 3.88
C GLN A 35 -8.25 1.23 2.63
N LEU A 36 -7.60 0.74 1.58
CA LEU A 36 -7.56 1.46 0.32
C LEU A 36 -8.93 1.32 -0.38
N VAL A 37 -9.32 0.07 -0.60
CA VAL A 37 -10.59 -0.20 -1.25
C VAL A 37 -11.65 0.77 -0.72
N TYR A 38 -11.65 0.95 0.59
CA TYR A 38 -12.61 1.86 1.22
C TYR A 38 -12.68 3.18 0.47
N MET A 39 -11.56 3.90 0.50
CA MET A 39 -11.48 5.19 -0.17
C MET A 39 -12.16 5.14 -1.55
N GLY A 40 -12.04 3.99 -2.18
CA GLY A 40 -12.64 3.80 -3.48
C GLY A 40 -11.58 3.41 -4.52
N PHE A 41 -11.09 2.19 -4.40
CA PHE A 41 -10.07 1.69 -5.31
C PHE A 41 -10.05 0.16 -5.33
N ASP A 42 -10.42 -0.39 -6.47
CA ASP A 42 -10.45 -1.84 -6.63
C ASP A 42 -9.23 -2.44 -5.94
N THR A 43 -9.49 -3.48 -5.14
CA THR A 43 -8.43 -4.15 -4.41
C THR A 43 -7.16 -4.20 -5.25
N VAL A 44 -7.28 -4.85 -6.41
CA VAL A 44 -6.15 -4.98 -7.31
C VAL A 44 -5.38 -3.66 -7.37
N VAL A 45 -6.12 -2.60 -7.67
CA VAL A 45 -5.53 -1.27 -7.76
C VAL A 45 -4.85 -0.94 -6.43
N ALA A 46 -5.52 -1.32 -5.36
CA ALA A 46 -5.00 -1.06 -4.02
C ALA A 46 -3.69 -1.83 -3.84
N GLU A 47 -3.75 -3.12 -4.13
CA GLU A 47 -2.59 -3.97 -4.00
C GLU A 47 -1.47 -3.49 -4.92
N ALA A 48 -1.83 -3.29 -6.18
CA ALA A 48 -0.86 -2.82 -7.16
C ALA A 48 -0.34 -1.44 -6.76
N ALA A 49 -1.29 -0.57 -6.41
CA ALA A 49 -0.94 0.78 -6.01
C ALA A 49 0.15 0.72 -4.94
N LEU A 50 -0.21 0.16 -3.79
CA LEU A 50 0.73 0.04 -2.68
C LEU A 50 2.09 -0.39 -3.22
N ARG A 51 2.12 -1.60 -3.77
CA ARG A 51 3.35 -2.14 -4.33
C ARG A 51 4.14 -1.05 -5.04
N VAL A 52 3.41 -0.25 -5.83
CA VAL A 52 4.03 0.83 -6.56
C VAL A 52 4.67 1.82 -5.59
N PHE A 53 3.83 2.60 -4.94
CA PHE A 53 4.30 3.59 -3.98
C PHE A 53 4.87 2.91 -2.75
N GLY A 54 5.98 2.22 -2.95
CA GLY A 54 6.65 1.52 -1.86
C GLY A 54 5.63 1.11 -0.78
N GLY A 55 4.61 0.38 -1.22
CA GLY A 55 3.58 -0.08 -0.31
C GLY A 55 3.25 0.99 0.74
N ASN A 56 2.83 2.14 0.25
CA ASN A 56 2.47 3.25 1.13
C ASN A 56 1.01 3.63 0.91
N VAL A 57 0.20 3.33 1.91
CA VAL A 57 -1.23 3.65 1.82
C VAL A 57 -1.40 5.13 1.47
N GLN A 58 -0.81 5.98 2.31
CA GLN A 58 -0.90 7.42 2.10
C GLN A 58 -0.48 7.75 0.67
N LEU A 59 0.79 7.54 0.38
CA LEU A 59 1.33 7.83 -0.94
C LEU A 59 0.31 7.41 -1.99
N ALA A 60 0.16 6.11 -2.14
CA ALA A 60 -0.77 5.57 -3.12
C ALA A 60 -2.06 6.40 -3.09
N ALA A 61 -2.71 6.40 -1.93
CA ALA A 61 -3.94 7.15 -1.76
C ALA A 61 -3.75 8.56 -2.31
N GLN A 62 -2.64 9.17 -1.95
CA GLN A 62 -2.33 10.52 -2.41
C GLN A 62 -2.56 10.63 -3.92
N THR A 63 -2.02 9.66 -4.65
CA THR A 63 -2.16 9.65 -6.09
C THR A 63 -3.52 9.09 -6.48
N LEU A 64 -3.90 8.01 -5.83
CA LEU A 64 -5.17 7.37 -6.09
C LEU A 64 -6.31 8.39 -5.92
N ALA A 65 -6.06 9.34 -5.03
CA ALA A 65 -7.04 10.37 -4.76
C ALA A 65 -6.94 11.45 -5.84
N HIS A 66 -5.73 11.96 -6.02
CA HIS A 66 -5.48 13.00 -7.00
C HIS A 66 -6.09 12.57 -8.34
N HIS A 67 -5.63 11.44 -8.83
CA HIS A 67 -6.12 10.91 -10.10
C HIS A 67 -7.59 10.52 -9.96
N GLY A 68 -7.84 9.65 -9.01
CA GLY A 68 -9.20 9.18 -8.77
C GLY A 68 -9.40 7.76 -9.31
N GLY A 69 -8.50 6.88 -8.91
CA GLY A 69 -8.56 5.49 -9.34
C GLY A 69 -8.26 5.37 -10.83
N SER A 70 -7.07 4.85 -11.12
CA SER A 70 -6.64 4.68 -12.50
C SER A 70 -5.12 4.61 -12.57
N LEU A 71 -4.48 5.18 -11.56
CA LEU A 71 -3.03 5.19 -11.48
C LEU A 71 -2.47 5.92 -12.71
N PRO A 72 -1.24 6.47 -12.54
CA PRO A 72 -0.58 7.19 -13.62
C PRO A 72 -0.05 6.22 -14.68
N PRO A 73 -0.11 6.69 -15.96
CA PRO A 73 0.35 5.89 -17.07
C PRO A 73 1.89 5.85 -17.12
N ASP A 74 2.49 6.87 -16.53
CA ASP A 74 3.94 6.97 -16.49
C ASP A 74 4.36 7.79 -15.26
N LEU A 75 4.56 7.07 -14.17
CA LEU A 75 4.97 7.71 -12.92
C LEU A 75 6.44 7.38 -12.64
N GLN A 76 6.72 6.09 -12.58
CA GLN A 76 8.07 5.62 -12.31
C GLN A 76 8.50 4.60 -13.36
N PHE A 77 8.78 5.10 -14.56
CA PHE A 77 9.20 4.24 -15.66
C PHE A 77 8.35 2.97 -15.71
N SER A 78 7.23 3.07 -16.42
CA SER A 78 6.33 1.94 -16.56
C SER A 78 6.36 1.42 -17.99
N GLY A 79 6.02 2.30 -18.92
CA GLY A 79 6.01 1.93 -20.32
C GLY A 79 5.82 3.17 -21.20
N PRO A 80 5.75 2.92 -22.54
CA PRO A 80 5.57 3.99 -23.50
C PRO A 80 4.13 4.51 -23.48
N SER A 81 3.88 5.49 -24.35
CA SER A 81 2.56 6.07 -24.43
C SER A 81 2.23 6.83 -23.15
N SER A 82 1.94 8.12 -23.31
CA SER A 82 1.61 8.95 -22.17
C SER A 82 0.10 9.20 -22.12
N GLY A 83 -0.33 9.78 -21.01
CA GLY A 83 -1.75 10.07 -20.82
C GLY A 83 -2.17 11.28 -21.66
N GLY A 1 20.66 0.22 57.27
CA GLY A 1 20.96 1.48 56.62
C GLY A 1 20.46 1.48 55.17
N SER A 2 19.22 1.92 55.01
CA SER A 2 18.61 1.98 53.69
C SER A 2 18.53 0.56 53.10
N SER A 3 17.33 0.24 52.61
CA SER A 3 17.10 -1.06 52.02
C SER A 3 15.82 -1.04 51.17
N GLY A 4 15.92 -1.63 50.00
CA GLY A 4 14.78 -1.68 49.08
C GLY A 4 15.22 -2.12 47.68
N SER A 5 14.27 -2.68 46.96
CA SER A 5 14.55 -3.13 45.60
C SER A 5 13.37 -2.77 44.68
N SER A 6 13.71 -2.55 43.42
CA SER A 6 12.70 -2.19 42.43
C SER A 6 12.08 -3.45 41.85
N GLY A 7 12.92 -4.26 41.22
CA GLY A 7 12.46 -5.50 40.61
C GLY A 7 12.30 -5.34 39.10
N ASN A 8 11.82 -6.41 38.48
CA ASN A 8 11.62 -6.40 37.04
C ASN A 8 10.77 -7.62 36.64
N PRO A 9 9.80 -7.36 35.72
CA PRO A 9 8.92 -8.42 35.25
C PRO A 9 9.65 -9.34 34.28
N HIS A 10 9.38 -10.64 34.42
CA HIS A 10 10.01 -11.63 33.56
C HIS A 10 9.63 -11.36 32.11
N MET A 11 8.40 -10.90 31.92
CA MET A 11 7.90 -10.60 30.59
C MET A 11 8.03 -11.81 29.68
N TRP A 12 6.89 -12.43 29.40
CA TRP A 12 6.87 -13.60 28.53
C TRP A 12 5.85 -13.34 27.41
N TRP A 13 6.07 -12.25 26.71
CA TRP A 13 5.18 -11.88 25.61
C TRP A 13 5.98 -11.05 24.61
N LEU A 14 6.58 -9.98 25.11
CA LEU A 14 7.37 -9.10 24.28
C LEU A 14 6.70 -8.97 22.90
N GLN A 15 5.37 -8.87 22.94
CA GLN A 15 4.61 -8.74 21.71
C GLN A 15 4.83 -7.36 21.09
N ASP A 16 5.16 -7.36 19.81
CA ASP A 16 5.40 -6.13 19.09
C ASP A 16 5.41 -6.40 17.58
N ALA A 17 5.21 -5.35 16.82
CA ALA A 17 5.19 -5.46 15.37
C ALA A 17 5.54 -4.11 14.75
N ASP A 18 6.78 -4.00 14.30
CA ASP A 18 7.24 -2.77 13.68
C ASP A 18 6.21 -2.29 12.66
N PRO A 19 5.51 -1.18 13.04
CA PRO A 19 4.50 -0.61 12.17
C PRO A 19 5.14 0.13 10.99
N GLU A 20 6.26 0.77 11.27
CA GLU A 20 6.98 1.52 10.25
C GLU A 20 7.73 0.57 9.33
N ASN A 21 6.96 -0.17 8.53
CA ASN A 21 7.54 -1.11 7.59
C ASN A 21 8.20 -2.25 8.37
N ASN A 22 7.57 -3.42 8.30
CA ASN A 22 8.09 -4.58 9.00
C ASN A 22 8.78 -5.50 7.99
N SER A 23 10.05 -5.77 8.25
CA SER A 23 10.83 -6.63 7.38
C SER A 23 10.89 -6.03 5.98
N ARG A 24 12.00 -6.32 5.30
CA ARG A 24 12.20 -5.82 3.95
C ARG A 24 11.58 -6.76 2.92
N GLN A 25 10.29 -6.57 2.68
CA GLN A 25 9.57 -7.40 1.74
C GLN A 25 8.69 -6.53 0.83
N ALA A 26 8.40 -7.07 -0.35
CA ALA A 26 7.58 -6.35 -1.31
C ALA A 26 6.19 -6.98 -1.34
N SER A 27 5.35 -6.53 -0.42
CA SER A 27 3.99 -7.03 -0.34
C SER A 27 3.20 -6.23 0.69
N PRO A 28 2.06 -5.64 0.23
CA PRO A 28 1.22 -4.85 1.10
C PRO A 28 0.40 -5.74 2.04
N SER A 29 -0.15 -5.12 3.08
CA SER A 29 -0.94 -5.86 4.04
C SER A 29 -2.43 -5.69 3.73
N GLN A 30 -3.16 -6.78 3.88
CA GLN A 30 -4.59 -6.78 3.62
C GLN A 30 -5.21 -5.47 4.09
N GLU A 31 -5.18 -5.27 5.40
CA GLU A 31 -5.74 -4.06 5.99
C GLU A 31 -5.39 -2.84 5.12
N SER A 32 -4.13 -2.79 4.71
CA SER A 32 -3.66 -1.69 3.89
C SER A 32 -4.46 -1.64 2.59
N ILE A 33 -4.63 -2.80 1.98
CA ILE A 33 -5.37 -2.91 0.74
C ILE A 33 -6.85 -2.66 1.00
N ASN A 34 -7.35 -3.30 2.04
CA ASN A 34 -8.75 -3.16 2.41
C ASN A 34 -9.02 -1.69 2.76
N GLN A 35 -8.09 -1.10 3.47
CA GLN A 35 -8.22 0.29 3.87
C GLN A 35 -8.24 1.20 2.64
N LEU A 36 -7.60 0.72 1.59
CA LEU A 36 -7.54 1.47 0.35
C LEU A 36 -8.89 1.41 -0.35
N VAL A 37 -9.32 0.20 -0.64
CA VAL A 37 -10.60 -0.01 -1.31
C VAL A 37 -11.64 0.94 -0.73
N TYR A 38 -11.62 1.05 0.59
CA TYR A 38 -12.55 1.92 1.29
C TYR A 38 -12.70 3.26 0.56
N MET A 39 -11.57 3.95 0.43
CA MET A 39 -11.56 5.24 -0.24
C MET A 39 -12.28 5.16 -1.59
N GLY A 40 -12.18 4.00 -2.22
CA GLY A 40 -12.81 3.77 -3.51
C GLY A 40 -11.78 3.42 -4.58
N PHE A 41 -11.06 2.35 -4.32
CA PHE A 41 -10.02 1.90 -5.25
C PHE A 41 -10.00 0.37 -5.33
N ASP A 42 -10.33 -0.14 -6.52
CA ASP A 42 -10.34 -1.57 -6.73
C ASP A 42 -9.14 -2.20 -6.03
N THR A 43 -9.43 -3.24 -5.26
CA THR A 43 -8.39 -3.95 -4.53
C THR A 43 -7.10 -4.01 -5.36
N VAL A 44 -7.23 -4.54 -6.56
CA VAL A 44 -6.10 -4.67 -7.46
C VAL A 44 -5.31 -3.36 -7.45
N VAL A 45 -6.01 -2.28 -7.75
CA VAL A 45 -5.38 -0.97 -7.78
C VAL A 45 -4.71 -0.69 -6.43
N ALA A 46 -5.41 -1.10 -5.37
CA ALA A 46 -4.89 -0.91 -4.03
C ALA A 46 -3.58 -1.68 -3.87
N GLU A 47 -3.63 -2.95 -4.23
CA GLU A 47 -2.46 -3.80 -4.13
C GLU A 47 -1.37 -3.32 -5.10
N ALA A 48 -1.79 -2.97 -6.30
CA ALA A 48 -0.87 -2.50 -7.31
C ALA A 48 -0.29 -1.16 -6.87
N ALA A 49 -1.15 -0.33 -6.30
CA ALA A 49 -0.74 0.98 -5.83
C ALA A 49 0.37 0.82 -4.79
N LEU A 50 0.00 0.23 -3.65
CA LEU A 50 0.94 0.01 -2.58
C LEU A 50 2.28 -0.47 -3.16
N ARG A 51 2.17 -1.39 -4.11
CA ARG A 51 3.35 -1.94 -4.75
C ARG A 51 4.13 -0.83 -5.46
N VAL A 52 3.39 0.02 -6.15
CA VAL A 52 3.99 1.12 -6.88
C VAL A 52 4.80 1.99 -5.91
N PHE A 53 4.10 2.48 -4.89
CA PHE A 53 4.75 3.32 -3.89
C PHE A 53 5.35 2.47 -2.78
N GLY A 54 5.95 1.36 -3.17
CA GLY A 54 6.58 0.46 -2.22
C GLY A 54 5.51 -0.26 -1.37
N GLY A 55 4.71 0.55 -0.68
CA GLY A 55 3.66 0.01 0.17
C GLY A 55 3.16 1.07 1.15
N ASN A 56 2.99 2.28 0.63
CA ASN A 56 2.52 3.38 1.45
C ASN A 56 1.03 3.62 1.16
N VAL A 57 0.21 3.33 2.17
CA VAL A 57 -1.22 3.51 2.04
C VAL A 57 -1.51 4.95 1.60
N GLN A 58 -0.77 5.87 2.20
CA GLN A 58 -0.95 7.28 1.89
C GLN A 58 -0.50 7.57 0.46
N LEU A 59 0.80 7.40 0.23
CA LEU A 59 1.37 7.64 -1.08
C LEU A 59 0.41 7.12 -2.15
N ALA A 60 -0.08 5.90 -1.93
CA ALA A 60 -1.00 5.29 -2.86
C ALA A 60 -2.25 6.15 -2.98
N ALA A 61 -2.94 6.32 -1.86
CA ALA A 61 -4.15 7.12 -1.82
C ALA A 61 -3.87 8.48 -2.46
N GLN A 62 -2.85 9.15 -1.93
CA GLN A 62 -2.47 10.46 -2.43
C GLN A 62 -2.56 10.49 -3.96
N THR A 63 -2.26 9.35 -4.56
CA THR A 63 -2.30 9.24 -6.00
C THR A 63 -3.69 8.77 -6.46
N LEU A 64 -4.10 7.63 -5.93
CA LEU A 64 -5.40 7.07 -6.27
C LEU A 64 -6.45 8.17 -6.19
N ALA A 65 -6.42 8.90 -5.08
CA ALA A 65 -7.38 9.98 -4.87
C ALA A 65 -7.16 11.05 -5.93
N HIS A 66 -6.02 11.69 -5.87
CA HIS A 66 -5.68 12.74 -6.82
C HIS A 66 -6.13 12.32 -8.22
N HIS A 67 -5.55 11.23 -8.69
CA HIS A 67 -5.89 10.72 -10.01
C HIS A 67 -7.39 10.45 -10.09
N GLY A 68 -7.86 9.64 -9.16
CA GLY A 68 -9.27 9.30 -9.11
C GLY A 68 -9.47 7.81 -8.81
N GLY A 69 -8.38 7.07 -8.95
CA GLY A 69 -8.41 5.64 -8.70
C GLY A 69 -8.15 4.85 -9.98
N SER A 70 -7.56 5.53 -10.95
CA SER A 70 -7.26 4.91 -12.23
C SER A 70 -5.75 4.69 -12.35
N LEU A 71 -5.03 5.17 -11.35
CA LEU A 71 -3.58 5.03 -11.33
C LEU A 71 -2.99 5.82 -12.50
N PRO A 72 -1.70 6.23 -12.33
CA PRO A 72 -1.02 6.99 -13.37
C PRO A 72 -0.61 6.07 -14.53
N PRO A 73 -0.96 6.52 -15.76
CA PRO A 73 -0.64 5.76 -16.96
C PRO A 73 0.85 5.88 -17.30
N ASP A 74 1.48 6.90 -16.72
CA ASP A 74 2.89 7.13 -16.96
C ASP A 74 3.71 6.00 -16.33
N LEU A 75 3.61 5.88 -15.01
CA LEU A 75 4.33 4.85 -14.30
C LEU A 75 3.69 3.49 -14.60
N GLN A 76 2.37 3.48 -14.62
CA GLN A 76 1.63 2.26 -14.89
C GLN A 76 1.05 2.30 -16.32
N PHE A 77 1.91 2.01 -17.28
CA PHE A 77 1.50 2.00 -18.67
C PHE A 77 0.29 1.09 -18.89
N SER A 78 -0.77 1.69 -19.43
CA SER A 78 -1.99 0.94 -19.68
C SER A 78 -2.93 1.76 -20.56
N GLY A 79 -2.62 1.76 -21.85
CA GLY A 79 -3.42 2.50 -22.82
C GLY A 79 -4.91 2.23 -22.61
N PRO A 80 -5.60 3.23 -22.01
CA PRO A 80 -7.03 3.11 -21.75
C PRO A 80 -7.84 3.28 -23.04
N SER A 81 -8.96 2.58 -23.09
CA SER A 81 -9.83 2.63 -24.25
C SER A 81 -10.24 4.08 -24.52
N SER A 82 -9.69 4.63 -25.59
CA SER A 82 -10.00 6.01 -25.97
C SER A 82 -10.84 6.02 -27.24
N GLY A 83 -12.14 5.86 -27.05
CA GLY A 83 -13.07 5.85 -28.17
C GLY A 83 -14.49 5.54 -27.70
N GLY A 1 -39.67 15.15 -4.52
CA GLY A 1 -38.38 15.59 -5.04
C GLY A 1 -37.57 16.30 -3.95
N SER A 2 -36.28 16.40 -4.19
CA SER A 2 -35.38 17.05 -3.24
C SER A 2 -35.31 16.23 -1.95
N SER A 3 -34.13 15.67 -1.69
CA SER A 3 -33.92 14.87 -0.51
C SER A 3 -32.50 14.31 -0.50
N GLY A 4 -32.03 13.99 0.71
CA GLY A 4 -30.70 13.45 0.87
C GLY A 4 -29.93 14.20 1.95
N SER A 5 -29.68 13.50 3.05
CA SER A 5 -28.96 14.09 4.16
C SER A 5 -28.82 13.07 5.29
N SER A 6 -27.91 13.38 6.21
CA SER A 6 -27.67 12.50 7.34
C SER A 6 -27.47 13.32 8.62
N GLY A 7 -26.44 14.15 8.59
CA GLY A 7 -26.13 14.99 9.73
C GLY A 7 -24.67 14.81 10.16
N ASN A 8 -23.78 15.01 9.21
CA ASN A 8 -22.35 14.86 9.49
C ASN A 8 -21.57 15.06 8.19
N PRO A 9 -20.61 16.01 8.24
CA PRO A 9 -19.78 16.30 7.07
C PRO A 9 -18.73 15.20 6.86
N HIS A 10 -18.38 15.01 5.60
CA HIS A 10 -17.39 14.00 5.24
C HIS A 10 -15.99 14.59 5.34
N MET A 11 -15.75 15.30 6.44
CA MET A 11 -14.47 15.92 6.67
C MET A 11 -13.33 15.04 6.15
N TRP A 12 -13.23 13.85 6.71
CA TRP A 12 -12.21 12.90 6.31
C TRP A 12 -10.91 13.68 6.10
N TRP A 13 -10.64 13.98 4.84
CA TRP A 13 -9.43 14.72 4.49
C TRP A 13 -8.25 13.75 4.52
N LEU A 14 -7.90 13.34 5.73
CA LEU A 14 -6.79 12.41 5.92
C LEU A 14 -7.17 11.38 6.97
N GLN A 15 -8.31 10.73 6.74
CA GLN A 15 -8.79 9.72 7.66
C GLN A 15 -8.97 10.32 9.05
N ASP A 16 -9.53 9.50 9.95
CA ASP A 16 -9.77 9.93 11.31
C ASP A 16 -10.11 8.71 12.17
N ALA A 17 -9.06 8.10 12.71
CA ALA A 17 -9.24 6.93 13.55
C ALA A 17 -7.88 6.49 14.10
N ASP A 18 -6.99 6.14 13.18
CA ASP A 18 -5.66 5.71 13.56
C ASP A 18 -4.92 5.20 12.30
N PRO A 19 -3.75 5.84 12.04
CA PRO A 19 -2.95 5.47 10.89
C PRO A 19 -2.20 4.16 11.13
N GLU A 20 -1.37 4.17 12.17
CA GLU A 20 -0.60 3.00 12.52
C GLU A 20 -0.07 2.31 11.26
N ASN A 21 0.89 2.96 10.63
CA ASN A 21 1.50 2.43 9.41
C ASN A 21 2.61 3.36 8.94
N ASN A 22 3.53 2.79 8.19
CA ASN A 22 4.65 3.57 7.67
C ASN A 22 5.63 2.63 6.98
N SER A 23 5.51 2.56 5.65
CA SER A 23 6.37 1.71 4.86
C SER A 23 6.21 0.25 5.29
N ARG A 24 5.40 -0.47 4.54
CA ARG A 24 5.15 -1.87 4.84
C ARG A 24 6.12 -2.76 4.04
N GLN A 25 7.26 -3.04 4.66
CA GLN A 25 8.27 -3.87 4.03
C GLN A 25 7.63 -5.12 3.43
N ALA A 26 8.01 -5.41 2.20
CA ALA A 26 7.49 -6.57 1.51
C ALA A 26 6.06 -6.28 1.04
N SER A 27 5.45 -7.29 0.42
CA SER A 27 4.09 -7.15 -0.07
C SER A 27 3.24 -6.37 0.93
N PRO A 28 2.15 -5.75 0.39
CA PRO A 28 1.25 -4.97 1.24
C PRO A 28 0.37 -5.89 2.08
N SER A 29 -0.13 -5.32 3.18
CA SER A 29 -1.00 -6.06 4.07
C SER A 29 -2.46 -5.92 3.64
N GLN A 30 -3.18 -7.03 3.74
CA GLN A 30 -4.58 -7.03 3.36
C GLN A 30 -5.26 -5.72 3.80
N GLU A 31 -5.08 -5.40 5.06
CA GLU A 31 -5.66 -4.18 5.62
C GLU A 31 -5.32 -2.98 4.73
N SER A 32 -4.03 -2.69 4.67
CA SER A 32 -3.56 -1.57 3.86
C SER A 32 -4.31 -1.53 2.54
N ILE A 33 -4.73 -2.70 2.09
CA ILE A 33 -5.45 -2.82 0.84
C ILE A 33 -6.95 -2.62 1.10
N ASN A 34 -7.42 -3.27 2.15
CA ASN A 34 -8.82 -3.18 2.52
C ASN A 34 -9.17 -1.73 2.85
N GLN A 35 -8.21 -1.06 3.48
CA GLN A 35 -8.39 0.33 3.87
C GLN A 35 -8.43 1.22 2.63
N LEU A 36 -7.78 0.74 1.57
CA LEU A 36 -7.74 1.48 0.32
C LEU A 36 -9.10 1.36 -0.38
N VAL A 37 -9.54 0.11 -0.55
CA VAL A 37 -10.80 -0.16 -1.20
C VAL A 37 -11.88 0.75 -0.61
N TYR A 38 -11.81 0.93 0.69
CA TYR A 38 -12.77 1.77 1.39
C TYR A 38 -12.86 3.14 0.74
N MET A 39 -11.71 3.73 0.46
CA MET A 39 -11.64 5.04 -0.16
C MET A 39 -12.33 5.02 -1.53
N GLY A 40 -12.24 3.88 -2.20
CA GLY A 40 -12.84 3.73 -3.50
C GLY A 40 -11.79 3.35 -4.55
N PHE A 41 -11.05 2.29 -4.25
CA PHE A 41 -10.01 1.83 -5.15
C PHE A 41 -9.98 0.29 -5.23
N ASP A 42 -10.27 -0.21 -6.41
CA ASP A 42 -10.28 -1.65 -6.63
C ASP A 42 -9.11 -2.28 -5.87
N THR A 43 -9.43 -3.35 -5.15
CA THR A 43 -8.42 -4.06 -4.37
C THR A 43 -7.11 -4.17 -5.17
N VAL A 44 -7.27 -4.44 -6.46
CA VAL A 44 -6.12 -4.58 -7.33
C VAL A 44 -5.36 -3.25 -7.37
N VAL A 45 -6.11 -2.17 -7.55
CA VAL A 45 -5.53 -0.85 -7.61
C VAL A 45 -4.79 -0.56 -6.30
N ALA A 46 -5.36 -1.06 -5.22
CA ALA A 46 -4.78 -0.87 -3.91
C ALA A 46 -3.48 -1.66 -3.80
N GLU A 47 -3.62 -2.97 -3.94
CA GLU A 47 -2.46 -3.85 -3.87
C GLU A 47 -1.35 -3.36 -4.81
N ALA A 48 -1.74 -3.12 -6.05
CA ALA A 48 -0.79 -2.66 -7.05
C ALA A 48 -0.20 -1.33 -6.59
N ALA A 49 -1.09 -0.41 -6.23
CA ALA A 49 -0.67 0.90 -5.77
C ALA A 49 0.45 0.74 -4.73
N LEU A 50 0.17 -0.07 -3.72
CA LEU A 50 1.13 -0.32 -2.67
C LEU A 50 2.43 -0.84 -3.27
N ARG A 51 2.29 -1.43 -4.46
CA ARG A 51 3.45 -1.98 -5.15
C ARG A 51 4.18 -0.87 -5.91
N VAL A 52 3.44 0.18 -6.21
CA VAL A 52 4.01 1.32 -6.94
C VAL A 52 4.81 2.19 -5.96
N PHE A 53 4.13 2.61 -4.90
CA PHE A 53 4.75 3.44 -3.90
C PHE A 53 5.37 2.59 -2.79
N GLY A 54 6.06 1.54 -3.21
CA GLY A 54 6.70 0.64 -2.26
C GLY A 54 5.66 -0.14 -1.46
N GLY A 55 4.82 0.60 -0.75
CA GLY A 55 3.79 -0.01 0.06
C GLY A 55 3.22 1.00 1.06
N ASN A 56 3.00 2.22 0.57
CA ASN A 56 2.46 3.27 1.41
C ASN A 56 0.98 3.49 1.06
N VAL A 57 0.13 3.30 2.06
CA VAL A 57 -1.29 3.46 1.88
C VAL A 57 -1.59 4.92 1.50
N GLN A 58 -0.89 5.82 2.18
CA GLN A 58 -1.07 7.24 1.92
C GLN A 58 -0.56 7.60 0.52
N LEU A 59 0.73 7.37 0.32
CA LEU A 59 1.33 7.66 -0.97
C LEU A 59 0.40 7.21 -2.10
N ALA A 60 -0.22 6.07 -1.86
CA ALA A 60 -1.14 5.51 -2.85
C ALA A 60 -2.40 6.39 -2.92
N ALA A 61 -3.10 6.45 -1.80
CA ALA A 61 -4.32 7.24 -1.72
C ALA A 61 -4.05 8.65 -2.29
N GLN A 62 -2.88 9.17 -1.94
CA GLN A 62 -2.49 10.49 -2.40
C GLN A 62 -2.56 10.55 -3.93
N THR A 63 -2.16 9.46 -4.56
CA THR A 63 -2.18 9.38 -6.01
C THR A 63 -3.56 8.93 -6.50
N LEU A 64 -4.05 7.86 -5.90
CA LEU A 64 -5.35 7.32 -6.26
C LEU A 64 -6.42 8.41 -6.07
N ALA A 65 -6.06 9.41 -5.28
CA ALA A 65 -6.98 10.50 -5.00
C ALA A 65 -6.88 11.54 -6.12
N HIS A 66 -5.65 11.92 -6.43
CA HIS A 66 -5.41 12.90 -7.48
C HIS A 66 -5.97 12.37 -8.80
N HIS A 67 -5.50 11.20 -9.18
CA HIS A 67 -5.92 10.58 -10.42
C HIS A 67 -7.44 10.34 -10.37
N GLY A 68 -7.80 9.19 -9.83
CA GLY A 68 -9.20 8.82 -9.71
C GLY A 68 -9.42 7.37 -10.12
N GLY A 69 -8.54 6.51 -9.64
CA GLY A 69 -8.64 5.09 -9.95
C GLY A 69 -7.77 4.74 -11.16
N SER A 70 -6.53 5.19 -11.10
CA SER A 70 -5.58 4.93 -12.18
C SER A 70 -4.19 5.39 -11.77
N LEU A 71 -3.26 4.43 -11.78
CA LEU A 71 -1.89 4.72 -11.40
C LEU A 71 -1.15 5.30 -12.62
N PRO A 72 -0.04 6.01 -12.31
CA PRO A 72 0.76 6.63 -13.36
C PRO A 72 1.59 5.58 -14.10
N PRO A 73 1.78 5.83 -15.43
CA PRO A 73 2.55 4.91 -16.25
C PRO A 73 4.06 5.06 -15.97
N ASP A 74 4.47 6.29 -15.74
CA ASP A 74 5.87 6.57 -15.46
C ASP A 74 5.96 7.74 -14.48
N LEU A 75 5.72 7.43 -13.21
CA LEU A 75 5.77 8.44 -12.18
C LEU A 75 7.20 8.55 -11.65
N GLN A 76 7.67 7.46 -11.07
CA GLN A 76 9.02 7.41 -10.52
C GLN A 76 10.01 6.93 -11.59
N PHE A 77 10.88 7.83 -12.00
CA PHE A 77 11.89 7.51 -13.01
C PHE A 77 13.21 7.11 -12.36
N SER A 78 13.53 5.84 -12.49
CA SER A 78 14.77 5.32 -11.93
C SER A 78 15.01 3.89 -12.42
N GLY A 79 15.58 3.80 -13.61
CA GLY A 79 15.87 2.51 -14.21
C GLY A 79 15.88 2.59 -15.73
N PRO A 80 15.46 1.47 -16.37
CA PRO A 80 15.41 1.41 -17.83
C PRO A 80 14.22 2.20 -18.38
N SER A 81 13.11 2.10 -17.66
CA SER A 81 11.90 2.80 -18.07
C SER A 81 11.44 2.31 -19.44
N SER A 82 10.35 1.56 -19.43
CA SER A 82 9.80 1.02 -20.66
C SER A 82 8.33 1.41 -20.79
N GLY A 83 8.01 2.07 -21.90
CA GLY A 83 6.66 2.50 -22.16
C GLY A 83 6.30 2.35 -23.64
N GLY A 1 30.83 26.47 59.29
CA GLY A 1 30.10 25.26 58.95
C GLY A 1 30.44 24.78 57.54
N SER A 2 29.76 25.38 56.57
CA SER A 2 29.98 25.04 55.17
C SER A 2 29.71 23.55 54.96
N SER A 3 28.65 23.27 54.20
CA SER A 3 28.28 21.90 53.91
C SER A 3 27.28 21.88 52.75
N GLY A 4 27.11 20.69 52.18
CA GLY A 4 26.19 20.51 51.07
C GLY A 4 25.95 19.02 50.79
N SER A 5 25.19 18.77 49.73
CA SER A 5 24.89 17.40 49.34
C SER A 5 24.18 17.39 47.99
N SER A 6 24.10 16.20 47.41
CA SER A 6 23.45 16.04 46.12
C SER A 6 22.75 14.68 46.05
N GLY A 7 21.86 14.56 45.07
CA GLY A 7 21.11 13.33 44.89
C GLY A 7 20.82 13.08 43.40
N ASN A 8 20.03 12.04 43.16
CA ASN A 8 19.68 11.69 41.80
C ASN A 8 18.24 11.16 41.77
N PRO A 9 17.63 11.17 40.56
CA PRO A 9 16.27 10.70 40.38
C PRO A 9 16.22 9.16 40.43
N HIS A 10 17.32 8.56 40.00
CA HIS A 10 17.41 7.10 39.98
C HIS A 10 16.16 6.52 39.31
N MET A 11 15.80 7.11 38.18
CA MET A 11 14.64 6.66 37.45
C MET A 11 14.51 5.14 37.48
N TRP A 12 13.35 4.68 37.92
CA TRP A 12 13.09 3.25 38.01
C TRP A 12 11.70 2.98 37.44
N TRP A 13 11.65 2.87 36.11
CA TRP A 13 10.39 2.60 35.44
C TRP A 13 10.42 1.16 34.91
N LEU A 14 9.74 0.97 33.79
CA LEU A 14 9.68 -0.36 33.18
C LEU A 14 10.43 -0.32 31.85
N GLN A 15 9.90 -1.09 30.90
CA GLN A 15 10.50 -1.15 29.58
C GLN A 15 9.53 -0.64 28.52
N ASP A 16 10.08 -0.32 27.36
CA ASP A 16 9.28 0.19 26.26
C ASP A 16 8.49 -0.96 25.64
N ALA A 17 7.52 -0.60 24.81
CA ALA A 17 6.70 -1.59 24.14
C ALA A 17 7.18 -1.76 22.70
N ASP A 18 7.10 -0.65 21.96
CA ASP A 18 7.51 -0.66 20.57
C ASP A 18 7.42 0.76 20.01
N PRO A 19 8.53 1.19 19.35
CA PRO A 19 8.59 2.52 18.77
C PRO A 19 7.76 2.58 17.47
N GLU A 20 8.05 1.64 16.58
CA GLU A 20 7.35 1.59 15.32
C GLU A 20 7.48 0.19 14.69
N ASN A 21 6.40 -0.57 14.80
CA ASN A 21 6.38 -1.93 14.26
C ASN A 21 6.05 -1.87 12.77
N ASN A 22 5.00 -1.13 12.46
CA ASN A 22 4.56 -0.98 11.08
C ASN A 22 5.78 -0.69 10.19
N SER A 23 5.94 -1.52 9.17
CA SER A 23 7.05 -1.36 8.25
C SER A 23 6.54 -1.31 6.81
N ARG A 24 7.24 -0.54 5.99
CA ARG A 24 6.86 -0.40 4.59
C ARG A 24 8.00 -0.88 3.69
N GLN A 25 7.90 -2.13 3.27
CA GLN A 25 8.91 -2.72 2.41
C GLN A 25 8.27 -3.75 1.47
N ALA A 26 7.64 -3.24 0.41
CA ALA A 26 6.99 -4.11 -0.55
C ALA A 26 5.98 -5.01 0.17
N SER A 27 5.17 -5.69 -0.63
CA SER A 27 4.17 -6.59 -0.08
C SER A 27 3.26 -5.82 0.88
N PRO A 28 2.10 -5.37 0.34
CA PRO A 28 1.14 -4.62 1.14
C PRO A 28 0.36 -5.57 2.07
N SER A 29 -0.30 -4.97 3.05
CA SER A 29 -1.07 -5.72 4.01
C SER A 29 -2.56 -5.65 3.66
N GLN A 30 -3.25 -6.75 3.92
CA GLN A 30 -4.68 -6.81 3.63
C GLN A 30 -5.37 -5.53 4.10
N GLU A 31 -5.02 -5.10 5.30
CA GLU A 31 -5.60 -3.89 5.87
C GLU A 31 -5.30 -2.69 4.97
N SER A 32 -4.04 -2.61 4.55
CA SER A 32 -3.61 -1.52 3.70
C SER A 32 -4.42 -1.52 2.40
N ILE A 33 -4.70 -2.73 1.92
CA ILE A 33 -5.46 -2.88 0.69
C ILE A 33 -6.95 -2.63 0.98
N ASN A 34 -7.42 -3.25 2.05
CA ASN A 34 -8.81 -3.10 2.45
C ASN A 34 -9.09 -1.64 2.76
N GLN A 35 -8.13 -1.00 3.41
CA GLN A 35 -8.26 0.39 3.78
C GLN A 35 -8.32 1.27 2.53
N LEU A 36 -7.70 0.78 1.47
CA LEU A 36 -7.67 1.50 0.21
C LEU A 36 -9.04 1.37 -0.47
N VAL A 37 -9.42 0.14 -0.75
CA VAL A 37 -10.70 -0.13 -1.39
C VAL A 37 -11.76 0.79 -0.79
N TYR A 38 -11.67 0.98 0.51
CA TYR A 38 -12.61 1.82 1.22
C TYR A 38 -12.67 3.22 0.60
N MET A 39 -11.50 3.76 0.34
CA MET A 39 -11.40 5.08 -0.26
C MET A 39 -12.08 5.13 -1.62
N GLY A 40 -11.96 4.02 -2.34
CA GLY A 40 -12.56 3.92 -3.67
C GLY A 40 -11.53 3.48 -4.71
N PHE A 41 -10.88 2.36 -4.40
CA PHE A 41 -9.87 1.82 -5.30
C PHE A 41 -9.90 0.29 -5.30
N ASP A 42 -10.32 -0.26 -6.43
CA ASP A 42 -10.40 -1.70 -6.58
C ASP A 42 -9.19 -2.35 -5.88
N THR A 43 -9.47 -3.43 -5.18
CA THR A 43 -8.42 -4.15 -4.47
C THR A 43 -7.14 -4.18 -5.31
N VAL A 44 -7.23 -4.84 -6.46
CA VAL A 44 -6.10 -4.94 -7.35
C VAL A 44 -5.35 -3.60 -7.40
N VAL A 45 -6.11 -2.56 -7.71
CA VAL A 45 -5.54 -1.22 -7.79
C VAL A 45 -4.85 -0.88 -6.47
N ALA A 46 -5.50 -1.27 -5.38
CA ALA A 46 -4.96 -1.02 -4.06
C ALA A 46 -3.65 -1.79 -3.89
N GLU A 47 -3.73 -3.08 -4.17
CA GLU A 47 -2.56 -3.94 -4.06
C GLU A 47 -1.45 -3.46 -4.99
N ALA A 48 -1.82 -3.26 -6.24
CA ALA A 48 -0.87 -2.80 -7.25
C ALA A 48 -0.34 -1.42 -6.84
N ALA A 49 -1.27 -0.55 -6.48
CA ALA A 49 -0.91 0.81 -6.07
C ALA A 49 0.17 0.73 -5.00
N LEU A 50 -0.21 0.20 -3.85
CA LEU A 50 0.73 0.07 -2.73
C LEU A 50 2.09 -0.35 -3.28
N ARG A 51 2.13 -1.56 -3.83
CA ARG A 51 3.36 -2.10 -4.38
C ARG A 51 4.14 -1.00 -5.09
N VAL A 52 3.42 -0.24 -5.91
CA VAL A 52 4.04 0.84 -6.66
C VAL A 52 4.70 1.82 -5.68
N PHE A 53 3.85 2.57 -5.00
CA PHE A 53 4.34 3.55 -4.03
C PHE A 53 4.92 2.86 -2.80
N GLY A 54 6.05 2.18 -3.02
CA GLY A 54 6.71 1.47 -1.94
C GLY A 54 5.71 1.03 -0.87
N GLY A 55 4.68 0.36 -1.32
CA GLY A 55 3.64 -0.12 -0.41
C GLY A 55 3.32 0.92 0.66
N ASN A 56 2.87 2.08 0.19
CA ASN A 56 2.53 3.16 1.09
C ASN A 56 1.06 3.54 0.88
N VAL A 57 0.24 3.12 1.84
CA VAL A 57 -1.19 3.40 1.78
C VAL A 57 -1.39 4.88 1.48
N GLN A 58 -0.69 5.72 2.24
CA GLN A 58 -0.79 7.16 2.06
C GLN A 58 -0.39 7.54 0.63
N LEU A 59 0.89 7.37 0.35
CA LEU A 59 1.41 7.69 -0.97
C LEU A 59 0.40 7.25 -2.04
N ALA A 60 0.12 5.97 -2.04
CA ALA A 60 -0.83 5.41 -3.00
C ALA A 60 -2.09 6.27 -3.03
N ALA A 61 -2.76 6.33 -1.88
CA ALA A 61 -3.97 7.12 -1.77
C ALA A 61 -3.72 8.51 -2.34
N GLN A 62 -2.72 9.18 -1.78
CA GLN A 62 -2.38 10.52 -2.23
C GLN A 62 -2.52 10.63 -3.75
N THR A 63 -2.24 9.52 -4.42
CA THR A 63 -2.32 9.48 -5.87
C THR A 63 -3.68 8.92 -6.30
N LEU A 64 -3.99 7.74 -5.77
CA LEU A 64 -5.25 7.08 -6.10
C LEU A 64 -6.39 8.08 -5.94
N ALA A 65 -6.24 8.97 -4.97
CA ALA A 65 -7.25 9.97 -4.71
C ALA A 65 -7.05 11.15 -5.67
N HIS A 66 -5.85 11.71 -5.64
CA HIS A 66 -5.53 12.84 -6.49
C HIS A 66 -6.11 12.61 -7.89
N HIS A 67 -5.75 11.47 -8.47
CA HIS A 67 -6.23 11.12 -9.80
C HIS A 67 -7.64 10.54 -9.69
N GLY A 68 -7.85 9.77 -8.63
CA GLY A 68 -9.13 9.13 -8.41
C GLY A 68 -9.26 7.84 -9.19
N GLY A 69 -8.48 6.85 -8.78
CA GLY A 69 -8.50 5.56 -9.43
C GLY A 69 -8.06 5.68 -10.89
N SER A 70 -6.87 5.15 -11.17
CA SER A 70 -6.33 5.19 -12.51
C SER A 70 -4.81 5.04 -12.47
N LEU A 71 -4.25 5.38 -11.33
CA LEU A 71 -2.81 5.28 -11.14
C LEU A 71 -2.11 6.24 -12.10
N PRO A 72 -0.79 6.49 -11.81
CA PRO A 72 0.00 7.39 -12.64
C PRO A 72 0.38 6.72 -13.96
N PRO A 73 0.06 7.43 -15.08
CA PRO A 73 0.36 6.91 -16.40
C PRO A 73 1.86 7.03 -16.71
N ASP A 74 2.55 7.76 -15.84
CA ASP A 74 3.98 7.97 -16.00
C ASP A 74 4.63 8.09 -14.63
N LEU A 75 5.24 6.98 -14.20
CA LEU A 75 5.90 6.94 -12.91
C LEU A 75 7.27 6.29 -13.07
N GLN A 76 7.29 5.17 -13.78
CA GLN A 76 8.51 4.43 -14.01
C GLN A 76 8.42 3.64 -15.31
N PHE A 77 9.58 3.25 -15.82
CA PHE A 77 9.64 2.49 -17.05
C PHE A 77 8.54 1.43 -17.09
N SER A 78 8.43 0.70 -16.00
CA SER A 78 7.43 -0.35 -15.89
C SER A 78 6.03 0.27 -15.78
N GLY A 79 5.32 0.28 -16.90
CA GLY A 79 3.98 0.84 -16.94
C GLY A 79 3.08 0.02 -17.86
N PRO A 80 2.32 -0.92 -17.23
CA PRO A 80 1.41 -1.78 -17.97
C PRO A 80 0.16 -1.00 -18.40
N SER A 81 -0.09 -1.01 -19.70
CA SER A 81 -1.24 -0.32 -20.24
C SER A 81 -1.66 -0.95 -21.56
N SER A 82 -2.94 -0.83 -21.87
CA SER A 82 -3.48 -1.39 -23.09
C SER A 82 -3.03 -2.85 -23.25
N GLY A 83 -3.72 -3.73 -22.52
CA GLY A 83 -3.39 -5.15 -22.57
C GLY A 83 -4.66 -6.00 -22.46
N GLY A 1 3.40 2.39 65.23
CA GLY A 1 2.59 3.38 64.55
C GLY A 1 2.08 2.83 63.21
N SER A 2 2.33 3.61 62.16
CA SER A 2 1.89 3.22 60.82
C SER A 2 2.73 3.95 59.77
N SER A 3 2.78 3.36 58.58
CA SER A 3 3.54 3.94 57.49
C SER A 3 3.26 3.16 56.20
N GLY A 4 3.67 3.77 55.09
CA GLY A 4 3.48 3.15 53.79
C GLY A 4 4.64 3.48 52.86
N SER A 5 4.62 2.83 51.69
CA SER A 5 5.67 3.05 50.70
C SER A 5 5.23 2.46 49.36
N SER A 6 5.87 2.96 48.30
CA SER A 6 5.55 2.50 46.96
C SER A 6 6.74 1.72 46.38
N GLY A 7 6.48 1.06 45.26
CA GLY A 7 7.51 0.27 44.60
C GLY A 7 7.13 -0.03 43.16
N ASN A 8 8.15 -0.32 42.36
CA ASN A 8 7.93 -0.62 40.95
C ASN A 8 9.24 -1.15 40.35
N PRO A 9 9.19 -2.42 39.88
CA PRO A 9 10.35 -3.05 39.28
C PRO A 9 10.60 -2.50 37.87
N HIS A 10 11.88 -2.38 37.53
CA HIS A 10 12.26 -1.87 36.22
C HIS A 10 12.26 -3.02 35.21
N MET A 11 11.17 -3.78 35.23
CA MET A 11 11.03 -4.91 34.32
C MET A 11 11.65 -4.59 32.96
N TRP A 12 12.17 -5.63 32.32
CA TRP A 12 12.79 -5.48 31.02
C TRP A 12 12.01 -6.33 30.02
N TRP A 13 11.33 -5.66 29.11
CA TRP A 13 10.55 -6.34 28.09
C TRP A 13 11.49 -7.23 27.27
N LEU A 14 12.47 -6.58 26.66
CA LEU A 14 13.45 -7.28 25.85
C LEU A 14 14.79 -6.57 25.94
N GLN A 15 15.75 -7.26 26.56
CA GLN A 15 17.08 -6.71 26.73
C GLN A 15 17.66 -6.31 25.37
N ASP A 16 17.06 -6.86 24.32
CA ASP A 16 17.51 -6.57 22.97
C ASP A 16 16.43 -5.78 22.24
N ALA A 17 16.77 -5.34 21.04
CA ALA A 17 15.84 -4.57 20.23
C ALA A 17 16.32 -4.57 18.78
N ASP A 18 16.23 -5.74 18.16
CA ASP A 18 16.65 -5.88 16.77
C ASP A 18 15.95 -7.09 16.16
N PRO A 19 15.10 -6.80 15.14
CA PRO A 19 14.36 -7.86 14.46
C PRO A 19 15.27 -8.64 13.52
N GLU A 20 15.89 -7.91 12.59
CA GLU A 20 16.78 -8.52 11.63
C GLU A 20 17.51 -7.46 10.82
N ASN A 21 16.72 -6.66 10.12
CA ASN A 21 17.28 -5.59 9.30
C ASN A 21 16.17 -4.60 8.93
N ASN A 22 15.13 -5.14 8.31
CA ASN A 22 14.00 -4.34 7.90
C ASN A 22 12.75 -5.22 7.76
N SER A 23 11.79 -4.97 8.63
CA SER A 23 10.55 -5.73 8.62
C SER A 23 9.77 -5.43 7.34
N ARG A 24 9.71 -4.15 7.01
CA ARG A 24 8.99 -3.72 5.81
C ARG A 24 9.46 -4.52 4.60
N GLN A 25 8.52 -5.22 3.99
CA GLN A 25 8.83 -6.02 2.81
C GLN A 25 8.12 -5.44 1.57
N ALA A 26 8.40 -6.06 0.44
CA ALA A 26 7.81 -5.62 -0.81
C ALA A 26 6.46 -6.34 -1.02
N SER A 27 5.49 -5.94 -0.21
CA SER A 27 4.17 -6.53 -0.28
C SER A 27 3.25 -5.88 0.74
N PRO A 28 2.08 -5.40 0.24
CA PRO A 28 1.10 -4.75 1.10
C PRO A 28 0.35 -5.79 1.95
N SER A 29 -0.38 -5.28 2.93
CA SER A 29 -1.15 -6.15 3.82
C SER A 29 -2.63 -6.04 3.49
N GLN A 30 -3.32 -7.16 3.65
CA GLN A 30 -4.75 -7.20 3.37
C GLN A 30 -5.42 -5.93 3.86
N GLU A 31 -5.03 -5.50 5.06
CA GLU A 31 -5.59 -4.29 5.64
C GLU A 31 -5.29 -3.08 4.76
N SER A 32 -4.01 -2.74 4.69
CA SER A 32 -3.58 -1.61 3.89
C SER A 32 -4.37 -1.58 2.57
N ILE A 33 -4.62 -2.76 2.05
CA ILE A 33 -5.35 -2.89 0.80
C ILE A 33 -6.84 -2.64 1.05
N ASN A 34 -7.34 -3.28 2.10
CA ASN A 34 -8.74 -3.13 2.47
C ASN A 34 -9.03 -1.66 2.81
N GLN A 35 -8.10 -1.07 3.55
CA GLN A 35 -8.24 0.32 3.95
C GLN A 35 -8.29 1.23 2.72
N LEU A 36 -7.64 0.76 1.66
CA LEU A 36 -7.59 1.51 0.42
C LEU A 36 -8.96 1.44 -0.26
N VAL A 37 -9.39 0.21 -0.53
CA VAL A 37 -10.67 -0.01 -1.17
C VAL A 37 -11.72 0.92 -0.55
N TYR A 38 -11.65 1.02 0.78
CA TYR A 38 -12.59 1.87 1.50
C TYR A 38 -12.67 3.26 0.88
N MET A 39 -11.51 3.81 0.60
CA MET A 39 -11.43 5.14 0.00
C MET A 39 -12.14 5.17 -1.35
N GLY A 40 -12.09 4.04 -2.04
CA GLY A 40 -12.72 3.93 -3.34
C GLY A 40 -11.70 3.56 -4.42
N PHE A 41 -10.96 2.49 -4.16
CA PHE A 41 -9.95 2.03 -5.09
C PHE A 41 -9.96 0.50 -5.19
N ASP A 42 -10.22 0.02 -6.39
CA ASP A 42 -10.26 -1.41 -6.64
C ASP A 42 -9.07 -2.07 -5.93
N THR A 43 -9.38 -3.12 -5.18
CA THR A 43 -8.36 -3.85 -4.45
C THR A 43 -7.07 -3.94 -5.29
N VAL A 44 -7.23 -4.46 -6.50
CA VAL A 44 -6.10 -4.61 -7.39
C VAL A 44 -5.27 -3.32 -7.39
N VAL A 45 -5.94 -2.22 -7.71
CA VAL A 45 -5.28 -0.93 -7.75
C VAL A 45 -4.62 -0.66 -6.39
N ALA A 46 -5.32 -1.07 -5.34
CA ALA A 46 -4.81 -0.88 -3.99
C ALA A 46 -3.51 -1.66 -3.83
N GLU A 47 -3.56 -2.92 -4.22
CA GLU A 47 -2.39 -3.79 -4.11
C GLU A 47 -1.30 -3.32 -5.09
N ALA A 48 -1.73 -3.00 -6.30
CA ALA A 48 -0.81 -2.54 -7.33
C ALA A 48 -0.21 -1.20 -6.90
N ALA A 49 -1.06 -0.36 -6.32
CA ALA A 49 -0.63 0.95 -5.86
C ALA A 49 0.44 0.77 -4.78
N LEU A 50 0.02 0.23 -3.65
CA LEU A 50 0.93 0.01 -2.54
C LEU A 50 2.27 -0.51 -3.08
N ARG A 51 2.17 -1.42 -4.03
CA ARG A 51 3.36 -1.99 -4.63
C ARG A 51 4.19 -0.91 -5.32
N VAL A 52 3.49 -0.07 -6.07
CA VAL A 52 4.13 1.01 -6.79
C VAL A 52 4.93 1.88 -5.80
N PHE A 53 4.21 2.43 -4.84
CA PHE A 53 4.83 3.27 -3.82
C PHE A 53 5.39 2.43 -2.67
N GLY A 54 6.03 1.33 -3.05
CA GLY A 54 6.62 0.44 -2.06
C GLY A 54 5.53 -0.29 -1.27
N GLY A 55 4.69 0.50 -0.61
CA GLY A 55 3.61 -0.04 0.19
C GLY A 55 3.05 1.00 1.15
N ASN A 56 2.90 2.22 0.63
CA ASN A 56 2.38 3.32 1.43
C ASN A 56 0.90 3.51 1.11
N VAL A 57 0.10 3.57 2.16
CA VAL A 57 -1.34 3.75 2.00
C VAL A 57 -1.62 5.19 1.59
N GLN A 58 -0.96 6.11 2.27
CA GLN A 58 -1.13 7.53 1.98
C GLN A 58 -0.66 7.84 0.56
N LEU A 59 0.58 7.47 0.28
CA LEU A 59 1.16 7.70 -1.02
C LEU A 59 0.16 7.27 -2.10
N ALA A 60 -0.03 5.96 -2.19
CA ALA A 60 -0.96 5.41 -3.17
C ALA A 60 -2.24 6.25 -3.19
N ALA A 61 -2.91 6.27 -2.05
CA ALA A 61 -4.14 7.03 -1.93
C ALA A 61 -3.94 8.43 -2.52
N GLN A 62 -2.82 9.03 -2.16
CA GLN A 62 -2.49 10.36 -2.65
C GLN A 62 -2.62 10.42 -4.17
N THR A 63 -2.02 9.42 -4.82
CA THR A 63 -2.06 9.35 -6.27
C THR A 63 -3.44 8.88 -6.73
N LEU A 64 -3.93 7.84 -6.08
CA LEU A 64 -5.23 7.27 -6.42
C LEU A 64 -6.29 8.37 -6.32
N ALA A 65 -6.48 8.86 -5.10
CA ALA A 65 -7.45 9.91 -4.85
C ALA A 65 -7.36 10.95 -5.96
N HIS A 66 -6.19 11.55 -6.08
CA HIS A 66 -5.96 12.57 -7.10
C HIS A 66 -6.57 12.11 -8.42
N HIS A 67 -6.50 10.80 -8.66
CA HIS A 67 -7.05 10.24 -9.88
C HIS A 67 -8.35 9.49 -9.56
N GLY A 68 -8.83 8.77 -10.57
CA GLY A 68 -10.06 8.00 -10.41
C GLY A 68 -9.76 6.53 -10.13
N GLY A 69 -8.74 6.31 -9.32
CA GLY A 69 -8.33 4.95 -8.98
C GLY A 69 -7.34 4.39 -10.01
N SER A 70 -7.64 4.68 -11.27
CA SER A 70 -6.79 4.21 -12.35
C SER A 70 -5.38 4.77 -12.19
N LEU A 71 -4.42 3.86 -12.07
CA LEU A 71 -3.03 4.25 -11.89
C LEU A 71 -2.55 4.99 -13.15
N PRO A 72 -1.41 5.71 -12.99
CA PRO A 72 -0.85 6.47 -14.09
C PRO A 72 -0.16 5.54 -15.09
N PRO A 73 -0.32 5.87 -16.40
CA PRO A 73 0.28 5.08 -17.46
C PRO A 73 1.79 5.33 -17.55
N ASP A 74 2.19 6.50 -17.05
CA ASP A 74 3.60 6.88 -17.06
C ASP A 74 3.91 7.69 -15.81
N LEU A 75 4.29 6.99 -14.76
CA LEU A 75 4.62 7.63 -13.49
C LEU A 75 6.09 7.38 -13.17
N GLN A 76 6.42 6.10 -13.04
CA GLN A 76 7.79 5.71 -12.73
C GLN A 76 8.34 4.79 -13.82
N PHE A 77 9.40 5.27 -14.47
CA PHE A 77 10.02 4.50 -15.54
C PHE A 77 11.50 4.26 -15.23
N SER A 78 11.97 3.08 -15.62
CA SER A 78 13.36 2.72 -15.40
C SER A 78 13.63 1.32 -15.96
N GLY A 79 14.63 1.24 -16.82
CA GLY A 79 14.99 -0.03 -17.43
C GLY A 79 15.81 0.19 -18.71
N PRO A 80 16.59 -0.86 -19.08
CA PRO A 80 17.41 -0.79 -20.27
C PRO A 80 16.56 -0.92 -21.54
N SER A 81 17.22 -0.72 -22.68
CA SER A 81 16.53 -0.82 -23.95
C SER A 81 17.51 -0.53 -25.09
N SER A 82 17.84 -1.58 -25.83
CA SER A 82 18.76 -1.46 -26.94
C SER A 82 18.60 -2.66 -27.89
N GLY A 83 18.80 -3.84 -27.33
CA GLY A 83 18.68 -5.06 -28.11
C GLY A 83 19.31 -6.24 -27.38
N GLY A 1 -28.26 -7.94 53.08
CA GLY A 1 -27.27 -6.93 52.75
C GLY A 1 -26.85 -7.04 51.29
N SER A 2 -25.98 -6.12 50.89
CA SER A 2 -25.48 -6.10 49.52
C SER A 2 -24.47 -4.96 49.36
N SER A 3 -23.76 -5.01 48.23
CA SER A 3 -22.77 -3.99 47.93
C SER A 3 -22.72 -3.72 46.43
N GLY A 4 -21.99 -2.68 46.06
CA GLY A 4 -21.87 -2.31 44.66
C GLY A 4 -20.49 -1.70 44.38
N SER A 5 -20.49 -0.68 43.54
CA SER A 5 -19.26 -0.01 43.18
C SER A 5 -18.32 -0.98 42.48
N SER A 6 -17.39 -0.42 41.71
CA SER A 6 -16.43 -1.23 40.98
C SER A 6 -15.04 -0.59 41.07
N GLY A 7 -14.04 -1.36 40.66
CA GLY A 7 -12.68 -0.89 40.68
C GLY A 7 -11.70 -2.04 40.94
N ASN A 8 -10.73 -2.16 40.04
CA ASN A 8 -9.73 -3.21 40.16
C ASN A 8 -8.54 -2.89 39.26
N PRO A 9 -7.37 -3.47 39.62
CA PRO A 9 -6.15 -3.25 38.85
C PRO A 9 -6.18 -4.03 37.54
N HIS A 10 -5.52 -3.47 36.54
CA HIS A 10 -5.47 -4.09 35.23
C HIS A 10 -4.30 -5.10 35.19
N MET A 11 -4.21 -5.90 36.25
CA MET A 11 -3.16 -6.89 36.35
C MET A 11 -2.85 -7.50 34.98
N TRP A 12 -3.90 -7.83 34.26
CA TRP A 12 -3.76 -8.41 32.94
C TRP A 12 -5.00 -8.06 32.13
N TRP A 13 -5.09 -8.67 30.95
CA TRP A 13 -6.22 -8.43 30.07
C TRP A 13 -6.11 -7.00 29.52
N LEU A 14 -6.15 -6.90 28.21
CA LEU A 14 -6.06 -5.60 27.56
C LEU A 14 -4.88 -4.83 28.15
N GLN A 15 -3.74 -4.94 27.50
CA GLN A 15 -2.54 -4.26 27.94
C GLN A 15 -1.37 -4.56 27.00
N ASP A 16 -0.75 -3.49 26.52
CA ASP A 16 0.37 -3.62 25.61
C ASP A 16 0.73 -2.24 25.04
N ALA A 17 1.86 -2.20 24.36
CA ALA A 17 2.32 -0.95 23.75
C ALA A 17 2.70 -1.21 22.29
N ASP A 18 3.63 -2.13 22.11
CA ASP A 18 4.10 -2.48 20.78
C ASP A 18 4.74 -1.25 20.13
N PRO A 19 6.02 -1.41 19.71
CA PRO A 19 6.76 -0.33 19.08
C PRO A 19 6.28 -0.11 17.64
N GLU A 20 6.02 -1.23 16.96
CA GLU A 20 5.55 -1.17 15.59
C GLU A 20 6.66 -0.63 14.68
N ASN A 21 7.30 -1.56 13.98
CA ASN A 21 8.38 -1.20 13.07
C ASN A 21 8.78 -2.42 12.25
N ASN A 22 8.91 -2.20 10.94
CA ASN A 22 9.29 -3.28 10.04
C ASN A 22 9.42 -2.72 8.62
N SER A 23 10.00 -3.52 7.75
CA SER A 23 10.19 -3.13 6.37
C SER A 23 9.70 -4.23 5.43
N ARG A 24 9.03 -3.81 4.38
CA ARG A 24 8.50 -4.75 3.40
C ARG A 24 8.78 -4.25 1.97
N GLN A 25 9.33 -5.15 1.17
CA GLN A 25 9.65 -4.82 -0.21
C GLN A 25 8.61 -5.44 -1.16
N ALA A 26 7.73 -4.59 -1.65
CA ALA A 26 6.68 -5.03 -2.56
C ALA A 26 5.88 -6.14 -1.90
N SER A 27 5.02 -5.76 -0.98
CA SER A 27 4.18 -6.71 -0.27
C SER A 27 3.27 -5.98 0.71
N PRO A 28 2.13 -5.47 0.17
CA PRO A 28 1.17 -4.75 0.99
C PRO A 28 0.36 -5.72 1.86
N SER A 29 -0.22 -5.17 2.91
CA SER A 29 -1.02 -5.97 3.83
C SER A 29 -2.51 -5.84 3.46
N GLN A 30 -3.24 -6.90 3.73
CA GLN A 30 -4.66 -6.92 3.45
C GLN A 30 -5.31 -5.60 3.88
N GLU A 31 -5.05 -5.24 5.12
CA GLU A 31 -5.59 -4.00 5.66
C GLU A 31 -5.28 -2.83 4.74
N SER A 32 -3.99 -2.52 4.65
CA SER A 32 -3.53 -1.42 3.81
C SER A 32 -4.32 -1.40 2.50
N ILE A 33 -4.59 -2.61 2.00
CA ILE A 33 -5.33 -2.74 0.76
C ILE A 33 -6.82 -2.48 1.02
N ASN A 34 -7.31 -3.08 2.10
CA ASN A 34 -8.71 -2.93 2.48
C ASN A 34 -8.99 -1.45 2.75
N GLN A 35 -8.06 -0.83 3.46
CA GLN A 35 -8.19 0.58 3.80
C GLN A 35 -8.27 1.43 2.53
N LEU A 36 -7.60 0.95 1.49
CA LEU A 36 -7.58 1.66 0.22
C LEU A 36 -8.96 1.54 -0.44
N VAL A 37 -9.36 0.30 -0.69
CA VAL A 37 -10.64 0.03 -1.31
C VAL A 37 -11.69 0.99 -0.73
N TYR A 38 -11.67 1.10 0.59
CA TYR A 38 -12.61 1.96 1.28
C TYR A 38 -12.74 3.31 0.57
N MET A 39 -11.61 3.95 0.35
CA MET A 39 -11.59 5.24 -0.32
C MET A 39 -12.32 5.17 -1.66
N GLY A 40 -12.21 4.01 -2.30
CA GLY A 40 -12.85 3.80 -3.60
C GLY A 40 -11.83 3.43 -4.66
N PHE A 41 -11.10 2.35 -4.39
CA PHE A 41 -10.10 1.87 -5.33
C PHE A 41 -10.07 0.34 -5.36
N ASP A 42 -10.40 -0.20 -6.52
CA ASP A 42 -10.40 -1.64 -6.70
C ASP A 42 -9.19 -2.25 -5.99
N THR A 43 -9.47 -3.27 -5.19
CA THR A 43 -8.41 -3.94 -4.45
C THR A 43 -7.14 -4.05 -5.30
N VAL A 44 -7.32 -4.63 -6.48
CA VAL A 44 -6.19 -4.80 -7.40
C VAL A 44 -5.40 -3.49 -7.46
N VAL A 45 -6.12 -2.41 -7.71
CA VAL A 45 -5.50 -1.10 -7.81
C VAL A 45 -4.78 -0.79 -6.49
N ALA A 46 -5.43 -1.13 -5.40
CA ALA A 46 -4.87 -0.90 -4.08
C ALA A 46 -3.58 -1.68 -3.94
N GLU A 47 -3.69 -2.99 -4.14
CA GLU A 47 -2.54 -3.88 -4.03
C GLU A 47 -1.41 -3.39 -4.96
N ALA A 48 -1.76 -3.23 -6.22
CA ALA A 48 -0.80 -2.79 -7.21
C ALA A 48 -0.27 -1.41 -6.81
N ALA A 49 -1.19 -0.53 -6.45
CA ALA A 49 -0.83 0.82 -6.04
C ALA A 49 0.25 0.75 -4.96
N LEU A 50 -0.15 0.23 -3.81
CA LEU A 50 0.77 0.10 -2.69
C LEU A 50 2.14 -0.33 -3.22
N ARG A 51 2.17 -1.52 -3.80
CA ARG A 51 3.42 -2.06 -4.34
C ARG A 51 4.19 -0.95 -5.06
N VAL A 52 3.48 -0.21 -5.89
CA VAL A 52 4.09 0.88 -6.64
C VAL A 52 4.75 1.85 -5.67
N PHE A 53 3.93 2.52 -4.89
CA PHE A 53 4.42 3.47 -3.92
C PHE A 53 5.01 2.77 -2.69
N GLY A 54 6.14 2.10 -2.91
CA GLY A 54 6.81 1.39 -1.84
C GLY A 54 5.80 0.91 -0.79
N GLY A 55 4.80 0.19 -1.27
CA GLY A 55 3.76 -0.33 -0.39
C GLY A 55 3.39 0.69 0.69
N ASN A 56 2.97 1.86 0.21
CA ASN A 56 2.57 2.93 1.11
C ASN A 56 1.09 3.25 0.92
N VAL A 57 0.36 3.27 2.03
CA VAL A 57 -1.05 3.56 1.98
C VAL A 57 -1.27 5.03 1.62
N GLN A 58 -0.76 5.90 2.49
CA GLN A 58 -0.90 7.33 2.28
C GLN A 58 -0.48 7.69 0.84
N LEU A 59 0.77 7.37 0.52
CA LEU A 59 1.30 7.65 -0.79
C LEU A 59 0.28 7.23 -1.85
N ALA A 60 0.18 5.93 -2.05
CA ALA A 60 -0.74 5.39 -3.03
C ALA A 60 -2.05 6.17 -2.97
N ALA A 61 -2.70 6.12 -1.81
CA ALA A 61 -3.94 6.82 -1.62
C ALA A 61 -3.82 8.25 -2.16
N GLN A 62 -2.71 8.88 -1.80
CA GLN A 62 -2.46 10.24 -2.24
C GLN A 62 -2.65 10.36 -3.75
N THR A 63 -2.06 9.43 -4.47
CA THR A 63 -2.17 9.41 -5.92
C THR A 63 -3.55 8.93 -6.35
N LEU A 64 -4.01 7.88 -5.68
CA LEU A 64 -5.32 7.32 -5.97
C LEU A 64 -6.38 8.40 -5.84
N ALA A 65 -6.35 9.08 -4.70
CA ALA A 65 -7.31 10.14 -4.44
C ALA A 65 -7.47 11.00 -5.69
N HIS A 66 -6.33 11.39 -6.25
CA HIS A 66 -6.33 12.21 -7.45
C HIS A 66 -6.13 11.33 -8.68
N HIS A 67 -6.02 11.98 -9.83
CA HIS A 67 -5.83 11.27 -11.08
C HIS A 67 -7.08 10.48 -11.41
N GLY A 68 -8.22 11.09 -11.13
CA GLY A 68 -9.50 10.44 -11.40
C GLY A 68 -9.85 9.44 -10.31
N GLY A 69 -8.93 8.49 -10.11
CA GLY A 69 -9.13 7.46 -9.09
C GLY A 69 -8.29 6.22 -9.40
N SER A 70 -8.07 6.01 -10.69
CA SER A 70 -7.29 4.86 -11.14
C SER A 70 -5.80 5.16 -10.99
N LEU A 71 -4.99 4.13 -11.19
CA LEU A 71 -3.56 4.27 -11.09
C LEU A 71 -3.03 5.09 -12.28
N PRO A 72 -1.88 5.76 -12.04
CA PRO A 72 -1.27 6.58 -13.07
C PRO A 72 -0.58 5.71 -14.13
N PRO A 73 -1.08 5.83 -15.38
CA PRO A 73 -0.51 5.07 -16.49
C PRO A 73 0.84 5.64 -16.93
N ASP A 74 1.10 6.85 -16.48
CA ASP A 74 2.34 7.53 -16.82
C ASP A 74 2.96 8.12 -15.54
N LEU A 75 2.74 7.42 -14.44
CA LEU A 75 3.27 7.85 -13.17
C LEU A 75 4.67 8.45 -13.37
N GLN A 76 5.66 7.59 -13.30
CA GLN A 76 7.05 8.01 -13.48
C GLN A 76 7.63 7.38 -14.74
N PHE A 77 7.02 6.30 -15.17
CA PHE A 77 7.47 5.60 -16.36
C PHE A 77 6.80 6.16 -17.61
N SER A 78 7.63 6.66 -18.52
CA SER A 78 7.13 7.23 -19.76
C SER A 78 8.08 6.89 -20.91
N GLY A 79 7.90 5.70 -21.46
CA GLY A 79 8.73 5.24 -22.56
C GLY A 79 7.87 4.81 -23.75
N PRO A 80 7.49 3.51 -23.73
CA PRO A 80 6.67 2.95 -24.80
C PRO A 80 5.21 3.42 -24.68
N SER A 81 4.62 3.67 -25.83
CA SER A 81 3.24 4.13 -25.87
C SER A 81 2.31 2.95 -26.16
N SER A 82 1.82 2.34 -25.08
CA SER A 82 0.93 1.21 -25.20
C SER A 82 -0.52 1.64 -24.94
N GLY A 83 -0.73 2.19 -23.75
CA GLY A 83 -2.06 2.65 -23.38
C GLY A 83 -2.37 4.00 -24.02
N GLY A 1 -23.94 -26.40 9.70
CA GLY A 1 -22.92 -25.58 9.08
C GLY A 1 -21.54 -25.89 9.66
N SER A 2 -20.54 -25.88 8.78
CA SER A 2 -19.18 -26.16 9.19
C SER A 2 -18.22 -25.85 8.05
N SER A 3 -16.96 -25.63 8.41
CA SER A 3 -15.94 -25.33 7.42
C SER A 3 -14.55 -25.42 8.06
N GLY A 4 -13.83 -26.45 7.69
CA GLY A 4 -12.49 -26.67 8.23
C GLY A 4 -11.76 -27.78 7.47
N SER A 5 -10.72 -27.39 6.76
CA SER A 5 -9.94 -28.34 5.98
C SER A 5 -8.60 -28.61 6.68
N SER A 6 -7.88 -27.54 6.94
CA SER A 6 -6.59 -27.64 7.60
C SER A 6 -6.79 -27.79 9.12
N GLY A 7 -6.21 -28.86 9.65
CA GLY A 7 -6.31 -29.13 11.07
C GLY A 7 -5.16 -28.49 11.84
N ASN A 8 -4.74 -29.17 12.89
CA ASN A 8 -3.65 -28.68 13.72
C ASN A 8 -2.46 -28.30 12.82
N PRO A 9 -2.22 -26.97 12.72
CA PRO A 9 -1.13 -26.47 11.90
C PRO A 9 0.22 -26.70 12.59
N HIS A 10 0.17 -26.76 13.91
CA HIS A 10 1.38 -26.98 14.70
C HIS A 10 2.09 -25.64 14.91
N MET A 11 2.24 -24.90 13.82
CA MET A 11 2.91 -23.61 13.88
C MET A 11 4.31 -23.74 14.46
N TRP A 12 5.29 -23.68 13.57
CA TRP A 12 6.68 -23.80 13.98
C TRP A 12 7.42 -22.55 13.49
N TRP A 13 7.35 -21.50 14.30
CA TRP A 13 8.01 -20.26 13.96
C TRP A 13 7.70 -19.94 12.50
N LEU A 14 6.44 -19.68 12.23
CA LEU A 14 6.00 -19.36 10.88
C LEU A 14 5.13 -18.11 10.91
N GLN A 15 5.79 -16.97 11.02
CA GLN A 15 5.08 -15.70 11.07
C GLN A 15 3.81 -15.82 11.91
N ASP A 16 3.96 -15.49 13.18
CA ASP A 16 2.84 -15.57 14.11
C ASP A 16 3.00 -14.47 15.17
N ALA A 17 1.88 -13.84 15.49
CA ALA A 17 1.88 -12.78 16.48
C ALA A 17 2.82 -11.66 16.04
N ASP A 18 2.51 -11.09 14.89
CA ASP A 18 3.32 -10.01 14.35
C ASP A 18 2.88 -8.68 14.96
N PRO A 19 3.58 -7.59 14.54
CA PRO A 19 3.26 -6.26 15.03
C PRO A 19 1.98 -5.73 14.38
N GLU A 20 1.89 -5.93 13.08
CA GLU A 20 0.73 -5.47 12.33
C GLU A 20 0.68 -3.94 12.30
N ASN A 21 1.63 -3.35 11.60
CA ASN A 21 1.72 -1.91 11.48
C ASN A 21 3.02 -1.53 10.79
N ASN A 22 2.93 -1.35 9.48
CA ASN A 22 4.10 -0.99 8.68
C ASN A 22 3.76 -1.16 7.20
N SER A 23 3.26 -2.35 6.86
CA SER A 23 2.91 -2.65 5.50
C SER A 23 4.00 -2.15 4.54
N ARG A 24 5.20 -2.69 4.73
CA ARG A 24 6.33 -2.30 3.90
C ARG A 24 7.12 -3.55 3.46
N GLN A 25 7.74 -3.43 2.31
CA GLN A 25 8.52 -4.53 1.76
C GLN A 25 7.61 -5.72 1.45
N ALA A 26 7.70 -6.19 0.21
CA ALA A 26 6.89 -7.31 -0.22
C ALA A 26 5.43 -6.86 -0.38
N SER A 27 4.61 -7.79 -0.86
CA SER A 27 3.20 -7.51 -1.05
C SER A 27 2.66 -6.69 0.12
N PRO A 28 1.58 -5.92 -0.16
CA PRO A 28 0.96 -5.09 0.86
C PRO A 28 0.14 -5.95 1.83
N SER A 29 -0.26 -5.33 2.93
CA SER A 29 -1.05 -6.01 3.93
C SER A 29 -2.54 -5.92 3.59
N GLN A 30 -3.22 -7.04 3.76
CA GLN A 30 -4.65 -7.10 3.47
C GLN A 30 -5.34 -5.81 3.91
N GLU A 31 -4.96 -5.36 5.11
CA GLU A 31 -5.53 -4.13 5.65
C GLU A 31 -5.25 -2.95 4.73
N SER A 32 -3.97 -2.62 4.62
CA SER A 32 -3.55 -1.52 3.77
C SER A 32 -4.32 -1.54 2.45
N ILE A 33 -4.65 -2.76 2.02
CA ILE A 33 -5.38 -2.94 0.77
C ILE A 33 -6.87 -2.70 1.04
N ASN A 34 -7.35 -3.26 2.13
CA ASN A 34 -8.75 -3.12 2.50
C ASN A 34 -9.04 -1.65 2.80
N GLN A 35 -8.10 -1.02 3.48
CA GLN A 35 -8.24 0.39 3.84
C GLN A 35 -8.28 1.26 2.58
N LEU A 36 -7.65 0.75 1.53
CA LEU A 36 -7.61 1.47 0.27
C LEU A 36 -8.97 1.36 -0.41
N VAL A 37 -9.42 0.12 -0.60
CA VAL A 37 -10.70 -0.13 -1.24
C VAL A 37 -11.76 0.78 -0.60
N TYR A 38 -11.63 0.98 0.70
CA TYR A 38 -12.57 1.81 1.43
C TYR A 38 -12.66 3.21 0.81
N MET A 39 -11.50 3.72 0.43
CA MET A 39 -11.43 5.04 -0.17
C MET A 39 -12.12 5.06 -1.53
N GLY A 40 -12.08 3.92 -2.20
CA GLY A 40 -12.70 3.79 -3.50
C GLY A 40 -11.68 3.39 -4.57
N PHE A 41 -10.97 2.30 -4.28
CA PHE A 41 -9.96 1.81 -5.20
C PHE A 41 -9.98 0.27 -5.25
N ASP A 42 -10.25 -0.25 -6.44
CA ASP A 42 -10.30 -1.68 -6.64
C ASP A 42 -9.10 -2.33 -5.92
N THR A 43 -9.41 -3.35 -5.14
CA THR A 43 -8.38 -4.06 -4.39
C THR A 43 -7.10 -4.18 -5.23
N VAL A 44 -7.27 -4.71 -6.43
CA VAL A 44 -6.14 -4.89 -7.33
C VAL A 44 -5.35 -3.58 -7.41
N VAL A 45 -6.08 -2.50 -7.63
CA VAL A 45 -5.45 -1.19 -7.73
C VAL A 45 -4.73 -0.88 -6.42
N ALA A 46 -5.37 -1.26 -5.32
CA ALA A 46 -4.79 -1.02 -4.00
C ALA A 46 -3.50 -1.82 -3.87
N GLU A 47 -3.64 -3.14 -4.03
CA GLU A 47 -2.49 -4.03 -3.92
C GLU A 47 -1.36 -3.55 -4.83
N ALA A 48 -1.72 -3.32 -6.09
CA ALA A 48 -0.75 -2.86 -7.06
C ALA A 48 -0.22 -1.48 -6.65
N ALA A 49 -1.15 -0.59 -6.38
CA ALA A 49 -0.81 0.77 -5.98
C ALA A 49 0.28 0.70 -4.89
N LEU A 50 -0.08 0.06 -3.79
CA LEU A 50 0.85 -0.08 -2.68
C LEU A 50 2.22 -0.52 -3.21
N ARG A 51 2.25 -1.72 -3.75
CA ARG A 51 3.50 -2.26 -4.30
C ARG A 51 4.29 -1.16 -5.01
N VAL A 52 3.56 -0.33 -5.75
CA VAL A 52 4.17 0.76 -6.48
C VAL A 52 4.83 1.72 -5.48
N PHE A 53 3.99 2.50 -4.82
CA PHE A 53 4.47 3.46 -3.84
C PHE A 53 5.01 2.75 -2.60
N GLY A 54 6.09 2.02 -2.80
CA GLY A 54 6.73 1.30 -1.71
C GLY A 54 5.70 0.93 -0.64
N GLY A 55 4.56 0.44 -1.10
CA GLY A 55 3.49 0.06 -0.19
C GLY A 55 3.20 1.16 0.83
N ASN A 56 2.71 2.28 0.31
CA ASN A 56 2.40 3.41 1.16
C ASN A 56 0.93 3.81 0.94
N VAL A 57 0.07 3.30 1.82
CA VAL A 57 -1.34 3.60 1.73
C VAL A 57 -1.53 5.07 1.36
N GLN A 58 -0.71 5.90 1.97
CA GLN A 58 -0.78 7.33 1.71
C GLN A 58 -0.40 7.64 0.26
N LEU A 59 0.88 7.46 -0.03
CA LEU A 59 1.39 7.71 -1.38
C LEU A 59 0.39 7.18 -2.39
N ALA A 60 -0.05 5.94 -2.17
CA ALA A 60 -1.01 5.32 -3.06
C ALA A 60 -2.27 6.16 -3.13
N ALA A 61 -2.86 6.39 -1.96
CA ALA A 61 -4.08 7.18 -1.88
C ALA A 61 -3.84 8.55 -2.53
N GLN A 62 -2.85 9.26 -2.00
CA GLN A 62 -2.51 10.57 -2.52
C GLN A 62 -2.63 10.58 -4.04
N THR A 63 -2.15 9.51 -4.67
CA THR A 63 -2.20 9.38 -6.11
C THR A 63 -3.64 9.15 -6.57
N LEU A 64 -4.20 8.03 -6.13
CA LEU A 64 -5.57 7.69 -6.49
C LEU A 64 -6.48 8.89 -6.25
N ALA A 65 -6.46 9.35 -5.00
CA ALA A 65 -7.28 10.49 -4.62
C ALA A 65 -7.07 11.63 -5.62
N HIS A 66 -5.86 12.16 -5.60
CA HIS A 66 -5.50 13.25 -6.50
C HIS A 66 -6.09 12.98 -7.89
N HIS A 67 -5.72 11.84 -8.44
CA HIS A 67 -6.20 11.45 -9.76
C HIS A 67 -7.53 10.73 -9.63
N GLY A 68 -8.43 11.34 -8.86
CA GLY A 68 -9.74 10.77 -8.64
C GLY A 68 -9.65 9.43 -7.90
N GLY A 69 -9.24 8.40 -8.65
CA GLY A 69 -9.11 7.07 -8.08
C GLY A 69 -8.64 6.08 -9.15
N SER A 70 -7.76 6.56 -10.01
CA SER A 70 -7.22 5.71 -11.08
C SER A 70 -5.69 5.80 -11.09
N LEU A 71 -5.07 4.63 -11.17
CA LEU A 71 -3.62 4.57 -11.19
C LEU A 71 -3.08 5.57 -12.21
N PRO A 72 -1.78 5.92 -12.04
CA PRO A 72 -1.13 6.87 -12.94
C PRO A 72 -0.81 6.21 -14.29
N PRO A 73 -1.06 7.00 -15.37
CA PRO A 73 -0.80 6.51 -16.71
C PRO A 73 0.70 6.48 -17.01
N ASP A 74 1.43 7.29 -16.26
CA ASP A 74 2.87 7.37 -16.43
C ASP A 74 3.50 6.01 -16.12
N LEU A 75 3.67 5.75 -14.82
CA LEU A 75 4.25 4.50 -14.39
C LEU A 75 3.37 3.34 -14.86
N GLN A 76 2.08 3.50 -14.66
CA GLN A 76 1.13 2.47 -15.07
C GLN A 76 0.50 2.83 -16.42
N PHE A 77 1.17 2.40 -17.48
CA PHE A 77 0.69 2.68 -18.82
C PHE A 77 -0.74 2.17 -19.01
N SER A 78 -0.95 0.93 -18.60
CA SER A 78 -2.27 0.32 -18.71
C SER A 78 -2.21 -1.12 -18.21
N GLY A 79 -3.38 -1.63 -17.84
CA GLY A 79 -3.48 -3.00 -17.36
C GLY A 79 -4.26 -3.88 -18.33
N PRO A 80 -4.98 -4.89 -17.76
CA PRO A 80 -5.76 -5.80 -18.56
C PRO A 80 -7.04 -5.13 -19.07
N SER A 81 -7.53 -4.19 -18.27
CA SER A 81 -8.74 -3.46 -18.62
C SER A 81 -9.84 -4.45 -19.03
N SER A 82 -10.70 -4.76 -18.08
CA SER A 82 -11.79 -5.69 -18.33
C SER A 82 -13.06 -5.20 -17.62
N GLY A 83 -12.95 -5.05 -16.31
CA GLY A 83 -14.07 -4.61 -15.50
C GLY A 83 -14.84 -5.80 -14.93
N GLY A 1 -43.38 -19.62 -14.60
CA GLY A 1 -42.91 -18.60 -13.68
C GLY A 1 -41.89 -19.18 -12.69
N SER A 2 -42.17 -18.98 -11.41
CA SER A 2 -41.28 -19.47 -10.37
C SER A 2 -39.93 -18.75 -10.44
N SER A 3 -39.46 -18.34 -9.27
CA SER A 3 -38.19 -17.64 -9.19
C SER A 3 -37.91 -17.24 -7.74
N GLY A 4 -36.63 -16.99 -7.47
CA GLY A 4 -36.21 -16.61 -6.12
C GLY A 4 -34.87 -17.23 -5.77
N SER A 5 -33.97 -16.39 -5.29
CA SER A 5 -32.64 -16.84 -4.91
C SER A 5 -31.78 -15.65 -4.48
N SER A 6 -31.09 -15.83 -3.36
CA SER A 6 -30.23 -14.78 -2.83
C SER A 6 -29.52 -15.28 -1.57
N GLY A 7 -28.32 -14.76 -1.37
CA GLY A 7 -27.52 -15.14 -0.22
C GLY A 7 -26.03 -15.00 -0.51
N ASN A 8 -25.25 -15.91 0.05
CA ASN A 8 -23.80 -15.90 -0.14
C ASN A 8 -23.23 -14.63 0.49
N PRO A 9 -22.79 -14.75 1.77
CA PRO A 9 -22.23 -13.62 2.47
C PRO A 9 -20.81 -13.32 1.99
N HIS A 10 -20.54 -12.04 1.80
CA HIS A 10 -19.23 -11.61 1.35
C HIS A 10 -18.14 -12.25 2.22
N MET A 11 -18.40 -12.25 3.52
CA MET A 11 -17.45 -12.83 4.45
C MET A 11 -16.10 -12.11 4.40
N TRP A 12 -15.43 -12.06 5.53
CA TRP A 12 -14.14 -11.42 5.62
C TRP A 12 -13.27 -12.21 6.61
N TRP A 13 -12.11 -11.63 6.93
CA TRP A 13 -11.20 -12.27 7.86
C TRP A 13 -11.04 -11.35 9.07
N LEU A 14 -12.09 -11.28 9.86
CA LEU A 14 -12.08 -10.44 11.05
C LEU A 14 -11.13 -9.26 10.84
N GLN A 15 -9.89 -9.46 11.25
CA GLN A 15 -8.88 -8.43 11.12
C GLN A 15 -7.73 -8.68 12.11
N ASP A 16 -6.52 -8.61 11.58
CA ASP A 16 -5.34 -8.82 12.40
C ASP A 16 -4.11 -8.91 11.50
N ALA A 17 -3.48 -7.77 11.28
CA ALA A 17 -2.29 -7.71 10.44
C ALA A 17 -1.20 -6.93 11.17
N ASP A 18 -0.58 -7.59 12.14
CA ASP A 18 0.48 -6.98 12.91
C ASP A 18 -0.06 -5.72 13.60
N PRO A 19 0.64 -5.32 14.69
CA PRO A 19 0.24 -4.14 15.45
C PRO A 19 0.60 -2.86 14.69
N GLU A 20 1.77 -2.88 14.07
CA GLU A 20 2.24 -1.73 13.32
C GLU A 20 3.17 -2.18 12.19
N ASN A 21 4.26 -2.83 12.59
CA ASN A 21 5.23 -3.32 11.63
C ASN A 21 6.21 -4.26 12.33
N ASN A 22 6.80 -5.15 11.55
CA ASN A 22 7.75 -6.10 12.08
C ASN A 22 8.95 -6.22 11.12
N SER A 23 8.63 -6.54 9.88
CA SER A 23 9.66 -6.68 8.85
C SER A 23 9.46 -5.64 7.77
N ARG A 24 10.50 -5.47 6.96
CA ARG A 24 10.46 -4.50 5.87
C ARG A 24 10.35 -5.22 4.53
N GLN A 25 9.34 -6.06 4.42
CA GLN A 25 9.11 -6.81 3.19
C GLN A 25 8.46 -5.93 2.13
N ALA A 26 8.59 -6.35 0.89
CA ALA A 26 8.02 -5.60 -0.23
C ALA A 26 6.69 -6.23 -0.62
N SER A 27 5.71 -6.06 0.26
CA SER A 27 4.39 -6.60 0.02
C SER A 27 3.38 -5.93 0.95
N PRO A 28 2.24 -5.49 0.34
CA PRO A 28 1.19 -4.83 1.11
C PRO A 28 0.39 -5.85 1.93
N SER A 29 -0.30 -5.34 2.94
CA SER A 29 -1.11 -6.19 3.79
C SER A 29 -2.59 -6.00 3.48
N GLN A 30 -3.35 -7.06 3.72
CA GLN A 30 -4.78 -7.02 3.47
C GLN A 30 -5.36 -5.66 3.89
N GLU A 31 -5.08 -5.30 5.14
CA GLU A 31 -5.57 -4.05 5.68
C GLU A 31 -5.19 -2.89 4.75
N SER A 32 -3.89 -2.65 4.66
CA SER A 32 -3.39 -1.58 3.81
C SER A 32 -4.19 -1.52 2.51
N ILE A 33 -4.60 -2.69 2.05
CA ILE A 33 -5.37 -2.79 0.82
C ILE A 33 -6.84 -2.47 1.12
N ASN A 34 -7.34 -3.08 2.19
CA ASN A 34 -8.73 -2.87 2.59
C ASN A 34 -8.94 -1.38 2.89
N GLN A 35 -7.94 -0.79 3.52
CA GLN A 35 -8.02 0.62 3.87
C GLN A 35 -8.04 1.48 2.60
N LEU A 36 -7.56 0.88 1.52
CA LEU A 36 -7.52 1.58 0.24
C LEU A 36 -8.89 1.49 -0.43
N VAL A 37 -9.31 0.26 -0.69
CA VAL A 37 -10.59 0.02 -1.33
C VAL A 37 -11.63 0.98 -0.75
N TYR A 38 -11.46 1.28 0.54
CA TYR A 38 -12.37 2.18 1.22
C TYR A 38 -12.61 3.45 0.40
N MET A 39 -11.52 4.16 0.13
CA MET A 39 -11.60 5.38 -0.63
C MET A 39 -12.35 5.16 -1.95
N GLY A 40 -12.27 3.94 -2.44
CA GLY A 40 -12.93 3.58 -3.68
C GLY A 40 -11.91 3.18 -4.75
N PHE A 41 -11.10 2.19 -4.40
CA PHE A 41 -10.09 1.71 -5.32
C PHE A 41 -10.04 0.18 -5.35
N ASP A 42 -10.38 -0.37 -6.50
CA ASP A 42 -10.39 -1.81 -6.67
C ASP A 42 -9.19 -2.42 -5.94
N THR A 43 -9.48 -3.43 -5.13
CA THR A 43 -8.44 -4.09 -4.36
C THR A 43 -7.16 -4.20 -5.19
N VAL A 44 -7.29 -4.83 -6.35
CA VAL A 44 -6.16 -5.00 -7.24
C VAL A 44 -5.37 -3.69 -7.33
N VAL A 45 -6.10 -2.62 -7.64
CA VAL A 45 -5.48 -1.31 -7.76
C VAL A 45 -4.79 -0.96 -6.44
N ALA A 46 -5.45 -1.31 -5.34
CA ALA A 46 -4.91 -1.04 -4.03
C ALA A 46 -3.60 -1.82 -3.84
N GLU A 47 -3.69 -3.12 -4.08
CA GLU A 47 -2.54 -3.99 -3.94
C GLU A 47 -1.41 -3.52 -4.87
N ALA A 48 -1.76 -3.33 -6.13
CA ALA A 48 -0.80 -2.89 -7.12
C ALA A 48 -0.29 -1.50 -6.73
N ALA A 49 -1.22 -0.61 -6.42
CA ALA A 49 -0.87 0.74 -6.04
C ALA A 49 0.23 0.70 -4.98
N LEU A 50 -0.10 0.09 -3.86
CA LEU A 50 0.85 -0.03 -2.76
C LEU A 50 2.21 -0.45 -3.31
N ARG A 51 2.26 -1.66 -3.83
CA ARG A 51 3.49 -2.19 -4.39
C ARG A 51 4.26 -1.08 -5.12
N VAL A 52 3.51 -0.30 -5.88
CA VAL A 52 4.10 0.80 -6.64
C VAL A 52 4.76 1.78 -5.67
N PHE A 53 3.92 2.55 -5.00
CA PHE A 53 4.39 3.54 -4.05
C PHE A 53 4.96 2.86 -2.80
N GLY A 54 6.08 2.17 -3.00
CA GLY A 54 6.74 1.47 -1.92
C GLY A 54 5.72 1.06 -0.84
N GLY A 55 4.62 0.50 -1.30
CA GLY A 55 3.58 0.05 -0.40
C GLY A 55 3.30 1.10 0.68
N ASN A 56 2.78 2.23 0.24
CA ASN A 56 2.47 3.32 1.15
C ASN A 56 1.00 3.71 1.00
N VAL A 57 0.18 3.14 1.88
CA VAL A 57 -1.25 3.41 1.85
C VAL A 57 -1.48 4.90 1.55
N GLN A 58 -0.66 5.73 2.20
CA GLN A 58 -0.76 7.16 2.02
C GLN A 58 -0.44 7.54 0.56
N LEU A 59 0.84 7.44 0.23
CA LEU A 59 1.29 7.75 -1.11
C LEU A 59 0.26 7.26 -2.13
N ALA A 60 0.04 5.95 -2.11
CA ALA A 60 -0.92 5.34 -3.02
C ALA A 60 -2.24 6.10 -2.95
N ALA A 61 -2.86 6.04 -1.78
CA ALA A 61 -4.12 6.72 -1.57
C ALA A 61 -4.04 8.14 -2.14
N GLN A 62 -3.07 8.88 -1.64
CA GLN A 62 -2.87 10.25 -2.09
C GLN A 62 -2.93 10.33 -3.61
N THR A 63 -2.17 9.46 -4.26
CA THR A 63 -2.14 9.41 -5.71
C THR A 63 -3.56 9.17 -6.27
N LEU A 64 -4.07 7.99 -5.97
CA LEU A 64 -5.40 7.62 -6.44
C LEU A 64 -6.33 8.82 -6.29
N ALA A 65 -6.53 9.23 -5.05
CA ALA A 65 -7.39 10.37 -4.76
C ALA A 65 -7.03 11.53 -5.70
N HIS A 66 -5.75 11.85 -5.72
CA HIS A 66 -5.27 12.94 -6.56
C HIS A 66 -6.01 12.90 -7.91
N HIS A 67 -5.61 11.95 -8.73
CA HIS A 67 -6.22 11.80 -10.05
C HIS A 67 -7.64 11.26 -9.89
N GLY A 68 -8.45 12.02 -9.16
CA GLY A 68 -9.84 11.63 -8.93
C GLY A 68 -9.91 10.38 -8.05
N GLY A 69 -9.31 9.31 -8.54
CA GLY A 69 -9.31 8.05 -7.82
C GLY A 69 -8.82 6.90 -8.70
N SER A 70 -7.80 7.20 -9.49
CA SER A 70 -7.23 6.21 -10.39
C SER A 70 -5.70 6.25 -10.32
N LEU A 71 -5.09 5.15 -10.75
CA LEU A 71 -3.64 5.06 -10.73
C LEU A 71 -3.05 6.04 -11.75
N PRO A 72 -1.75 6.35 -11.57
CA PRO A 72 -1.07 7.28 -12.46
C PRO A 72 -0.74 6.61 -13.79
N PRO A 73 -1.14 7.29 -14.89
CA PRO A 73 -0.89 6.76 -16.23
C PRO A 73 0.58 6.92 -16.62
N ASP A 74 1.28 7.75 -15.85
CA ASP A 74 2.69 7.98 -16.10
C ASP A 74 3.49 6.73 -15.76
N LEU A 75 3.44 6.35 -14.50
CA LEU A 75 4.16 5.17 -14.03
C LEU A 75 3.44 3.92 -14.54
N GLN A 76 2.11 3.94 -14.42
CA GLN A 76 1.30 2.82 -14.86
C GLN A 76 0.72 3.10 -16.25
N PHE A 77 1.45 2.67 -17.26
CA PHE A 77 1.02 2.87 -18.64
C PHE A 77 -0.49 2.64 -18.77
N SER A 78 -1.19 3.69 -19.16
CA SER A 78 -2.63 3.61 -19.33
C SER A 78 -3.09 4.69 -20.31
N GLY A 79 -4.30 4.48 -20.84
CA GLY A 79 -4.87 5.41 -21.79
C GLY A 79 -6.40 5.39 -21.74
N PRO A 80 -7.02 5.58 -22.93
CA PRO A 80 -8.47 5.58 -23.03
C PRO A 80 -9.03 4.16 -22.92
N SER A 81 -8.73 3.53 -21.80
CA SER A 81 -9.20 2.17 -21.57
C SER A 81 -10.36 2.18 -20.57
N SER A 82 -11.54 2.49 -21.09
CA SER A 82 -12.72 2.54 -20.26
C SER A 82 -13.53 1.24 -20.41
N GLY A 83 -14.27 0.92 -19.36
CA GLY A 83 -15.07 -0.29 -19.36
C GLY A 83 -15.90 -0.39 -18.07
N GLY A 1 -19.89 -13.05 8.77
CA GLY A 1 -18.68 -13.76 8.39
C GLY A 1 -18.66 -15.17 8.98
N SER A 2 -18.24 -15.26 10.23
CA SER A 2 -18.17 -16.54 10.93
C SER A 2 -18.71 -16.38 12.35
N SER A 3 -19.98 -16.69 12.51
CA SER A 3 -20.61 -16.60 13.82
C SER A 3 -20.50 -15.17 14.36
N GLY A 4 -21.46 -14.34 13.97
CA GLY A 4 -21.48 -12.96 14.41
C GLY A 4 -20.54 -12.11 13.56
N SER A 5 -20.04 -11.03 14.16
CA SER A 5 -19.14 -10.14 13.48
C SER A 5 -17.92 -9.84 14.35
N SER A 6 -16.79 -10.37 13.94
CA SER A 6 -15.56 -10.17 14.68
C SER A 6 -15.74 -10.61 16.13
N GLY A 7 -15.35 -11.85 16.39
CA GLY A 7 -15.47 -12.41 17.73
C GLY A 7 -14.12 -12.97 18.21
N ASN A 8 -13.20 -12.06 18.48
CA ASN A 8 -11.88 -12.45 18.94
C ASN A 8 -11.04 -11.19 19.20
N PRO A 9 -10.52 -11.11 20.45
CA PRO A 9 -9.70 -9.96 20.84
C PRO A 9 -8.30 -10.06 20.22
N HIS A 10 -7.84 -8.93 19.71
CA HIS A 10 -6.53 -8.87 19.10
C HIS A 10 -5.49 -9.45 20.05
N MET A 11 -5.66 -9.14 21.33
CA MET A 11 -4.75 -9.62 22.34
C MET A 11 -3.31 -9.22 22.02
N TRP A 12 -2.45 -9.34 23.03
CA TRP A 12 -1.05 -9.00 22.87
C TRP A 12 -0.26 -10.29 22.65
N TRP A 13 -0.28 -11.14 23.67
CA TRP A 13 0.42 -12.41 23.60
C TRP A 13 1.92 -12.12 23.62
N LEU A 14 2.62 -12.88 24.45
CA LEU A 14 4.06 -12.72 24.57
C LEU A 14 4.38 -11.32 25.09
N GLN A 15 5.31 -11.26 26.02
CA GLN A 15 5.70 -9.99 26.60
C GLN A 15 6.33 -9.08 25.54
N ASP A 16 6.19 -7.78 25.76
CA ASP A 16 6.73 -6.81 24.83
C ASP A 16 8.26 -6.82 24.91
N ALA A 17 8.86 -7.63 24.05
CA ALA A 17 10.31 -7.76 24.01
C ALA A 17 10.72 -8.49 22.73
N ASP A 18 10.44 -7.85 21.61
CA ASP A 18 10.77 -8.43 20.32
C ASP A 18 10.42 -7.43 19.22
N PRO A 19 11.40 -7.23 18.28
CA PRO A 19 11.21 -6.32 17.18
C PRO A 19 10.27 -6.92 16.12
N GLU A 20 10.50 -8.19 15.84
CA GLU A 20 9.68 -8.88 14.85
C GLU A 20 9.95 -8.33 13.45
N ASN A 21 9.47 -7.11 13.24
CA ASN A 21 9.65 -6.45 11.95
C ASN A 21 11.00 -5.74 11.94
N ASN A 22 11.96 -6.38 11.30
CA ASN A 22 13.30 -5.81 11.22
C ASN A 22 13.70 -5.70 9.73
N SER A 23 13.41 -4.53 9.17
CA SER A 23 13.73 -4.27 7.78
C SER A 23 13.41 -5.50 6.94
N ARG A 24 12.13 -5.62 6.60
CA ARG A 24 11.68 -6.75 5.79
C ARG A 24 10.39 -6.39 5.05
N GLN A 25 10.42 -6.60 3.74
CA GLN A 25 9.27 -6.30 2.91
C GLN A 25 8.89 -7.52 2.06
N ALA A 26 7.59 -7.64 1.81
CA ALA A 26 7.10 -8.75 1.02
C ALA A 26 5.60 -8.54 0.76
N SER A 27 5.31 -7.89 -0.37
CA SER A 27 3.93 -7.63 -0.75
C SER A 27 3.25 -6.78 0.34
N PRO A 28 2.16 -6.10 -0.08
CA PRO A 28 1.41 -5.26 0.83
C PRO A 28 0.55 -6.11 1.77
N SER A 29 -0.05 -5.43 2.75
CA SER A 29 -0.89 -6.11 3.72
C SER A 29 -2.36 -5.86 3.40
N GLN A 30 -3.17 -6.88 3.65
CA GLN A 30 -4.60 -6.79 3.39
C GLN A 30 -5.12 -5.41 3.80
N GLU A 31 -4.97 -5.12 5.08
CA GLU A 31 -5.43 -3.84 5.61
C GLU A 31 -5.11 -2.71 4.63
N SER A 32 -3.83 -2.45 4.46
CA SER A 32 -3.39 -1.41 3.56
C SER A 32 -4.25 -1.41 2.29
N ILE A 33 -4.58 -2.61 1.84
CA ILE A 33 -5.40 -2.76 0.65
C ILE A 33 -6.85 -2.45 1.00
N ASN A 34 -7.30 -3.03 2.10
CA ASN A 34 -8.67 -2.82 2.55
C ASN A 34 -8.91 -1.34 2.79
N GLN A 35 -7.92 -0.70 3.40
CA GLN A 35 -8.00 0.72 3.69
C GLN A 35 -8.11 1.53 2.40
N LEU A 36 -7.40 1.04 1.39
CA LEU A 36 -7.40 1.71 0.09
C LEU A 36 -8.77 1.54 -0.56
N VAL A 37 -9.17 0.28 -0.71
CA VAL A 37 -10.45 -0.04 -1.31
C VAL A 37 -11.53 0.87 -0.72
N TYR A 38 -11.50 1.00 0.59
CA TYR A 38 -12.46 1.84 1.29
C TYR A 38 -12.61 3.19 0.60
N MET A 39 -11.47 3.85 0.41
CA MET A 39 -11.46 5.15 -0.24
C MET A 39 -12.20 5.11 -1.58
N GLY A 40 -12.08 3.97 -2.24
CA GLY A 40 -12.74 3.78 -3.53
C GLY A 40 -11.72 3.43 -4.62
N PHE A 41 -11.02 2.33 -4.39
CA PHE A 41 -10.01 1.87 -5.34
C PHE A 41 -10.01 0.34 -5.43
N ASP A 42 -10.25 -0.15 -6.64
CA ASP A 42 -10.28 -1.58 -6.87
C ASP A 42 -9.11 -2.23 -6.13
N THR A 43 -9.44 -3.24 -5.34
CA THR A 43 -8.42 -3.95 -4.57
C THR A 43 -7.13 -4.08 -5.37
N VAL A 44 -7.26 -4.66 -6.56
CA VAL A 44 -6.12 -4.85 -7.44
C VAL A 44 -5.30 -3.56 -7.47
N VAL A 45 -5.99 -2.47 -7.75
CA VAL A 45 -5.34 -1.16 -7.82
C VAL A 45 -4.67 -0.85 -6.48
N ALA A 46 -5.39 -1.19 -5.42
CA ALA A 46 -4.87 -0.95 -4.07
C ALA A 46 -3.60 -1.77 -3.87
N GLU A 47 -3.70 -3.06 -4.16
CA GLU A 47 -2.57 -3.95 -4.01
C GLU A 47 -1.43 -3.52 -4.95
N ALA A 48 -1.80 -3.29 -6.19
CA ALA A 48 -0.82 -2.87 -7.19
C ALA A 48 -0.22 -1.52 -6.78
N ALA A 49 -1.09 -0.63 -6.33
CA ALA A 49 -0.66 0.69 -5.90
C ALA A 49 0.39 0.55 -4.81
N LEU A 50 -0.01 -0.07 -3.72
CA LEU A 50 0.89 -0.28 -2.59
C LEU A 50 2.24 -0.78 -3.11
N ARG A 51 2.17 -1.63 -4.13
CA ARG A 51 3.37 -2.18 -4.72
C ARG A 51 4.09 -1.12 -5.55
N VAL A 52 3.31 -0.25 -6.16
CA VAL A 52 3.86 0.82 -6.98
C VAL A 52 4.78 1.68 -6.13
N PHE A 53 4.21 2.25 -5.08
CA PHE A 53 4.96 3.10 -4.18
C PHE A 53 5.82 2.27 -3.22
N GLY A 54 5.15 1.51 -2.38
CA GLY A 54 5.82 0.66 -1.42
C GLY A 54 5.02 0.55 -0.11
N GLY A 55 3.85 -0.06 -0.23
CA GLY A 55 2.99 -0.23 0.93
C GLY A 55 2.72 1.10 1.62
N ASN A 56 2.94 2.18 0.87
CA ASN A 56 2.73 3.52 1.39
C ASN A 56 1.27 3.93 1.15
N VAL A 57 0.40 3.46 2.03
CA VAL A 57 -1.01 3.78 1.93
C VAL A 57 -1.17 5.23 1.47
N GLN A 58 -0.66 6.14 2.29
CA GLN A 58 -0.75 7.56 1.98
C GLN A 58 -0.37 7.81 0.52
N LEU A 59 0.91 7.55 0.23
CA LEU A 59 1.40 7.75 -1.13
C LEU A 59 0.33 7.34 -2.13
N ALA A 60 -0.09 6.08 -2.01
CA ALA A 60 -1.11 5.54 -2.90
C ALA A 60 -2.35 6.42 -2.83
N ALA A 61 -2.94 6.48 -1.64
CA ALA A 61 -4.13 7.27 -1.42
C ALA A 61 -3.95 8.64 -2.09
N GLN A 62 -2.86 9.30 -1.76
CA GLN A 62 -2.56 10.60 -2.32
C GLN A 62 -2.77 10.58 -3.83
N THR A 63 -2.38 9.49 -4.45
CA THR A 63 -2.51 9.32 -5.89
C THR A 63 -3.92 8.83 -6.24
N LEU A 64 -4.24 7.65 -5.73
CA LEU A 64 -5.54 7.06 -5.98
C LEU A 64 -6.63 8.11 -5.74
N ALA A 65 -6.31 9.07 -4.88
CA ALA A 65 -7.23 10.14 -4.56
C ALA A 65 -7.36 11.09 -5.75
N HIS A 66 -6.30 11.85 -5.96
CA HIS A 66 -6.27 12.80 -7.07
C HIS A 66 -6.84 12.14 -8.33
N HIS A 67 -6.25 11.00 -8.68
CA HIS A 67 -6.70 10.27 -9.85
C HIS A 67 -8.13 9.77 -9.64
N GLY A 68 -8.30 8.96 -8.61
CA GLY A 68 -9.59 8.41 -8.29
C GLY A 68 -9.74 6.99 -8.85
N GLY A 69 -8.85 6.13 -8.42
CA GLY A 69 -8.86 4.74 -8.87
C GLY A 69 -8.53 4.64 -10.36
N SER A 70 -7.34 4.15 -10.64
CA SER A 70 -6.89 4.00 -12.01
C SER A 70 -5.36 4.00 -12.06
N LEU A 71 -4.77 4.58 -11.03
CA LEU A 71 -3.31 4.66 -10.95
C LEU A 71 -2.78 5.44 -12.14
N PRO A 72 -1.54 5.97 -11.97
CA PRO A 72 -0.91 6.75 -13.02
C PRO A 72 -0.39 5.84 -14.14
N PRO A 73 -0.25 6.44 -15.36
CA PRO A 73 0.23 5.69 -16.50
C PRO A 73 1.73 5.45 -16.40
N ASP A 74 2.37 6.21 -15.53
CA ASP A 74 3.81 6.09 -15.33
C ASP A 74 4.24 6.97 -14.15
N LEU A 75 4.76 6.31 -13.13
CA LEU A 75 5.21 7.00 -11.94
C LEU A 75 6.51 6.38 -11.45
N GLN A 76 6.51 5.06 -11.38
CA GLN A 76 7.68 4.33 -10.93
C GLN A 76 7.82 3.02 -11.72
N PHE A 77 8.96 2.38 -11.51
CA PHE A 77 9.24 1.12 -12.19
C PHE A 77 7.98 0.26 -12.29
N SER A 78 7.33 0.35 -13.44
CA SER A 78 6.12 -0.41 -13.68
C SER A 78 6.36 -1.89 -13.36
N GLY A 79 5.26 -2.64 -13.36
CA GLY A 79 5.35 -4.06 -13.08
C GLY A 79 3.99 -4.74 -13.30
N PRO A 80 3.55 -4.75 -14.59
CA PRO A 80 2.28 -5.36 -14.95
C PRO A 80 2.39 -6.89 -14.93
N SER A 81 1.27 -7.52 -15.27
CA SER A 81 1.23 -8.98 -15.30
C SER A 81 0.23 -9.44 -16.36
N SER A 82 0.74 -10.19 -17.33
CA SER A 82 -0.09 -10.71 -18.40
C SER A 82 -1.37 -11.32 -17.82
N GLY A 83 -2.45 -11.12 -18.54
CA GLY A 83 -3.74 -11.64 -18.12
C GLY A 83 -4.73 -11.69 -19.30
N GLY A 1 18.68 -20.14 -25.48
CA GLY A 1 17.60 -19.54 -24.71
C GLY A 1 16.24 -19.79 -25.36
N SER A 2 15.50 -18.70 -25.55
CA SER A 2 14.18 -18.79 -26.16
C SER A 2 13.24 -19.60 -25.26
N SER A 3 12.09 -19.00 -24.97
CA SER A 3 11.11 -19.64 -24.12
C SER A 3 9.70 -19.34 -24.66
N GLY A 4 8.82 -20.33 -24.47
CA GLY A 4 7.45 -20.17 -24.93
C GLY A 4 6.47 -20.75 -23.89
N SER A 5 5.84 -19.85 -23.16
CA SER A 5 4.89 -20.25 -22.14
C SER A 5 4.21 -19.01 -21.55
N SER A 6 2.89 -19.09 -21.44
CA SER A 6 2.11 -17.99 -20.89
C SER A 6 1.31 -18.48 -19.68
N GLY A 7 1.16 -17.58 -18.71
CA GLY A 7 0.42 -17.90 -17.50
C GLY A 7 1.31 -17.76 -16.27
N ASN A 8 0.65 -17.64 -15.12
CA ASN A 8 1.37 -17.50 -13.86
C ASN A 8 1.52 -18.88 -13.22
N PRO A 9 2.79 -19.36 -13.17
CA PRO A 9 3.09 -20.65 -12.59
C PRO A 9 3.02 -20.59 -11.05
N HIS A 10 3.26 -19.39 -10.53
CA HIS A 10 3.22 -19.18 -9.10
C HIS A 10 4.01 -20.30 -8.40
N MET A 11 5.19 -20.57 -8.93
CA MET A 11 6.04 -21.60 -8.38
C MET A 11 5.97 -21.61 -6.85
N TRP A 12 6.23 -22.79 -6.28
CA TRP A 12 6.20 -22.94 -4.83
C TRP A 12 7.61 -22.68 -4.30
N TRP A 13 7.97 -21.40 -4.27
CA TRP A 13 9.27 -21.00 -3.78
C TRP A 13 9.24 -21.03 -2.25
N LEU A 14 8.22 -20.38 -1.70
CA LEU A 14 8.06 -20.32 -0.25
C LEU A 14 6.58 -20.49 0.10
N GLN A 15 6.27 -20.19 1.34
CA GLN A 15 4.89 -20.29 1.82
C GLN A 15 4.25 -18.90 1.87
N ASP A 16 3.55 -18.57 0.79
CA ASP A 16 2.88 -17.29 0.71
C ASP A 16 3.78 -16.20 1.30
N ALA A 17 4.86 -15.91 0.58
CA ALA A 17 5.81 -14.91 1.02
C ALA A 17 6.15 -15.14 2.49
N ASP A 18 7.24 -15.88 2.70
CA ASP A 18 7.70 -16.19 4.04
C ASP A 18 7.55 -14.95 4.92
N PRO A 19 6.46 -14.95 5.74
CA PRO A 19 6.19 -13.83 6.63
C PRO A 19 7.14 -13.85 7.83
N GLU A 20 7.43 -15.07 8.30
CA GLU A 20 8.31 -15.24 9.45
C GLU A 20 9.52 -14.31 9.32
N ASN A 21 10.16 -14.38 8.16
CA ASN A 21 11.33 -13.56 7.89
C ASN A 21 11.01 -12.57 6.76
N ASN A 22 10.65 -11.36 7.16
CA ASN A 22 10.31 -10.32 6.19
C ASN A 22 11.39 -10.29 5.11
N SER A 23 11.00 -9.79 3.95
CA SER A 23 11.91 -9.69 2.82
C SER A 23 11.81 -8.31 2.18
N ARG A 24 12.70 -8.05 1.24
CA ARG A 24 12.72 -6.77 0.55
C ARG A 24 11.30 -6.39 0.10
N GLN A 25 10.80 -5.31 0.69
CA GLN A 25 9.47 -4.83 0.37
C GLN A 25 8.57 -6.01 -0.03
N ALA A 26 7.93 -6.58 0.97
CA ALA A 26 7.03 -7.71 0.74
C ALA A 26 5.67 -7.18 0.30
N SER A 27 4.83 -8.11 -0.15
CA SER A 27 3.50 -7.75 -0.61
C SER A 27 2.81 -6.85 0.42
N PRO A 28 1.79 -6.09 -0.07
CA PRO A 28 1.05 -5.19 0.80
C PRO A 28 0.09 -5.96 1.70
N SER A 29 -0.03 -5.50 2.93
CA SER A 29 -0.90 -6.13 3.90
C SER A 29 -2.36 -5.87 3.53
N GLN A 30 -3.18 -6.90 3.72
CA GLN A 30 -4.60 -6.79 3.42
C GLN A 30 -5.12 -5.42 3.81
N GLU A 31 -4.98 -5.10 5.09
CA GLU A 31 -5.44 -3.83 5.61
C GLU A 31 -5.10 -2.71 4.63
N SER A 32 -3.80 -2.50 4.45
CA SER A 32 -3.32 -1.47 3.54
C SER A 32 -4.18 -1.45 2.27
N ILE A 33 -4.67 -2.63 1.91
CA ILE A 33 -5.48 -2.77 0.72
C ILE A 33 -6.95 -2.50 1.08
N ASN A 34 -7.36 -3.06 2.22
CA ASN A 34 -8.73 -2.89 2.68
C ASN A 34 -8.99 -1.40 2.94
N GLN A 35 -7.96 -0.73 3.44
CA GLN A 35 -8.05 0.68 3.74
C GLN A 35 -8.15 1.49 2.45
N LEU A 36 -7.58 0.94 1.39
CA LEU A 36 -7.59 1.60 0.09
C LEU A 36 -8.97 1.41 -0.55
N VAL A 37 -9.33 0.15 -0.74
CA VAL A 37 -10.61 -0.18 -1.34
C VAL A 37 -11.69 0.74 -0.77
N TYR A 38 -11.58 0.98 0.53
CA TYR A 38 -12.54 1.84 1.21
C TYR A 38 -12.62 3.21 0.55
N MET A 39 -11.45 3.80 0.34
CA MET A 39 -11.37 5.11 -0.29
C MET A 39 -12.09 5.11 -1.64
N GLY A 40 -12.03 3.97 -2.31
CA GLY A 40 -12.66 3.83 -3.61
C GLY A 40 -11.65 3.44 -4.68
N PHE A 41 -10.99 2.30 -4.44
CA PHE A 41 -9.99 1.81 -5.36
C PHE A 41 -9.99 0.28 -5.40
N ASP A 42 -10.35 -0.25 -6.56
CA ASP A 42 -10.39 -1.69 -6.74
C ASP A 42 -9.19 -2.34 -6.04
N THR A 43 -9.49 -3.37 -5.26
CA THR A 43 -8.45 -4.07 -4.53
C THR A 43 -7.16 -4.15 -5.37
N VAL A 44 -7.30 -4.74 -6.54
CA VAL A 44 -6.17 -4.88 -7.44
C VAL A 44 -5.38 -3.58 -7.49
N VAL A 45 -6.12 -2.50 -7.75
CA VAL A 45 -5.50 -1.18 -7.82
C VAL A 45 -4.81 -0.87 -6.49
N ALA A 46 -5.49 -1.23 -5.41
CA ALA A 46 -4.96 -1.00 -4.08
C ALA A 46 -3.67 -1.80 -3.90
N GLU A 47 -3.79 -3.11 -4.08
CA GLU A 47 -2.65 -3.99 -3.94
C GLU A 47 -1.48 -3.48 -4.79
N ALA A 48 -1.77 -3.26 -6.06
CA ALA A 48 -0.75 -2.79 -6.99
C ALA A 48 -0.28 -1.40 -6.54
N ALA A 49 -1.25 -0.51 -6.37
CA ALA A 49 -0.93 0.85 -5.95
C ALA A 49 0.14 0.81 -4.85
N LEU A 50 -0.11 -0.02 -3.85
CA LEU A 50 0.81 -0.16 -2.75
C LEU A 50 2.15 -0.67 -3.27
N ARG A 51 2.10 -1.77 -3.99
CA ARG A 51 3.29 -2.36 -4.56
C ARG A 51 4.09 -1.32 -5.33
N VAL A 52 3.38 -0.27 -5.74
CA VAL A 52 4.02 0.81 -6.49
C VAL A 52 4.69 1.77 -5.52
N PHE A 53 3.87 2.55 -4.83
CA PHE A 53 4.37 3.51 -3.86
C PHE A 53 4.89 2.81 -2.61
N GLY A 54 5.98 2.08 -2.79
CA GLY A 54 6.58 1.36 -1.68
C GLY A 54 5.55 1.04 -0.60
N GLY A 55 4.51 0.33 -1.01
CA GLY A 55 3.45 -0.05 -0.09
C GLY A 55 3.19 1.07 0.92
N ASN A 56 2.91 2.26 0.39
CA ASN A 56 2.63 3.41 1.23
C ASN A 56 1.18 3.83 1.04
N VAL A 57 0.32 3.29 1.91
CA VAL A 57 -1.10 3.60 1.84
C VAL A 57 -1.28 5.09 1.54
N GLN A 58 -0.54 5.91 2.28
CA GLN A 58 -0.59 7.34 2.10
C GLN A 58 -0.27 7.72 0.65
N LEU A 59 0.97 7.46 0.26
CA LEU A 59 1.41 7.76 -1.08
C LEU A 59 0.34 7.33 -2.08
N ALA A 60 -0.01 6.05 -2.02
CA ALA A 60 -1.02 5.51 -2.90
C ALA A 60 -2.28 6.38 -2.84
N ALA A 61 -2.87 6.41 -1.66
CA ALA A 61 -4.08 7.20 -1.46
C ALA A 61 -3.90 8.58 -2.10
N GLN A 62 -2.81 9.24 -1.72
CA GLN A 62 -2.51 10.56 -2.26
C GLN A 62 -2.69 10.56 -3.78
N THR A 63 -2.30 9.45 -4.39
CA THR A 63 -2.40 9.31 -5.84
C THR A 63 -3.80 8.84 -6.23
N LEU A 64 -4.14 7.65 -5.75
CA LEU A 64 -5.44 7.07 -6.04
C LEU A 64 -6.53 8.13 -5.84
N ALA A 65 -6.23 9.06 -4.95
CA ALA A 65 -7.17 10.13 -4.65
C ALA A 65 -7.12 11.17 -5.78
N HIS A 66 -5.93 11.70 -6.00
CA HIS A 66 -5.72 12.70 -7.04
C HIS A 66 -6.37 12.22 -8.34
N HIS A 67 -5.69 11.29 -8.99
CA HIS A 67 -6.18 10.74 -10.25
C HIS A 67 -7.67 10.42 -10.11
N GLY A 68 -7.98 9.57 -9.14
CA GLY A 68 -9.36 9.18 -8.91
C GLY A 68 -9.45 7.68 -8.63
N GLY A 69 -8.36 6.98 -8.91
CA GLY A 69 -8.31 5.54 -8.69
C GLY A 69 -8.06 4.81 -10.00
N SER A 70 -7.26 5.43 -10.86
CA SER A 70 -6.93 4.84 -12.15
C SER A 70 -5.42 4.62 -12.25
N LEU A 71 -4.71 5.05 -11.22
CA LEU A 71 -3.27 4.90 -11.19
C LEU A 71 -2.66 5.68 -12.36
N PRO A 72 -1.41 6.17 -12.13
CA PRO A 72 -0.70 6.93 -13.14
C PRO A 72 -0.18 6.01 -14.25
N PRO A 73 -0.67 6.27 -15.50
CA PRO A 73 -0.25 5.48 -16.64
C PRO A 73 1.17 5.84 -17.08
N ASP A 74 1.64 6.96 -16.57
CA ASP A 74 2.98 7.42 -16.89
C ASP A 74 3.71 7.82 -15.61
N LEU A 75 3.39 7.10 -14.54
CA LEU A 75 4.01 7.36 -13.25
C LEU A 75 5.48 7.74 -13.46
N GLN A 76 6.32 6.72 -13.47
CA GLN A 76 7.75 6.93 -13.67
C GLN A 76 8.17 6.44 -15.04
N PHE A 77 8.05 7.32 -16.02
CA PHE A 77 8.42 6.99 -17.39
C PHE A 77 8.15 8.15 -18.33
N SER A 78 9.11 8.43 -19.19
CA SER A 78 8.99 9.51 -20.15
C SER A 78 10.09 9.41 -21.20
N GLY A 79 9.70 8.97 -22.40
CA GLY A 79 10.65 8.82 -23.48
C GLY A 79 10.30 7.62 -24.35
N PRO A 80 10.76 6.42 -23.90
CA PRO A 80 10.50 5.19 -24.63
C PRO A 80 9.05 4.74 -24.45
N SER A 81 8.20 5.18 -25.36
CA SER A 81 6.80 4.84 -25.32
C SER A 81 6.09 5.37 -26.56
N SER A 82 5.45 4.46 -27.27
CA SER A 82 4.72 4.83 -28.48
C SER A 82 3.21 4.78 -28.23
N GLY A 83 2.75 3.60 -27.80
CA GLY A 83 1.34 3.42 -27.51
C GLY A 83 0.52 3.38 -28.81
#